data_5M2E
#
_entry.id   5M2E
#
_cell.length_a   88.884
_cell.length_b   95.554
_cell.length_c   104.015
_cell.angle_alpha   90.00
_cell.angle_beta   99.19
_cell.angle_gamma   90.00
#
_symmetry.space_group_name_H-M   'P 1 21 1'
#
loop_
_entity.id
_entity.type
_entity.pdbx_description
1 polymer 'Isocitrate dehydrogenase [NADP]'
2 water water
#
_entity_poly.entity_id   1
_entity_poly.type   'polypeptide(L)'
_entity_poly.pdbx_seq_one_letter_code
;MGYQKIQVPATGDKITVNADMSLSVPKNPIIPFIEGDGIGVDISPVMIKVVDAAVEKAYKGERKIAWMEVYAGEKATQVY
DQDTWLPQETLDAVRDYVVSIKGPLTTPVGGGIRSLNVALRQQLDLYVCQRPVRWFEGVPSPVKKPGDVDMVIFRENSED
IYAGVEWKAGSPEAEKVIKFLTEEMGVKKIRFTENCGIGIKPVSQEGTKRLVRKALQYAVDNDRSSVTLVHKGNIMKFTE
GAFKDWGYEVARDEFGAELLDGGPWMQFKNPKTGKNVVVKDVIADAMLQQILLRPAEYDVIATLNLNGDYLSDALAAEVG
GIGIAPGANLSDSVAMFEATHGTAPKYAGQDKVNPGSLILSAEMMLRHMGWTEAADLIIKGTNGAIAAKTVTYDFERLMD
GATLLSCSEFGDAMIAKM
;
_entity_poly.pdbx_strand_id   A,B,C,D
#
# COMPACT_ATOMS: atom_id res chain seq x y z
N MET A 1 48.21 -11.94 -26.43
CA MET A 1 48.00 -13.11 -27.33
C MET A 1 46.85 -13.99 -26.83
N GLY A 2 46.71 -15.17 -27.42
CA GLY A 2 45.59 -16.04 -27.14
C GLY A 2 44.51 -15.91 -28.17
N TYR A 3 44.91 -15.74 -29.44
CA TYR A 3 43.95 -15.45 -30.51
C TYR A 3 43.24 -16.71 -31.01
N GLN A 4 43.02 -17.70 -30.15
CA GLN A 4 42.53 -19.00 -30.62
C GLN A 4 41.03 -19.20 -30.43
N LYS A 5 40.36 -18.37 -29.62
CA LYS A 5 38.92 -18.49 -29.41
C LYS A 5 38.13 -17.27 -29.82
N ILE A 6 38.76 -16.11 -29.94
CA ILE A 6 38.09 -14.90 -30.38
C ILE A 6 38.09 -14.87 -31.91
N GLN A 7 36.90 -14.72 -32.49
CA GLN A 7 36.76 -14.60 -33.94
C GLN A 7 36.64 -13.11 -34.26
N VAL A 8 37.74 -12.51 -34.66
CA VAL A 8 37.79 -11.05 -34.85
C VAL A 8 36.94 -10.68 -36.07
N PRO A 9 36.01 -9.74 -35.96
CA PRO A 9 35.25 -9.31 -37.15
C PRO A 9 36.17 -8.89 -38.28
N ALA A 10 35.83 -9.30 -39.49
CA ALA A 10 36.64 -8.92 -40.65
C ALA A 10 36.40 -7.47 -41.04
N THR A 11 35.15 -7.03 -41.07
CA THR A 11 34.86 -5.63 -41.39
C THR A 11 35.00 -4.71 -40.20
N GLY A 12 35.61 -5.18 -39.11
CA GLY A 12 35.77 -4.38 -37.92
C GLY A 12 37.13 -3.69 -37.86
N ASP A 13 37.18 -2.61 -37.07
CA ASP A 13 38.43 -1.91 -36.80
C ASP A 13 38.48 -1.60 -35.30
N LYS A 14 39.64 -1.15 -34.85
CA LYS A 14 39.94 -0.99 -33.44
C LYS A 14 39.71 0.44 -32.97
N ILE A 15 39.18 0.58 -31.76
CA ILE A 15 39.17 1.86 -31.07
C ILE A 15 40.54 2.06 -30.44
N THR A 16 41.05 3.29 -30.51
CA THR A 16 42.44 3.56 -30.18
C THR A 16 42.54 4.68 -29.15
N VAL A 17 43.66 4.71 -28.44
CA VAL A 17 43.89 5.62 -27.33
C VAL A 17 45.07 6.51 -27.67
N ASN A 18 44.89 7.82 -27.54
CA ASN A 18 45.94 8.81 -27.75
C ASN A 18 46.13 9.65 -26.48
N ALA A 19 47.22 10.44 -26.46
CA ALA A 19 47.46 11.51 -25.49
C ALA A 19 46.16 12.11 -24.96
N ASP A 20 46.09 12.39 -23.65
CA ASP A 20 44.90 12.90 -22.97
C ASP A 20 43.83 11.83 -22.87
N MET A 21 44.13 10.61 -23.30
CA MET A 21 43.17 9.52 -23.31
C MET A 21 41.94 9.85 -24.15
N SER A 22 42.04 10.85 -25.02
CA SER A 22 40.99 11.06 -26.00
C SER A 22 40.85 9.82 -26.85
N LEU A 23 39.68 9.66 -27.48
CA LEU A 23 39.40 8.45 -28.25
C LEU A 23 39.09 8.79 -29.69
N SER A 24 39.86 8.20 -30.62
CA SER A 24 39.52 8.22 -32.02
C SER A 24 38.68 6.97 -32.28
N VAL A 25 37.41 7.16 -32.64
CA VAL A 25 36.48 6.05 -32.81
C VAL A 25 36.15 5.93 -34.29
N PRO A 26 36.51 4.83 -34.95
CA PRO A 26 36.10 4.66 -36.34
C PRO A 26 34.61 4.38 -36.42
N LYS A 27 34.07 4.56 -37.63
CA LYS A 27 32.64 4.33 -37.83
C LYS A 27 32.27 2.85 -37.82
N ASN A 28 33.25 1.95 -37.92
CA ASN A 28 33.01 0.50 -37.86
C ASN A 28 33.90 -0.08 -36.78
N PRO A 29 33.68 0.27 -35.52
CA PRO A 29 34.53 -0.23 -34.44
C PRO A 29 34.13 -1.64 -34.01
N ILE A 30 35.11 -2.34 -33.44
CA ILE A 30 34.89 -3.65 -32.85
C ILE A 30 34.65 -3.46 -31.36
N ILE A 31 33.51 -3.94 -30.89
CA ILE A 31 33.16 -3.86 -29.48
C ILE A 31 33.09 -5.28 -28.93
N PRO A 32 34.04 -5.71 -28.10
CA PRO A 32 33.88 -6.98 -27.39
C PRO A 32 32.68 -6.93 -26.45
N PHE A 33 31.94 -8.03 -26.40
CA PHE A 33 30.79 -8.12 -25.51
C PHE A 33 30.75 -9.49 -24.86
N ILE A 34 30.52 -9.52 -23.55
CA ILE A 34 30.37 -10.77 -22.81
C ILE A 34 28.88 -10.99 -22.60
N GLU A 35 28.41 -12.17 -23.02
CA GLU A 35 26.98 -12.47 -22.94
C GLU A 35 26.50 -12.53 -21.50
N GLY A 36 27.35 -12.96 -20.57
CA GLY A 36 26.96 -13.04 -19.18
C GLY A 36 26.20 -14.31 -18.88
N ASP A 37 26.25 -14.77 -17.64
CA ASP A 37 25.61 -16.01 -17.26
C ASP A 37 24.12 -15.78 -17.00
N GLY A 38 23.42 -16.86 -16.65
CA GLY A 38 22.01 -16.80 -16.33
C GLY A 38 21.18 -16.08 -17.39
N ILE A 39 20.57 -14.96 -16.99
CA ILE A 39 19.68 -14.21 -17.87
C ILE A 39 20.49 -13.38 -18.86
N GLY A 40 21.81 -13.57 -18.87
CA GLY A 40 22.62 -12.96 -19.90
C GLY A 40 22.19 -13.36 -21.29
N VAL A 41 21.69 -14.58 -21.45
CA VAL A 41 21.21 -15.05 -22.74
C VAL A 41 20.05 -14.17 -23.22
N ASP A 42 19.31 -13.57 -22.28
CA ASP A 42 18.11 -12.80 -22.64
C ASP A 42 18.44 -11.34 -22.97
N ILE A 43 19.21 -10.68 -22.10
CA ILE A 43 19.34 -9.23 -22.21
C ILE A 43 20.39 -8.84 -23.25
N SER A 44 21.45 -9.62 -23.40
CA SER A 44 22.52 -9.22 -24.31
C SER A 44 22.06 -9.21 -25.76
N PRO A 45 21.37 -10.24 -26.27
CA PRO A 45 20.85 -10.13 -27.64
C PRO A 45 19.91 -8.94 -27.83
N VAL A 46 19.01 -8.71 -26.86
CA VAL A 46 18.13 -7.55 -26.93
C VAL A 46 18.94 -6.27 -26.95
N MET A 47 19.98 -6.19 -26.12
CA MET A 47 20.83 -5.00 -26.11
C MET A 47 21.44 -4.76 -27.49
N ILE A 48 22.13 -5.78 -28.02
CA ILE A 48 22.77 -5.63 -29.33
C ILE A 48 21.76 -5.14 -30.36
N LYS A 49 20.54 -5.68 -30.31
CA LYS A 49 19.54 -5.27 -31.29
C LYS A 49 19.10 -3.83 -31.06
N VAL A 50 18.88 -3.45 -29.80
CA VAL A 50 18.46 -2.08 -29.51
C VAL A 50 19.55 -1.09 -29.88
N VAL A 51 20.80 -1.42 -29.52
CA VAL A 51 21.92 -0.55 -29.89
C VAL A 51 22.05 -0.49 -31.41
N ASP A 52 21.98 -1.65 -32.08
CA ASP A 52 22.04 -1.67 -33.53
C ASP A 52 20.95 -0.80 -34.13
N ALA A 53 19.75 -0.83 -33.54
CA ALA A 53 18.66 0.01 -34.03
C ALA A 53 18.96 1.49 -33.81
N ALA A 54 19.46 1.84 -32.62
CA ALA A 54 19.73 3.25 -32.32
C ALA A 54 20.86 3.80 -33.19
N VAL A 55 21.93 3.03 -33.36
CA VAL A 55 23.04 3.46 -34.22
C VAL A 55 22.55 3.59 -35.66
N GLU A 56 21.58 2.76 -36.05
CA GLU A 56 21.14 2.68 -37.43
C GLU A 56 20.20 3.83 -37.80
N LYS A 57 19.43 4.34 -36.85
CA LYS A 57 18.53 5.45 -37.11
C LYS A 57 19.20 6.81 -36.98
N ALA A 58 20.29 6.90 -36.22
CA ALA A 58 20.98 8.17 -36.03
C ALA A 58 21.88 8.53 -37.21
N TYR A 59 22.61 7.54 -37.73
CA TYR A 59 23.58 7.76 -38.79
C TYR A 59 23.23 7.11 -40.11
N LYS A 60 22.24 6.23 -40.16
CA LYS A 60 21.78 5.59 -41.39
C LYS A 60 22.94 4.88 -42.09
N GLY A 61 23.40 3.81 -41.45
CA GLY A 61 24.37 2.91 -42.03
C GLY A 61 25.80 3.40 -42.08
N GLU A 62 26.04 4.71 -42.00
CA GLU A 62 27.42 5.20 -42.01
C GLU A 62 28.23 4.55 -40.89
N ARG A 63 27.63 4.37 -39.73
CA ARG A 63 28.33 3.79 -38.60
C ARG A 63 27.63 2.49 -38.24
N LYS A 64 28.42 1.54 -37.75
CA LYS A 64 27.90 0.23 -37.40
C LYS A 64 28.90 -0.46 -36.51
N ILE A 65 28.40 -1.23 -35.55
CA ILE A 65 29.25 -1.87 -34.56
C ILE A 65 29.55 -3.29 -35.02
N ALA A 66 30.83 -3.66 -34.94
CA ALA A 66 31.26 -5.01 -35.27
C ALA A 66 31.33 -5.76 -33.94
N TRP A 67 30.23 -6.44 -33.61
CA TRP A 67 30.14 -7.12 -32.32
C TRP A 67 31.03 -8.34 -32.33
N MET A 68 31.95 -8.40 -31.36
CA MET A 68 32.82 -9.55 -31.16
C MET A 68 32.53 -10.13 -29.78
N GLU A 69 32.36 -11.44 -29.72
CA GLU A 69 31.97 -12.11 -28.49
C GLU A 69 33.21 -12.68 -27.80
N VAL A 70 33.55 -12.15 -26.64
CA VAL A 70 34.56 -12.73 -25.78
C VAL A 70 33.83 -13.47 -24.65
N TYR A 71 34.54 -14.32 -23.94
CA TYR A 71 33.92 -15.25 -23.01
C TYR A 71 34.47 -15.06 -21.61
N ALA A 72 33.57 -15.14 -20.63
CA ALA A 72 33.94 -15.06 -19.22
C ALA A 72 32.83 -15.74 -18.43
N GLY A 73 33.17 -16.16 -17.22
CA GLY A 73 32.20 -16.79 -16.33
C GLY A 73 31.99 -18.26 -16.60
N GLU A 74 30.75 -18.72 -16.43
CA GLU A 74 30.48 -20.14 -16.61
C GLU A 74 30.55 -20.54 -18.08
N LYS A 75 30.32 -19.61 -18.99
CA LYS A 75 30.44 -19.94 -20.41
C LYS A 75 31.90 -20.11 -20.80
N ALA A 76 32.79 -19.31 -20.22
CA ALA A 76 34.22 -19.42 -20.54
C ALA A 76 34.75 -20.79 -20.14
N THR A 77 34.28 -21.35 -19.03
CA THR A 77 34.77 -22.67 -18.62
C THR A 77 34.31 -23.76 -19.58
N GLN A 78 33.11 -23.64 -20.14
CA GLN A 78 32.67 -24.56 -21.17
C GLN A 78 33.30 -24.27 -22.52
N VAL A 79 33.91 -23.09 -22.68
CA VAL A 79 34.65 -22.73 -23.89
C VAL A 79 36.14 -22.87 -23.65
N TYR A 80 36.59 -22.65 -22.42
CA TYR A 80 37.99 -22.82 -22.04
C TYR A 80 38.11 -24.06 -21.17
N ASP A 81 39.23 -24.16 -20.44
CA ASP A 81 39.36 -25.20 -19.44
C ASP A 81 38.43 -24.92 -18.27
N GLN A 82 38.10 -25.97 -17.52
CA GLN A 82 37.24 -25.79 -16.37
C GLN A 82 37.89 -24.95 -15.28
N ASP A 83 39.20 -24.70 -15.37
CA ASP A 83 39.89 -23.85 -14.41
C ASP A 83 39.90 -22.39 -14.82
N THR A 84 39.61 -22.09 -16.09
CA THR A 84 39.71 -20.73 -16.62
C THR A 84 38.33 -20.07 -16.61
N TRP A 85 37.88 -19.74 -15.41
CA TRP A 85 36.68 -18.91 -15.25
C TRP A 85 36.87 -17.53 -15.87
N LEU A 86 38.13 -17.10 -16.04
CA LEU A 86 38.43 -15.77 -16.56
C LEU A 86 39.64 -15.87 -17.47
N PRO A 87 39.43 -16.13 -18.76
CA PRO A 87 40.57 -16.34 -19.67
C PRO A 87 41.42 -15.10 -19.87
N GLN A 88 42.74 -15.31 -19.87
CA GLN A 88 43.66 -14.25 -20.24
C GLN A 88 43.33 -13.72 -21.63
N GLU A 89 42.89 -14.60 -22.53
CA GLU A 89 42.49 -14.17 -23.87
C GLU A 89 41.39 -13.12 -23.79
N THR A 90 40.43 -13.31 -22.90
CA THR A 90 39.37 -12.32 -22.73
C THR A 90 39.94 -10.98 -22.30
N LEU A 91 40.89 -11.01 -21.36
CA LEU A 91 41.47 -9.78 -20.85
C LEU A 91 42.25 -9.03 -21.92
N ASP A 92 43.00 -9.76 -22.75
CA ASP A 92 43.69 -9.12 -23.87
C ASP A 92 42.68 -8.49 -24.82
N ALA A 93 41.55 -9.17 -25.06
CA ALA A 93 40.54 -8.64 -25.96
C ALA A 93 39.92 -7.36 -25.45
N VAL A 94 39.77 -7.22 -24.12
CA VAL A 94 39.19 -6.00 -23.58
C VAL A 94 40.22 -4.89 -23.53
N ARG A 95 41.49 -5.24 -23.35
CA ARG A 95 42.55 -4.24 -23.28
C ARG A 95 42.90 -3.72 -24.67
N ASP A 96 43.05 -4.62 -25.64
CA ASP A 96 43.35 -4.20 -27.00
C ASP A 96 42.19 -3.44 -27.63
N TYR A 97 40.96 -3.78 -27.26
CA TYR A 97 39.77 -3.07 -27.73
C TYR A 97 39.22 -2.29 -26.54
N VAL A 98 39.55 -1.00 -26.49
CA VAL A 98 39.23 -0.11 -25.38
C VAL A 98 37.85 -0.42 -24.80
N VAL A 99 36.83 -0.21 -25.59
CA VAL A 99 35.45 -0.25 -25.13
C VAL A 99 34.93 -1.69 -25.17
N SER A 100 34.05 -2.02 -24.23
CA SER A 100 33.41 -3.33 -24.21
C SER A 100 32.26 -3.29 -23.21
N ILE A 101 31.29 -4.17 -23.42
CA ILE A 101 30.12 -4.29 -22.57
C ILE A 101 29.97 -5.74 -22.11
N LYS A 102 29.36 -5.95 -20.95
CA LYS A 102 29.23 -7.29 -20.39
C LYS A 102 27.96 -7.39 -19.57
N GLY A 103 27.41 -8.59 -19.53
CA GLY A 103 26.24 -8.88 -18.72
C GLY A 103 26.64 -9.46 -17.38
N PRO A 104 25.68 -9.92 -16.61
CA PRO A 104 25.99 -10.48 -15.29
C PRO A 104 26.76 -11.78 -15.40
N LEU A 105 27.54 -12.08 -14.37
CA LEU A 105 28.39 -13.26 -14.36
C LEU A 105 28.21 -14.05 -13.08
N THR A 106 28.26 -15.37 -13.22
CA THR A 106 28.21 -16.27 -12.09
C THR A 106 29.50 -16.19 -11.28
N THR A 107 29.39 -16.52 -10.03
CA THR A 107 30.57 -16.62 -9.18
C THR A 107 31.07 -18.05 -9.12
N PRO A 108 32.37 -18.29 -9.29
CA PRO A 108 32.87 -19.66 -9.15
C PRO A 108 32.62 -20.21 -7.76
N VAL A 109 32.30 -21.50 -7.70
CA VAL A 109 32.03 -22.15 -6.42
C VAL A 109 33.26 -22.06 -5.54
N GLY A 110 33.07 -21.58 -4.31
CA GLY A 110 34.15 -21.47 -3.36
C GLY A 110 35.27 -20.58 -3.85
N GLY A 111 36.49 -20.91 -3.41
CA GLY A 111 37.67 -20.17 -3.78
C GLY A 111 37.79 -18.85 -3.02
N GLY A 112 38.94 -18.20 -3.22
CA GLY A 112 39.22 -16.90 -2.63
C GLY A 112 38.48 -15.73 -3.26
N ILE A 113 37.23 -15.93 -3.66
CA ILE A 113 36.52 -14.94 -4.45
C ILE A 113 35.04 -14.99 -4.06
N ARG A 114 34.38 -13.83 -4.11
CA ARG A 114 32.92 -13.79 -4.08
C ARG A 114 32.32 -13.08 -5.30
N SER A 115 33.14 -12.56 -6.21
CA SER A 115 32.60 -12.06 -7.47
C SER A 115 33.63 -12.25 -8.56
N LEU A 116 33.15 -12.43 -9.78
CA LEU A 116 34.02 -12.43 -10.94
C LEU A 116 34.27 -11.02 -11.44
N ASN A 117 33.31 -10.10 -11.22
CA ASN A 117 33.50 -8.72 -11.62
C ASN A 117 34.71 -8.12 -10.91
N VAL A 118 34.90 -8.45 -9.63
CA VAL A 118 36.07 -7.98 -8.90
C VAL A 118 37.35 -8.53 -9.52
N ALA A 119 37.31 -9.77 -9.99
CA ALA A 119 38.48 -10.34 -10.67
C ALA A 119 38.87 -9.50 -11.89
N LEU A 120 37.87 -9.05 -12.66
CA LEU A 120 38.15 -8.16 -13.78
C LEU A 120 38.66 -6.81 -13.29
N ARG A 121 38.05 -6.27 -12.25
CA ARG A 121 38.49 -5.00 -11.69
C ARG A 121 39.96 -5.09 -11.27
N GLN A 122 40.28 -6.07 -10.42
CA GLN A 122 41.66 -6.22 -9.96
C GLN A 122 42.62 -6.38 -11.12
N GLN A 123 42.29 -7.26 -12.06
CA GLN A 123 43.26 -7.67 -13.07
C GLN A 123 43.41 -6.65 -14.19
N LEU A 124 42.41 -5.80 -14.42
CA LEU A 124 42.52 -4.72 -15.39
C LEU A 124 42.74 -3.37 -14.73
N ASP A 125 42.85 -3.33 -13.40
CA ASP A 125 43.05 -2.08 -12.65
C ASP A 125 41.95 -1.08 -12.97
N LEU A 126 40.70 -1.54 -12.89
CA LEU A 126 39.53 -0.67 -13.08
C LEU A 126 39.27 0.04 -11.76
N TYR A 127 39.51 1.34 -11.72
CA TYR A 127 39.47 2.11 -10.48
C TYR A 127 38.37 3.16 -10.43
N VAL A 128 37.67 3.42 -11.54
CA VAL A 128 36.50 4.29 -11.56
C VAL A 128 35.26 3.42 -11.69
N CYS A 129 34.19 3.80 -10.99
CA CYS A 129 32.90 3.14 -11.08
C CYS A 129 31.86 4.19 -11.42
N GLN A 130 31.55 4.32 -12.71
CA GLN A 130 30.56 5.28 -13.18
C GLN A 130 29.16 4.72 -12.98
N ARG A 131 28.26 5.55 -12.45
CA ARG A 131 26.86 5.16 -12.32
C ARG A 131 26.00 6.40 -12.51
N PRO A 132 25.60 6.69 -13.75
CA PRO A 132 24.63 7.77 -13.98
C PRO A 132 23.28 7.43 -13.39
N VAL A 133 22.56 8.48 -12.98
CA VAL A 133 21.22 8.31 -12.40
C VAL A 133 20.34 9.45 -12.88
N ARG A 134 19.15 9.10 -13.35
CA ARG A 134 18.16 10.08 -13.79
C ARG A 134 16.80 9.42 -13.67
N TRP A 135 15.76 10.21 -13.89
CA TRP A 135 14.39 9.72 -13.86
C TRP A 135 13.89 9.55 -15.29
N PHE A 136 13.09 8.52 -15.51
CA PHE A 136 12.46 8.28 -16.79
C PHE A 136 10.95 8.43 -16.66
N GLU A 137 10.36 9.22 -17.54
CA GLU A 137 8.96 9.60 -17.42
C GLU A 137 8.09 8.35 -17.38
N GLY A 138 7.29 8.24 -16.32
CA GLY A 138 6.41 7.10 -16.11
C GLY A 138 6.88 6.15 -15.04
N VAL A 139 8.14 6.23 -14.62
CA VAL A 139 8.67 5.31 -13.61
C VAL A 139 8.08 5.68 -12.25
N PRO A 140 7.44 4.75 -11.55
CA PRO A 140 6.96 5.06 -10.18
C PRO A 140 8.13 5.44 -9.28
N SER A 141 8.00 6.59 -8.63
CA SER A 141 9.04 7.09 -7.75
C SER A 141 8.44 7.43 -6.40
N PRO A 142 9.22 7.27 -5.32
CA PRO A 142 8.70 7.61 -3.99
C PRO A 142 8.82 9.09 -3.63
N VAL A 143 9.43 9.91 -4.47
CA VAL A 143 9.61 11.33 -4.17
C VAL A 143 8.71 12.16 -5.09
N LYS A 144 8.44 13.39 -4.65
CA LYS A 144 7.48 14.24 -5.33
C LYS A 144 8.04 14.81 -6.63
N LYS A 145 9.35 15.02 -6.72
CA LYS A 145 9.98 15.61 -7.90
C LYS A 145 11.20 14.79 -8.30
N PRO A 146 10.97 13.59 -8.85
CA PRO A 146 12.11 12.76 -9.23
C PRO A 146 12.88 13.30 -10.42
N GLY A 147 12.23 14.10 -11.27
CA GLY A 147 12.88 14.63 -12.46
C GLY A 147 14.03 15.56 -12.19
N ASP A 148 14.15 16.06 -10.94
CA ASP A 148 15.24 16.96 -10.60
C ASP A 148 16.57 16.25 -10.40
N VAL A 149 16.59 14.92 -10.39
CA VAL A 149 17.81 14.15 -10.20
C VAL A 149 18.41 13.87 -11.57
N ASP A 150 19.61 14.41 -11.81
CA ASP A 150 20.34 14.17 -13.06
C ASP A 150 21.83 14.25 -12.74
N MET A 151 22.36 13.16 -12.16
CA MET A 151 23.71 13.13 -11.62
C MET A 151 24.50 11.97 -12.22
N VAL A 152 25.82 12.12 -12.19
CA VAL A 152 26.76 11.05 -12.54
C VAL A 152 27.72 10.88 -11.39
N ILE A 153 27.74 9.70 -10.79
CA ILE A 153 28.57 9.41 -9.63
C ILE A 153 29.83 8.72 -10.10
N PHE A 154 30.98 9.33 -9.82
CA PHE A 154 32.29 8.72 -10.04
C PHE A 154 32.77 8.17 -8.70
N ARG A 155 32.83 6.85 -8.61
CA ARG A 155 33.14 6.14 -7.37
C ARG A 155 34.46 5.41 -7.54
N GLU A 156 35.41 5.71 -6.65
CA GLU A 156 36.66 4.97 -6.62
C GLU A 156 36.39 3.53 -6.21
N ASN A 157 37.11 2.58 -6.82
CA ASN A 157 36.81 1.17 -6.62
C ASN A 157 38.04 0.31 -6.34
N SER A 158 39.22 0.91 -6.17
CA SER A 158 40.42 0.16 -5.82
C SER A 158 40.87 0.34 -4.38
N GLU A 159 40.40 1.38 -3.69
CA GLU A 159 40.89 1.69 -2.34
C GLU A 159 39.78 1.65 -1.30
N ASP A 160 40.05 2.23 -0.13
CA ASP A 160 39.07 2.36 0.94
C ASP A 160 38.88 1.04 1.68
N ILE A 161 37.88 0.98 2.57
CA ILE A 161 37.68 -0.19 3.42
C ILE A 161 37.26 -1.42 2.63
N TYR A 162 36.95 -1.27 1.34
CA TYR A 162 36.52 -2.39 0.53
C TYR A 162 37.68 -3.20 -0.06
N ALA A 163 38.92 -2.75 0.16
CA ALA A 163 40.07 -3.53 -0.29
C ALA A 163 40.01 -4.97 0.22
N GLY A 164 39.49 -5.16 1.43
CA GLY A 164 39.39 -6.47 2.03
C GLY A 164 40.45 -6.79 3.05
N VAL A 165 41.25 -5.81 3.46
CA VAL A 165 42.30 -6.03 4.46
C VAL A 165 41.63 -6.02 5.83
N GLU A 166 41.34 -7.19 6.36
CA GLU A 166 40.60 -7.31 7.61
C GLU A 166 40.99 -8.62 8.28
N TRP A 167 40.85 -8.66 9.60
CA TRP A 167 41.22 -9.82 10.40
C TRP A 167 40.14 -10.10 11.42
N LYS A 168 39.82 -11.37 11.61
CA LYS A 168 38.73 -11.78 12.49
C LYS A 168 39.03 -11.42 13.94
N ALA A 169 37.96 -11.18 14.69
CA ALA A 169 38.08 -10.91 16.12
C ALA A 169 38.50 -12.17 16.86
N GLY A 170 39.23 -11.97 17.96
CA GLY A 170 39.68 -13.08 18.77
C GLY A 170 40.67 -13.97 18.04
N SER A 171 41.20 -13.47 16.90
CA SER A 171 42.14 -14.23 16.10
C SER A 171 43.57 -13.79 16.42
N PRO A 172 44.55 -14.70 16.35
CA PRO A 172 45.95 -14.28 16.55
C PRO A 172 46.37 -13.20 15.56
N GLU A 173 45.75 -13.17 14.38
CA GLU A 173 46.06 -12.12 13.41
C GLU A 173 45.65 -10.76 13.95
N ALA A 174 44.46 -10.67 14.54
CA ALA A 174 43.97 -9.41 15.10
C ALA A 174 44.82 -8.95 16.27
N GLU A 175 45.11 -9.85 17.20
CA GLU A 175 45.90 -9.47 18.38
C GLU A 175 47.25 -8.90 17.99
N LYS A 176 47.90 -9.48 16.98
CA LYS A 176 49.17 -8.93 16.52
C LYS A 176 49.00 -7.53 15.94
N VAL A 177 47.86 -7.26 15.31
CA VAL A 177 47.59 -5.92 14.80
C VAL A 177 47.16 -5.00 15.93
N ILE A 178 46.26 -5.46 16.80
CA ILE A 178 45.73 -4.62 17.87
C ILE A 178 46.85 -4.20 18.82
N LYS A 179 47.63 -5.18 19.30
CA LYS A 179 48.68 -4.86 20.28
C LYS A 179 49.76 -4.00 19.64
N PHE A 180 50.10 -4.26 18.38
CA PHE A 180 51.03 -3.38 17.66
C PHE A 180 50.50 -1.95 17.66
N LEU A 181 49.19 -1.79 17.48
CA LEU A 181 48.59 -0.46 17.46
C LEU A 181 48.70 0.20 18.83
N THR A 182 48.39 -0.54 19.90
CA THR A 182 48.43 0.02 21.23
C THR A 182 49.85 0.12 21.79
N GLU A 183 50.74 -0.78 21.40
CA GLU A 183 52.10 -0.76 21.94
C GLU A 183 52.98 0.26 21.23
N GLU A 184 53.20 0.08 19.93
CA GLU A 184 54.16 0.88 19.20
C GLU A 184 53.58 2.22 18.72
N MET A 185 52.30 2.24 18.38
CA MET A 185 51.69 3.46 17.84
C MET A 185 51.01 4.31 18.89
N GLY A 186 50.90 3.84 20.13
CA GLY A 186 50.20 4.62 21.13
C GLY A 186 48.72 4.76 20.84
N VAL A 187 48.14 3.80 20.13
CA VAL A 187 46.75 3.89 19.71
C VAL A 187 45.82 3.77 20.92
N LYS A 188 45.08 4.84 21.16
CA LYS A 188 43.99 4.88 22.11
C LYS A 188 42.71 5.14 21.31
N LYS A 189 41.69 5.71 21.94
CA LYS A 189 40.42 5.95 21.26
C LYS A 189 39.68 4.64 20.96
N ILE A 190 40.34 3.50 21.12
CA ILE A 190 39.67 2.21 21.05
C ILE A 190 39.01 1.93 22.39
N ARG A 191 37.76 1.48 22.35
CA ARG A 191 36.98 1.28 23.56
C ARG A 191 37.10 -0.15 24.08
N PHE A 192 37.12 -1.13 23.17
CA PHE A 192 37.23 -2.55 23.52
C PHE A 192 38.29 -3.19 22.64
N THR A 193 39.42 -3.57 23.24
CA THR A 193 40.54 -4.14 22.50
C THR A 193 40.45 -5.65 22.35
N GLU A 194 39.66 -6.32 23.19
CA GLU A 194 39.51 -7.77 23.13
C GLU A 194 38.29 -8.14 22.31
N ASN A 195 38.37 -9.29 21.65
CA ASN A 195 37.30 -9.76 20.76
C ASN A 195 36.88 -8.65 19.80
N CYS A 196 37.87 -8.14 19.07
CA CYS A 196 37.69 -6.97 18.22
C CYS A 196 38.19 -7.29 16.81
N GLY A 197 37.28 -7.20 15.83
CA GLY A 197 37.69 -7.30 14.45
C GLY A 197 38.16 -5.94 13.95
N ILE A 198 39.20 -5.97 13.10
CA ILE A 198 39.87 -4.77 12.66
C ILE A 198 39.85 -4.71 11.14
N GLY A 199 39.66 -3.50 10.61
CA GLY A 199 39.78 -3.26 9.19
C GLY A 199 40.63 -2.03 8.93
N ILE A 200 41.17 -1.97 7.72
CA ILE A 200 42.08 -0.89 7.32
C ILE A 200 41.43 -0.11 6.18
N LYS A 201 41.52 1.22 6.28
CA LYS A 201 41.00 2.14 5.28
C LYS A 201 42.16 2.87 4.62
N PRO A 202 42.68 2.40 3.48
CA PRO A 202 43.75 3.14 2.80
C PRO A 202 43.21 4.09 1.74
N VAL A 203 43.67 5.33 1.77
CA VAL A 203 43.30 6.33 0.77
C VAL A 203 44.58 7.06 0.37
N SER A 204 45.07 6.78 -0.84
CA SER A 204 46.31 7.34 -1.32
C SER A 204 46.06 8.54 -2.24
N GLN A 205 47.14 9.21 -2.59
CA GLN A 205 47.06 10.36 -3.50
C GLN A 205 46.87 9.91 -4.93
N GLU A 206 47.59 8.87 -5.35
CA GLU A 206 47.46 8.36 -6.71
C GLU A 206 46.03 7.91 -6.98
N GLY A 207 45.54 6.97 -6.18
CA GLY A 207 44.18 6.47 -6.36
C GLY A 207 43.13 7.56 -6.25
N THR A 208 43.38 8.58 -5.43
CA THR A 208 42.44 9.69 -5.31
C THR A 208 42.49 10.59 -6.53
N LYS A 209 43.69 10.94 -6.99
CA LYS A 209 43.79 11.90 -8.08
C LYS A 209 43.36 11.30 -9.41
N ARG A 210 43.61 10.02 -9.64
CA ARG A 210 43.19 9.40 -10.89
C ARG A 210 41.68 9.23 -10.96
N LEU A 211 40.99 9.25 -9.82
CA LEU A 211 39.52 9.29 -9.83
C LEU A 211 39.03 10.69 -10.19
N VAL A 212 39.42 11.69 -9.40
CA VAL A 212 38.94 13.06 -9.63
C VAL A 212 39.38 13.54 -11.00
N ARG A 213 40.56 13.12 -11.46
CA ARG A 213 40.99 13.48 -12.80
C ARG A 213 40.04 12.93 -13.85
N LYS A 214 39.50 11.73 -13.62
CA LYS A 214 38.49 11.18 -14.53
C LYS A 214 37.16 11.90 -14.37
N ALA A 215 36.77 12.21 -13.13
CA ALA A 215 35.49 12.88 -12.91
C ALA A 215 35.49 14.27 -13.51
N LEU A 216 36.60 15.00 -13.38
CA LEU A 216 36.68 16.34 -13.92
C LEU A 216 36.66 16.33 -15.44
N GLN A 217 37.39 15.41 -16.07
CA GLN A 217 37.45 15.38 -17.53
C GLN A 217 36.09 15.03 -18.11
N TYR A 218 35.31 14.18 -17.43
CA TYR A 218 33.94 13.94 -17.87
C TYR A 218 33.09 15.20 -17.79
N ALA A 219 33.35 16.07 -16.82
CA ALA A 219 32.58 17.30 -16.69
C ALA A 219 32.79 18.23 -17.87
N VAL A 220 34.00 18.23 -18.45
CA VAL A 220 34.26 19.07 -19.61
C VAL A 220 33.95 18.34 -20.91
N ASP A 221 34.18 17.03 -20.97
CA ASP A 221 33.86 16.26 -22.17
C ASP A 221 32.36 16.16 -22.42
N ASN A 222 31.53 16.44 -21.42
CA ASN A 222 30.08 16.40 -21.57
C ASN A 222 29.42 17.73 -21.19
N ASP A 223 30.22 18.75 -20.89
CA ASP A 223 29.68 20.10 -20.64
C ASP A 223 28.71 20.09 -19.46
N ARG A 224 29.16 19.53 -18.34
CA ARG A 224 28.36 19.51 -17.13
C ARG A 224 28.69 20.74 -16.28
N SER A 225 27.84 20.99 -15.29
CA SER A 225 27.86 22.27 -14.59
C SER A 225 28.76 22.30 -13.36
N SER A 226 28.90 21.18 -12.65
CA SER A 226 29.67 21.20 -11.41
C SER A 226 30.18 19.80 -11.10
N VAL A 227 31.23 19.76 -10.27
CA VAL A 227 31.80 18.52 -9.73
C VAL A 227 31.83 18.67 -8.21
N THR A 228 31.29 17.68 -7.51
CA THR A 228 31.18 17.71 -6.06
C THR A 228 32.06 16.63 -5.44
N LEU A 229 32.91 17.03 -4.50
CA LEU A 229 33.70 16.09 -3.73
C LEU A 229 32.90 15.72 -2.48
N VAL A 230 32.38 14.50 -2.45
CA VAL A 230 31.61 14.02 -1.31
C VAL A 230 32.55 13.27 -0.38
N HIS A 231 32.56 13.69 0.88
CA HIS A 231 33.56 13.21 1.83
C HIS A 231 33.00 13.28 3.24
N LYS A 232 33.51 12.41 4.11
CA LYS A 232 33.26 12.45 5.53
C LYS A 232 34.52 12.91 6.28
N GLY A 233 35.17 13.95 5.74
CA GLY A 233 36.49 14.33 6.21
C GLY A 233 36.52 15.06 7.54
N ASN A 234 35.40 15.62 7.98
CA ASN A 234 35.38 16.34 9.24
C ASN A 234 35.62 15.41 10.43
N ILE A 235 35.40 14.11 10.25
CA ILE A 235 35.73 13.13 11.28
C ILE A 235 36.93 12.26 10.88
N MET A 236 37.19 12.10 9.60
CA MET A 236 38.35 11.36 9.09
C MET A 236 39.21 12.35 8.30
N LYS A 237 40.11 13.03 9.01
CA LYS A 237 40.86 14.12 8.40
C LYS A 237 41.86 13.63 7.36
N PHE A 238 42.39 12.43 7.53
CA PHE A 238 43.53 11.97 6.74
C PHE A 238 43.17 10.96 5.65
N THR A 239 41.94 10.47 5.62
CA THR A 239 41.50 9.61 4.53
C THR A 239 40.48 10.36 3.67
N GLU A 240 39.25 10.49 4.16
CA GLU A 240 38.24 11.24 3.42
C GLU A 240 38.62 12.72 3.36
N GLY A 241 39.14 13.27 4.45
CA GLY A 241 39.65 14.63 4.41
C GLY A 241 40.79 14.79 3.42
N ALA A 242 41.71 13.82 3.41
CA ALA A 242 42.79 13.85 2.43
C ALA A 242 42.26 13.69 1.01
N PHE A 243 41.20 12.89 0.84
CA PHE A 243 40.56 12.77 -0.46
C PHE A 243 40.12 14.12 -0.98
N LYS A 244 39.34 14.86 -0.19
CA LYS A 244 38.90 16.20 -0.59
C LYS A 244 40.07 17.07 -1.02
N ASP A 245 41.05 17.24 -0.12
CA ASP A 245 42.15 18.14 -0.41
C ASP A 245 42.88 17.74 -1.68
N TRP A 246 43.21 16.46 -1.81
CA TRP A 246 43.81 15.97 -3.05
C TRP A 246 42.91 16.27 -4.24
N GLY A 247 41.59 16.10 -4.08
CA GLY A 247 40.68 16.39 -5.16
C GLY A 247 40.71 17.84 -5.59
N TYR A 248 40.78 18.76 -4.63
CA TYR A 248 40.87 20.17 -4.96
C TYR A 248 42.19 20.48 -5.67
N GLU A 249 43.26 19.79 -5.32
CA GLU A 249 44.54 20.00 -6.01
C GLU A 249 44.40 19.70 -7.49
N VAL A 250 43.85 18.54 -7.84
CA VAL A 250 43.75 18.15 -9.24
C VAL A 250 43.04 19.22 -10.05
N ALA A 251 41.96 19.78 -9.51
CA ALA A 251 41.23 20.84 -10.22
C ALA A 251 42.11 22.07 -10.42
N ARG A 252 42.89 22.42 -9.40
CA ARG A 252 43.76 23.59 -9.48
C ARG A 252 44.93 23.35 -10.42
N ASP A 253 45.51 22.14 -10.37
CA ASP A 253 46.75 21.87 -11.08
C ASP A 253 46.51 21.51 -12.54
N GLU A 254 45.54 20.64 -12.82
CA GLU A 254 45.41 20.04 -14.14
C GLU A 254 44.16 20.48 -14.89
N PHE A 255 43.42 21.45 -14.35
CA PHE A 255 42.29 22.02 -15.07
C PHE A 255 42.19 23.54 -14.93
N GLY A 256 43.07 24.17 -14.16
CA GLY A 256 43.07 25.62 -14.03
C GLY A 256 41.92 26.11 -13.19
N ALA A 257 41.78 25.57 -11.99
CA ALA A 257 40.70 25.94 -11.08
C ALA A 257 41.20 26.98 -10.08
N GLU A 258 40.51 28.09 -10.00
CA GLU A 258 40.82 29.16 -9.06
C GLU A 258 39.84 29.12 -7.90
N LEU A 259 40.28 29.66 -6.77
CA LEU A 259 39.39 29.80 -5.62
C LEU A 259 38.24 30.73 -5.98
N LEU A 260 37.02 30.27 -5.70
CA LEU A 260 35.82 31.06 -5.99
C LEU A 260 35.55 31.98 -4.81
N ASP A 261 35.98 33.23 -4.93
CA ASP A 261 35.72 34.27 -3.94
C ASP A 261 36.27 33.93 -2.57
N GLY A 262 37.30 33.07 -2.51
CA GLY A 262 37.92 32.71 -1.26
C GLY A 262 37.67 31.29 -0.80
N GLY A 263 37.16 30.41 -1.66
CA GLY A 263 36.89 29.05 -1.28
C GLY A 263 35.68 28.91 -0.36
N PRO A 264 35.50 27.71 0.23
CA PRO A 264 36.34 26.53 0.02
C PRO A 264 36.17 25.90 -1.36
N TRP A 265 35.26 26.43 -2.17
CA TRP A 265 34.96 25.88 -3.48
C TRP A 265 35.82 26.55 -4.55
N MET A 266 35.91 25.89 -5.70
CA MET A 266 36.65 26.41 -6.84
C MET A 266 35.80 26.32 -8.10
N GLN A 267 36.24 27.01 -9.14
CA GLN A 267 35.56 26.96 -10.42
C GLN A 267 36.56 27.27 -11.53
N PHE A 268 36.39 26.59 -12.67
CA PHE A 268 37.10 26.94 -13.89
C PHE A 268 36.11 26.94 -15.06
N LYS A 269 36.57 27.44 -16.19
CA LYS A 269 35.77 27.52 -17.40
C LYS A 269 36.17 26.40 -18.36
N ASN A 270 35.17 25.70 -18.89
CA ASN A 270 35.43 24.59 -19.78
C ASN A 270 36.32 25.04 -20.94
N PRO A 271 37.41 24.34 -21.23
CA PRO A 271 38.30 24.77 -22.32
C PRO A 271 37.73 24.53 -23.71
N LYS A 272 36.66 23.74 -23.83
CA LYS A 272 36.09 23.40 -25.13
C LYS A 272 34.63 23.78 -25.27
N THR A 273 34.06 24.46 -24.26
CA THR A 273 32.71 25.01 -24.37
C THR A 273 32.56 26.40 -23.78
N GLY A 274 33.47 26.85 -22.91
CA GLY A 274 33.37 28.18 -22.34
C GLY A 274 32.36 28.33 -21.23
N LYS A 275 31.86 27.23 -20.68
CA LYS A 275 30.87 27.26 -19.60
C LYS A 275 31.56 27.12 -18.25
N ASN A 276 30.94 27.69 -17.23
CA ASN A 276 31.56 27.83 -15.91
C ASN A 276 31.33 26.58 -15.08
N VAL A 277 32.35 25.72 -15.00
CA VAL A 277 32.28 24.55 -14.14
C VAL A 277 32.57 24.99 -12.70
N VAL A 278 32.07 24.21 -11.74
CA VAL A 278 32.25 24.49 -10.32
C VAL A 278 32.75 23.22 -9.64
N VAL A 279 33.73 23.39 -8.76
CA VAL A 279 34.30 22.30 -7.98
C VAL A 279 34.04 22.59 -6.51
N LYS A 280 33.08 21.88 -5.93
CA LYS A 280 32.66 22.07 -4.55
C LYS A 280 32.81 20.75 -3.80
N ASP A 281 32.47 20.79 -2.51
CA ASP A 281 32.52 19.60 -1.67
C ASP A 281 31.36 19.64 -0.69
N VAL A 282 30.90 18.45 -0.31
CA VAL A 282 29.78 18.29 0.61
C VAL A 282 30.10 17.14 1.56
N ILE A 283 29.67 17.26 2.81
CA ILE A 283 29.88 16.18 3.77
C ILE A 283 28.94 15.03 3.44
N ALA A 284 29.45 13.80 3.56
CA ALA A 284 28.74 12.62 3.06
C ALA A 284 27.33 12.54 3.61
N ASP A 285 27.19 12.49 4.94
CA ASP A 285 25.86 12.33 5.53
C ASP A 285 24.96 13.50 5.19
N ALA A 286 25.52 14.71 5.04
CA ALA A 286 24.73 15.84 4.57
C ALA A 286 24.28 15.64 3.14
N MET A 287 25.14 15.03 2.32
CA MET A 287 24.79 14.80 0.91
C MET A 287 23.53 13.95 0.79
N LEU A 288 23.38 12.94 1.66
CA LEU A 288 22.19 12.10 1.61
C LEU A 288 20.92 12.90 1.84
N GLN A 289 21.01 14.00 2.59
CA GLN A 289 19.87 14.88 2.73
C GLN A 289 19.69 15.74 1.47
N GLN A 290 20.80 16.24 0.92
CA GLN A 290 20.74 17.17 -0.20
C GLN A 290 20.04 16.53 -1.40
N ILE A 291 20.33 15.26 -1.67
CA ILE A 291 19.74 14.60 -2.83
C ILE A 291 18.21 14.50 -2.71
N LEU A 292 17.68 14.60 -1.49
CA LEU A 292 16.24 14.62 -1.31
C LEU A 292 15.64 16.02 -1.37
N LEU A 293 16.36 17.03 -0.89
CA LEU A 293 15.82 18.37 -0.77
C LEU A 293 16.18 19.28 -1.95
N ARG A 294 17.42 19.22 -2.41
CA ARG A 294 17.87 20.09 -3.49
C ARG A 294 18.71 19.30 -4.49
N PRO A 295 18.22 18.17 -4.99
CA PRO A 295 19.02 17.37 -5.93
C PRO A 295 19.35 18.10 -7.21
N ALA A 296 18.56 19.10 -7.61
CA ALA A 296 18.82 19.83 -8.84
C ALA A 296 20.13 20.61 -8.81
N GLU A 297 20.75 20.77 -7.64
CA GLU A 297 21.94 21.59 -7.49
C GLU A 297 23.23 20.79 -7.66
N TYR A 298 23.16 19.51 -8.02
CA TYR A 298 24.33 18.67 -8.16
C TYR A 298 24.33 17.98 -9.50
N ASP A 299 25.52 17.81 -10.08
CA ASP A 299 25.67 17.20 -11.40
C ASP A 299 26.62 16.01 -11.34
N VAL A 300 27.93 16.26 -11.32
CA VAL A 300 28.93 15.20 -11.28
C VAL A 300 29.40 15.05 -9.84
N ILE A 301 29.58 13.80 -9.41
CA ILE A 301 29.97 13.48 -8.04
C ILE A 301 31.27 12.68 -8.08
N ALA A 302 32.25 13.12 -7.30
CA ALA A 302 33.48 12.38 -7.08
C ALA A 302 33.57 12.04 -5.61
N THR A 303 33.76 10.76 -5.29
CA THR A 303 33.72 10.31 -3.90
C THR A 303 34.46 8.98 -3.80
N LEU A 304 34.50 8.45 -2.58
CA LEU A 304 35.24 7.23 -2.29
C LEU A 304 34.33 6.01 -2.50
N ASN A 305 34.89 4.82 -2.24
CA ASN A 305 34.19 3.58 -2.51
C ASN A 305 32.89 3.49 -1.72
N LEU A 306 32.99 3.50 -0.39
CA LEU A 306 31.79 3.32 0.44
C LEU A 306 30.77 4.41 0.17
N ASN A 307 31.19 5.67 0.21
CA ASN A 307 30.25 6.77 -0.01
C ASN A 307 29.53 6.63 -1.33
N GLY A 308 30.29 6.42 -2.42
CA GLY A 308 29.67 6.24 -3.72
C GLY A 308 28.65 5.12 -3.74
N ASP A 309 28.97 4.01 -3.09
CA ASP A 309 28.04 2.88 -3.03
C ASP A 309 26.73 3.28 -2.37
N TYR A 310 26.81 3.87 -1.17
CA TYR A 310 25.60 4.27 -0.46
C TYR A 310 24.87 5.36 -1.23
N LEU A 311 25.61 6.31 -1.82
CA LEU A 311 24.96 7.44 -2.49
C LEU A 311 24.24 7.00 -3.75
N SER A 312 24.89 6.15 -4.57
CA SER A 312 24.27 5.71 -5.81
C SER A 312 23.03 4.85 -5.54
N ASP A 313 23.09 4.00 -4.52
CA ASP A 313 21.92 3.17 -4.19
C ASP A 313 20.76 4.06 -3.73
N ALA A 314 21.05 5.11 -2.96
CA ALA A 314 19.99 6.00 -2.50
C ALA A 314 19.33 6.71 -3.68
N LEU A 315 20.14 7.27 -4.57
CA LEU A 315 19.59 7.96 -5.74
C LEU A 315 18.78 6.99 -6.60
N ALA A 316 19.26 5.77 -6.77
CA ALA A 316 18.53 4.80 -7.57
C ALA A 316 17.11 4.60 -7.04
N ALA A 317 16.99 4.35 -5.74
CA ALA A 317 15.66 4.22 -5.14
C ALA A 317 14.86 5.50 -5.29
N GLU A 318 15.54 6.65 -5.31
CA GLU A 318 14.82 7.93 -5.38
C GLU A 318 14.10 8.10 -6.71
N VAL A 319 14.65 7.55 -7.79
CA VAL A 319 14.06 7.68 -9.12
C VAL A 319 13.41 6.37 -9.56
N GLY A 320 13.19 5.44 -8.63
CA GLY A 320 12.61 4.16 -8.99
C GLY A 320 13.41 3.40 -10.03
N GLY A 321 14.72 3.63 -10.09
CA GLY A 321 15.55 3.03 -11.11
C GLY A 321 16.53 2.00 -10.60
N ILE A 322 16.20 1.32 -9.50
CA ILE A 322 17.08 0.28 -8.99
C ILE A 322 17.28 -0.81 -10.04
N GLY A 323 16.17 -1.31 -10.59
CA GLY A 323 16.23 -2.40 -11.55
C GLY A 323 16.72 -2.01 -12.92
N ILE A 324 17.01 -0.73 -13.15
CA ILE A 324 17.49 -0.26 -14.44
C ILE A 324 18.71 0.62 -14.23
N ALA A 325 19.65 0.16 -13.40
CA ALA A 325 20.80 0.97 -13.02
C ALA A 325 21.92 0.76 -14.02
N PRO A 326 22.29 1.77 -14.82
CA PRO A 326 23.47 1.64 -15.68
C PRO A 326 24.75 1.79 -14.88
N GLY A 327 25.82 1.19 -15.41
CA GLY A 327 27.09 1.21 -14.71
C GLY A 327 28.25 0.97 -15.65
N ALA A 328 29.41 1.51 -15.28
CA ALA A 328 30.62 1.32 -16.04
C ALA A 328 31.81 1.30 -15.09
N ASN A 329 32.82 0.51 -15.45
CA ASN A 329 34.07 0.43 -14.70
C ASN A 329 35.22 0.80 -15.62
N LEU A 330 35.99 1.82 -15.24
CA LEU A 330 36.98 2.40 -16.12
C LEU A 330 38.38 2.30 -15.52
N SER A 331 39.37 2.30 -16.40
CA SER A 331 40.77 2.44 -16.02
C SER A 331 41.34 3.68 -16.70
N ASP A 332 42.66 3.73 -16.85
CA ASP A 332 43.26 4.82 -17.61
C ASP A 332 42.67 4.91 -19.00
N SER A 333 42.40 3.76 -19.63
CA SER A 333 41.79 3.74 -20.95
C SER A 333 40.67 2.73 -21.05
N VAL A 334 40.87 1.53 -20.48
CA VAL A 334 39.88 0.47 -20.59
C VAL A 334 38.56 0.92 -19.98
N ALA A 335 37.47 0.71 -20.72
CA ALA A 335 36.13 1.07 -20.27
C ALA A 335 35.21 -0.13 -20.49
N MET A 336 34.70 -0.69 -19.40
CA MET A 336 33.85 -1.88 -19.45
C MET A 336 32.50 -1.53 -18.83
N PHE A 337 31.45 -1.59 -19.65
CA PHE A 337 30.09 -1.26 -19.23
C PHE A 337 29.34 -2.53 -18.87
N GLU A 338 28.46 -2.42 -17.86
CA GLU A 338 27.88 -3.61 -17.25
C GLU A 338 26.45 -3.35 -16.81
N ALA A 339 25.69 -4.43 -16.71
CA ALA A 339 24.45 -4.45 -15.95
C ALA A 339 24.75 -4.68 -14.47
N THR A 340 24.03 -3.97 -13.60
CA THR A 340 24.37 -3.98 -12.18
C THR A 340 23.64 -5.06 -11.38
N HIS A 341 22.66 -5.74 -11.98
CA HIS A 341 21.90 -6.77 -11.28
C HIS A 341 22.61 -8.11 -11.36
N GLY A 342 22.03 -9.11 -10.71
CA GLY A 342 22.59 -10.46 -10.69
C GLY A 342 22.26 -11.23 -11.95
N THR A 343 22.51 -12.54 -11.88
CA THR A 343 22.29 -13.42 -13.02
C THR A 343 20.88 -14.00 -13.07
N ALA A 344 20.14 -13.97 -11.97
CA ALA A 344 18.77 -14.48 -11.91
C ALA A 344 18.66 -15.83 -12.62
N PRO A 345 19.27 -16.88 -12.07
CA PRO A 345 19.29 -18.16 -12.80
C PRO A 345 17.91 -18.71 -13.12
N LYS A 346 16.92 -18.51 -12.24
CA LYS A 346 15.62 -19.15 -12.44
C LYS A 346 14.89 -18.63 -13.67
N TYR A 347 15.24 -17.45 -14.17
CA TYR A 347 14.61 -16.90 -15.36
C TYR A 347 15.49 -16.99 -16.59
N ALA A 348 16.58 -17.76 -16.55
CA ALA A 348 17.53 -17.76 -17.66
C ALA A 348 16.88 -18.35 -18.90
N GLY A 349 17.00 -17.63 -20.02
CA GLY A 349 16.48 -18.10 -21.28
C GLY A 349 14.99 -17.93 -21.46
N GLN A 350 14.27 -17.51 -20.42
CA GLN A 350 12.81 -17.45 -20.45
C GLN A 350 12.28 -16.12 -20.95
N ASP A 351 13.14 -15.16 -21.28
CA ASP A 351 12.73 -13.92 -21.93
C ASP A 351 11.74 -13.16 -21.06
N LYS A 352 12.07 -13.00 -19.78
CA LYS A 352 11.19 -12.32 -18.84
C LYS A 352 11.79 -11.06 -18.24
N VAL A 353 13.06 -11.10 -17.82
CA VAL A 353 13.65 -10.05 -16.99
C VAL A 353 13.78 -8.74 -17.76
N ASN A 354 14.11 -7.66 -17.05
CA ASN A 354 14.18 -6.34 -17.63
C ASN A 354 15.57 -6.11 -18.23
N PRO A 355 15.68 -5.84 -19.53
CA PRO A 355 16.98 -5.51 -20.11
C PRO A 355 17.37 -4.04 -19.99
N GLY A 356 16.59 -3.24 -19.24
CA GLY A 356 16.87 -1.81 -19.18
C GLY A 356 18.26 -1.50 -18.67
N SER A 357 18.73 -2.25 -17.67
CA SER A 357 20.05 -2.00 -17.11
C SER A 357 21.10 -2.08 -18.20
N LEU A 358 21.21 -3.23 -18.86
CA LEU A 358 22.24 -3.41 -19.88
C LEU A 358 22.03 -2.44 -21.04
N ILE A 359 20.77 -2.13 -21.38
CA ILE A 359 20.51 -1.21 -22.48
C ILE A 359 21.02 0.19 -22.13
N LEU A 360 20.73 0.65 -20.90
CA LEU A 360 21.14 2.00 -20.53
C LEU A 360 22.63 2.09 -20.29
N SER A 361 23.25 1.02 -19.76
CA SER A 361 24.70 1.01 -19.68
C SER A 361 25.33 0.96 -21.07
N ALA A 362 24.59 0.44 -22.06
CA ALA A 362 25.03 0.56 -23.44
C ALA A 362 24.90 2.00 -23.93
N GLU A 363 23.90 2.72 -23.44
CA GLU A 363 23.78 4.14 -23.76
C GLU A 363 25.01 4.91 -23.28
N MET A 364 25.51 4.56 -22.09
CA MET A 364 26.78 5.11 -21.64
C MET A 364 27.88 4.83 -22.66
N MET A 365 27.97 3.56 -23.10
CA MET A 365 28.99 3.17 -24.06
C MET A 365 28.96 4.08 -25.29
N LEU A 366 27.79 4.24 -25.90
CA LEU A 366 27.67 5.14 -27.04
C LEU A 366 28.06 6.55 -26.66
N ARG A 367 27.56 7.03 -25.52
CA ARG A 367 27.93 8.36 -25.04
C ARG A 367 29.44 8.48 -24.88
N HIS A 368 30.09 7.40 -24.43
CA HIS A 368 31.53 7.44 -24.21
C HIS A 368 32.31 7.42 -25.51
N MET A 369 31.73 6.87 -26.57
CA MET A 369 32.36 6.82 -27.89
C MET A 369 32.11 8.08 -28.71
N GLY A 370 31.47 9.09 -28.13
CA GLY A 370 31.13 10.29 -28.86
C GLY A 370 29.84 10.20 -29.66
N TRP A 371 29.27 9.01 -29.80
CA TRP A 371 28.02 8.82 -30.55
C TRP A 371 26.85 9.25 -29.66
N THR A 372 26.80 10.54 -29.37
CA THR A 372 25.75 11.07 -28.49
C THR A 372 24.38 11.04 -29.16
N GLU A 373 24.33 11.12 -30.49
CA GLU A 373 23.04 11.11 -31.18
C GLU A 373 22.38 9.75 -31.07
N ALA A 374 23.16 8.67 -31.22
CA ALA A 374 22.61 7.34 -31.02
C ALA A 374 22.24 7.11 -29.56
N ALA A 375 23.04 7.64 -28.63
CA ALA A 375 22.72 7.51 -27.22
C ALA A 375 21.39 8.19 -26.90
N ASP A 376 21.16 9.38 -27.43
CA ASP A 376 19.90 10.08 -27.17
C ASP A 376 18.71 9.26 -27.66
N LEU A 377 18.87 8.54 -28.78
CA LEU A 377 17.78 7.71 -29.27
C LEU A 377 17.44 6.61 -28.29
N ILE A 378 18.44 6.06 -27.60
CA ILE A 378 18.18 5.06 -26.56
C ILE A 378 17.42 5.68 -25.41
N ILE A 379 17.78 6.92 -25.04
CA ILE A 379 17.05 7.60 -23.97
C ILE A 379 15.62 7.88 -24.40
N LYS A 380 15.44 8.46 -25.59
CA LYS A 380 14.10 8.70 -26.11
C LYS A 380 13.29 7.42 -26.17
N GLY A 381 13.88 6.36 -26.75
CA GLY A 381 13.20 5.08 -26.77
C GLY A 381 12.87 4.55 -25.40
N THR A 382 13.71 4.86 -24.40
CA THR A 382 13.44 4.45 -23.03
C THR A 382 12.25 5.21 -22.46
N ASN A 383 12.28 6.55 -22.56
CA ASN A 383 11.15 7.34 -22.09
C ASN A 383 9.86 6.95 -22.78
N GLY A 384 9.92 6.67 -24.08
CA GLY A 384 8.74 6.30 -24.83
C GLY A 384 8.06 5.06 -24.31
N ALA A 385 8.79 3.94 -24.28
CA ALA A 385 8.19 2.68 -23.86
C ALA A 385 7.65 2.76 -22.44
N ILE A 386 8.39 3.38 -21.52
CA ILE A 386 7.95 3.44 -20.13
C ILE A 386 6.74 4.35 -19.99
N ALA A 387 6.78 5.52 -20.64
CA ALA A 387 5.61 6.40 -20.61
C ALA A 387 4.38 5.70 -21.17
N ALA A 388 4.58 4.91 -22.23
CA ALA A 388 3.48 4.10 -22.79
C ALA A 388 3.06 2.97 -21.86
N LYS A 389 3.83 2.70 -20.80
CA LYS A 389 3.51 1.64 -19.84
C LYS A 389 3.61 0.25 -20.47
N THR A 390 4.43 0.11 -21.52
CA THR A 390 4.75 -1.20 -22.10
C THR A 390 6.10 -1.60 -21.55
N VAL A 391 6.09 -2.42 -20.50
CA VAL A 391 7.27 -2.68 -19.69
C VAL A 391 7.31 -4.15 -19.29
N THR A 392 8.46 -4.56 -18.75
CA THR A 392 8.63 -5.90 -18.23
C THR A 392 7.97 -6.01 -16.87
N TYR A 393 7.93 -7.25 -16.35
CA TYR A 393 7.14 -7.53 -15.16
C TYR A 393 7.55 -6.63 -13.99
N ASP A 394 8.85 -6.38 -13.82
CA ASP A 394 9.32 -5.62 -12.67
C ASP A 394 8.63 -4.26 -12.58
N PHE A 395 8.46 -3.57 -13.70
CA PHE A 395 7.75 -2.29 -13.69
C PHE A 395 6.23 -2.51 -13.68
N GLU A 396 5.75 -3.53 -14.40
CA GLU A 396 4.31 -3.75 -14.49
C GLU A 396 3.70 -3.99 -13.11
N ARG A 397 4.48 -4.54 -12.17
CA ARG A 397 3.98 -4.77 -10.82
C ARG A 397 3.65 -3.46 -10.12
N LEU A 398 4.32 -2.38 -10.50
CA LEU A 398 4.25 -1.13 -9.76
C LEU A 398 3.39 -0.08 -10.44
N MET A 399 2.83 -0.40 -11.60
CA MET A 399 2.00 0.53 -12.37
C MET A 399 0.55 0.06 -12.40
N ASP A 400 -0.35 1.01 -12.58
CA ASP A 400 -1.75 0.72 -12.86
C ASP A 400 -2.01 0.87 -14.35
N GLY A 401 -2.83 -0.03 -14.90
CA GLY A 401 -3.12 -0.01 -16.32
C GLY A 401 -1.88 -0.13 -17.17
N ALA A 402 -1.05 -1.12 -16.87
CA ALA A 402 0.21 -1.35 -17.57
C ALA A 402 0.12 -2.60 -18.43
N THR A 403 0.92 -2.64 -19.49
CA THR A 403 0.93 -3.74 -20.44
C THR A 403 2.20 -4.56 -20.22
N LEU A 404 2.03 -5.84 -19.89
CA LEU A 404 3.17 -6.71 -19.68
C LEU A 404 3.84 -7.03 -20.99
N LEU A 405 5.15 -6.77 -21.07
CA LEU A 405 5.97 -7.12 -22.21
C LEU A 405 7.08 -8.05 -21.78
N SER A 406 7.53 -8.89 -22.71
CA SER A 406 8.67 -9.75 -22.46
C SER A 406 9.95 -8.95 -22.66
N CYS A 407 11.10 -9.59 -22.38
CA CYS A 407 12.37 -8.89 -22.50
C CYS A 407 12.59 -8.41 -23.93
N SER A 408 12.49 -9.32 -24.89
CA SER A 408 12.68 -8.94 -26.29
C SER A 408 11.58 -7.97 -26.74
N GLU A 409 10.35 -8.18 -26.29
CA GLU A 409 9.27 -7.27 -26.67
C GLU A 409 9.53 -5.86 -26.16
N PHE A 410 10.04 -5.74 -24.93
CA PHE A 410 10.34 -4.42 -24.39
C PHE A 410 11.41 -3.71 -25.22
N GLY A 411 12.42 -4.46 -25.66
CA GLY A 411 13.41 -3.89 -26.56
C GLY A 411 12.77 -3.38 -27.85
N ASP A 412 11.90 -4.19 -28.45
CA ASP A 412 11.21 -3.75 -29.67
C ASP A 412 10.36 -2.53 -29.39
N ALA A 413 9.75 -2.45 -28.22
CA ALA A 413 8.98 -1.25 -27.87
C ALA A 413 9.89 -0.03 -27.82
N MET A 414 11.12 -0.20 -27.35
CA MET A 414 12.09 0.90 -27.37
C MET A 414 12.40 1.31 -28.81
N ILE A 415 12.70 0.33 -29.66
CA ILE A 415 13.08 0.62 -31.04
C ILE A 415 11.97 1.39 -31.74
N ALA A 416 10.71 1.07 -31.41
CA ALA A 416 9.58 1.73 -32.06
C ALA A 416 9.39 3.16 -31.58
N LYS A 417 9.98 3.53 -30.44
CA LYS A 417 9.79 4.86 -29.86
C LYS A 417 10.96 5.80 -30.16
N MET A 418 12.02 5.31 -30.79
CA MET A 418 13.18 6.15 -31.10
C MET A 418 13.13 6.63 -32.54
N MET B 1 28.48 12.55 44.55
CA MET B 1 28.73 12.96 45.97
C MET B 1 29.09 14.44 46.06
N GLY B 2 29.13 15.13 44.93
CA GLY B 2 29.45 16.54 44.92
C GLY B 2 28.26 17.40 45.28
N TYR B 3 28.54 18.51 45.96
CA TYR B 3 27.49 19.43 46.40
C TYR B 3 28.05 20.82 46.67
N GLN B 4 28.62 21.46 45.64
CA GLN B 4 29.16 22.80 45.79
C GLN B 4 28.18 23.84 45.27
N LYS B 5 27.94 23.86 43.95
CA LYS B 5 27.05 24.83 43.34
C LYS B 5 25.67 24.28 43.02
N ILE B 6 25.44 22.99 43.21
CA ILE B 6 24.16 22.37 42.88
C ILE B 6 23.26 22.38 44.11
N GLN B 7 21.98 22.68 43.89
CA GLN B 7 20.98 22.68 44.95
C GLN B 7 20.09 21.45 44.76
N VAL B 8 20.24 20.49 45.66
CA VAL B 8 19.47 19.24 45.56
C VAL B 8 18.01 19.54 45.86
N PRO B 9 17.07 19.12 45.01
CA PRO B 9 15.65 19.35 45.31
C PRO B 9 15.27 18.76 46.66
N ALA B 10 14.47 19.54 47.42
CA ALA B 10 14.01 19.07 48.73
C ALA B 10 12.95 17.99 48.59
N THR B 11 11.97 18.23 47.71
CA THR B 11 10.90 17.26 47.46
C THR B 11 11.31 16.17 46.48
N GLY B 12 12.60 16.01 46.21
CA GLY B 12 13.04 15.06 45.21
C GLY B 12 13.37 13.69 45.78
N ASP B 13 13.36 12.72 44.87
CA ASP B 13 13.78 11.36 45.16
C ASP B 13 14.71 10.90 44.04
N LYS B 14 15.46 9.84 44.30
CA LYS B 14 16.50 9.40 43.38
C LYS B 14 16.07 8.17 42.60
N ILE B 15 16.37 8.17 41.31
CA ILE B 15 16.24 6.99 40.47
C ILE B 15 17.44 6.07 40.72
N THR B 16 17.15 4.77 40.85
CA THR B 16 18.18 3.79 41.17
C THR B 16 18.17 2.69 40.12
N VAL B 17 19.32 2.01 40.01
CA VAL B 17 19.49 0.87 39.12
C VAL B 17 19.67 -0.37 39.98
N ASN B 18 18.89 -1.40 39.71
CA ASN B 18 18.98 -2.66 40.41
C ASN B 18 19.29 -3.78 39.42
N ALA B 19 19.57 -4.96 39.97
CA ALA B 19 19.71 -6.18 39.18
C ALA B 19 18.62 -6.26 38.11
N ASP B 20 18.81 -7.10 37.10
CA ASP B 20 17.90 -7.26 35.98
C ASP B 20 17.88 -6.02 35.08
N MET B 21 18.81 -5.09 35.29
CA MET B 21 18.94 -3.87 34.49
C MET B 21 17.68 -3.00 34.53
N SER B 22 16.73 -3.31 35.40
CA SER B 22 15.51 -2.53 35.48
C SER B 22 15.81 -1.14 36.01
N LEU B 23 14.87 -0.23 35.79
CA LEU B 23 14.99 1.16 36.22
C LEU B 23 13.90 1.41 37.24
N SER B 24 14.30 1.82 38.44
CA SER B 24 13.35 2.17 39.49
C SER B 24 13.01 3.65 39.39
N VAL B 25 11.75 3.95 39.07
CA VAL B 25 11.29 5.31 38.91
C VAL B 25 10.30 5.58 40.06
N PRO B 26 10.65 6.44 41.02
CA PRO B 26 9.68 6.73 42.09
C PRO B 26 8.52 7.58 41.63
N LYS B 27 7.79 8.16 42.58
CA LYS B 27 6.67 9.02 42.27
C LYS B 27 7.09 10.46 42.02
N ASN B 28 8.25 10.86 42.53
CA ASN B 28 8.79 12.20 42.33
C ASN B 28 10.27 12.08 42.00
N PRO B 29 10.61 11.83 40.74
CA PRO B 29 12.02 11.64 40.37
C PRO B 29 12.76 12.96 40.26
N ILE B 30 14.07 12.88 40.48
CA ILE B 30 14.97 14.02 40.29
C ILE B 30 15.61 13.87 38.91
N ILE B 31 15.44 14.89 38.07
CA ILE B 31 16.03 14.90 36.74
C ILE B 31 17.02 16.04 36.62
N PRO B 32 18.32 15.77 36.58
CA PRO B 32 19.28 16.84 36.25
C PRO B 32 19.02 17.32 34.83
N PHE B 33 19.27 18.61 34.60
CA PHE B 33 19.10 19.16 33.27
C PHE B 33 20.10 20.28 33.03
N ILE B 34 20.78 20.22 31.89
CA ILE B 34 21.68 21.28 31.44
C ILE B 34 20.90 22.18 30.50
N GLU B 35 20.85 23.47 30.82
CA GLU B 35 20.09 24.40 29.99
C GLU B 35 20.69 24.53 28.59
N GLY B 36 22.01 24.39 28.47
CA GLY B 36 22.66 24.50 27.19
C GLY B 36 22.96 25.94 26.81
N ASP B 37 23.97 26.08 25.96
CA ASP B 37 24.41 27.40 25.53
C ASP B 37 23.50 27.93 24.42
N GLY B 38 23.81 29.13 23.94
CA GLY B 38 23.07 29.74 22.86
C GLY B 38 21.56 29.78 23.06
N ILE B 39 20.84 29.08 22.18
CA ILE B 39 19.38 29.08 22.20
C ILE B 39 18.85 28.15 23.28
N GLY B 40 19.74 27.63 24.13
CA GLY B 40 19.30 26.86 25.28
C GLY B 40 18.39 27.65 26.20
N VAL B 41 18.61 28.95 26.32
CA VAL B 41 17.75 29.78 27.17
C VAL B 41 16.31 29.75 26.70
N ASP B 42 16.09 29.49 25.41
CA ASP B 42 14.75 29.53 24.83
C ASP B 42 14.02 28.21 25.00
N ILE B 43 14.66 27.10 24.65
CA ILE B 43 13.96 25.83 24.54
C ILE B 43 13.85 25.12 25.90
N SER B 44 14.83 25.28 26.79
CA SER B 44 14.81 24.53 28.03
C SER B 44 13.67 24.94 28.94
N PRO B 45 13.42 26.22 29.20
CA PRO B 45 12.23 26.57 30.01
C PRO B 45 10.93 26.12 29.38
N VAL B 46 10.80 26.28 28.07
CA VAL B 46 9.60 25.82 27.38
C VAL B 46 9.44 24.32 27.55
N MET B 47 10.53 23.57 27.43
CA MET B 47 10.49 22.12 27.64
C MET B 47 9.99 21.77 29.03
N ILE B 48 10.60 22.36 30.07
CA ILE B 48 10.24 22.04 31.45
C ILE B 48 8.73 22.16 31.68
N LYS B 49 8.10 23.21 31.15
CA LYS B 49 6.67 23.39 31.36
C LYS B 49 5.88 22.33 30.62
N VAL B 50 6.25 22.03 29.38
CA VAL B 50 5.51 21.07 28.58
C VAL B 50 5.56 19.70 29.25
N VAL B 51 6.75 19.32 29.74
CA VAL B 51 6.85 18.05 30.47
C VAL B 51 6.03 18.11 31.74
N ASP B 52 6.11 19.22 32.48
CA ASP B 52 5.32 19.37 33.70
C ASP B 52 3.83 19.24 33.40
N ALA B 53 3.38 19.81 32.29
CA ALA B 53 1.97 19.71 31.91
C ALA B 53 1.61 18.26 31.58
N ALA B 54 2.46 17.57 30.82
CA ALA B 54 2.17 16.20 30.43
C ALA B 54 2.19 15.25 31.62
N VAL B 55 3.14 15.43 32.54
CA VAL B 55 3.21 14.52 33.69
C VAL B 55 1.97 14.62 34.56
N GLU B 56 1.49 15.83 34.81
CA GLU B 56 0.35 15.99 35.71
C GLU B 56 -0.98 15.80 35.02
N LYS B 57 -1.05 16.06 33.71
CA LYS B 57 -2.28 15.79 32.96
C LYS B 57 -2.43 14.31 32.68
N ALA B 58 -1.33 13.63 32.32
CA ALA B 58 -1.38 12.18 32.17
C ALA B 58 -1.69 11.52 33.51
N TYR B 59 -1.00 11.96 34.56
CA TYR B 59 -1.17 11.40 35.90
C TYR B 59 -1.68 12.51 36.80
N LYS B 60 -2.90 12.36 37.31
CA LYS B 60 -3.58 13.44 38.02
C LYS B 60 -2.87 13.76 39.34
N GLY B 61 -1.70 14.38 39.27
CA GLY B 61 -0.94 14.69 40.47
C GLY B 61 -0.14 13.53 41.03
N GLU B 62 -0.44 12.30 40.62
CA GLU B 62 0.28 11.13 41.12
C GLU B 62 1.79 11.31 40.98
N ARG B 63 2.23 11.90 39.88
CA ARG B 63 3.65 12.07 39.58
C ARG B 63 3.99 13.51 39.26
N LYS B 64 5.25 13.87 39.57
CA LYS B 64 5.80 15.19 39.27
C LYS B 64 7.32 15.11 39.33
N ILE B 65 7.98 15.85 38.44
CA ILE B 65 9.43 15.81 38.32
C ILE B 65 10.03 16.93 39.15
N ALA B 66 11.09 16.60 39.91
CA ALA B 66 11.83 17.58 40.70
C ALA B 66 13.04 18.01 39.88
N TRP B 67 12.90 19.11 39.15
CA TRP B 67 13.94 19.55 38.24
C TRP B 67 15.14 20.09 39.03
N MET B 68 16.30 19.51 38.78
CA MET B 68 17.57 19.95 39.34
C MET B 68 18.47 20.42 38.22
N GLU B 69 19.06 21.60 38.37
CA GLU B 69 19.85 22.22 37.31
C GLU B 69 21.33 21.98 37.56
N VAL B 70 21.95 21.21 36.67
CA VAL B 70 23.39 21.08 36.64
C VAL B 70 23.90 21.96 35.50
N TYR B 71 25.20 22.22 35.50
CA TYR B 71 25.78 23.23 34.62
C TYR B 71 26.87 22.62 33.74
N ALA B 72 26.88 23.05 32.48
CA ALA B 72 27.91 22.68 31.53
C ALA B 72 27.95 23.74 30.45
N GLY B 73 29.07 23.83 29.74
CA GLY B 73 29.19 24.81 28.68
C GLY B 73 29.59 26.17 29.21
N GLU B 74 29.01 27.22 28.63
CA GLU B 74 29.39 28.58 29.01
C GLU B 74 28.93 28.92 30.43
N LYS B 75 27.64 28.71 30.73
CA LYS B 75 27.15 29.05 32.06
C LYS B 75 27.97 28.37 33.14
N ALA B 76 28.47 27.15 32.87
CA ALA B 76 29.35 26.50 33.83
C ALA B 76 30.64 27.28 34.05
N THR B 77 30.99 28.18 33.15
CA THR B 77 32.17 29.01 33.30
C THR B 77 31.91 30.25 34.14
N GLN B 78 30.66 30.72 34.21
CA GLN B 78 30.32 31.87 35.04
C GLN B 78 29.98 31.47 36.47
N VAL B 79 29.32 30.33 36.66
CA VAL B 79 28.98 29.88 38.00
C VAL B 79 30.19 29.27 38.69
N TYR B 80 31.07 28.61 37.92
CA TYR B 80 32.30 28.03 38.43
C TYR B 80 33.46 28.93 37.99
N ASP B 81 34.67 28.38 38.02
CA ASP B 81 35.82 29.09 37.46
C ASP B 81 35.68 29.17 35.94
N GLN B 82 36.10 30.29 35.37
CA GLN B 82 35.91 30.52 33.94
C GLN B 82 36.71 29.55 33.05
N ASP B 83 37.48 28.62 33.62
CA ASP B 83 38.20 27.62 32.84
C ASP B 83 37.48 26.26 32.82
N THR B 84 36.48 26.07 33.68
CA THR B 84 35.80 24.78 33.84
C THR B 84 34.52 24.76 32.99
N TRP B 85 34.71 24.60 31.68
CA TRP B 85 33.58 24.38 30.79
C TRP B 85 32.78 23.12 31.15
N LEU B 86 33.37 22.20 31.91
CA LEU B 86 32.69 20.96 32.28
C LEU B 86 33.06 20.54 33.70
N PRO B 87 32.31 21.00 34.70
CA PRO B 87 32.65 20.66 36.08
C PRO B 87 32.51 19.17 36.35
N GLN B 88 33.49 18.62 37.08
CA GLN B 88 33.39 17.24 37.56
C GLN B 88 32.11 17.03 38.35
N GLU B 89 31.70 18.02 39.14
CA GLU B 89 30.45 17.90 39.90
C GLU B 89 29.27 17.60 39.00
N THR B 90 29.24 18.22 37.82
CA THR B 90 28.14 17.99 36.89
C THR B 90 28.03 16.52 36.52
N LEU B 91 29.17 15.87 36.26
CA LEU B 91 29.15 14.46 35.87
C LEU B 91 28.64 13.58 37.00
N ASP B 92 29.01 13.89 38.24
CA ASP B 92 28.50 13.14 39.38
C ASP B 92 26.98 13.18 39.44
N ALA B 93 26.39 14.34 39.17
CA ALA B 93 24.94 14.46 39.19
C ALA B 93 24.27 13.62 38.11
N VAL B 94 24.92 13.48 36.95
CA VAL B 94 24.32 12.71 35.87
C VAL B 94 24.52 11.22 36.09
N ARG B 95 25.60 10.82 36.75
CA ARG B 95 25.85 9.41 36.99
C ARG B 95 25.04 8.90 38.17
N ASP B 96 24.92 9.70 39.23
CA ASP B 96 24.08 9.31 40.37
C ASP B 96 22.60 9.39 40.02
N TYR B 97 22.22 10.35 39.17
CA TYR B 97 20.86 10.48 38.67
C TYR B 97 20.93 10.11 37.19
N VAL B 98 20.71 8.83 36.90
CA VAL B 98 21.03 8.28 35.59
C VAL B 98 20.31 9.05 34.48
N VAL B 99 19.03 9.36 34.68
CA VAL B 99 18.28 10.11 33.67
C VAL B 99 18.62 11.58 33.78
N SER B 100 18.66 12.27 32.63
CA SER B 100 18.90 13.71 32.59
C SER B 100 18.61 14.19 31.17
N ILE B 101 18.36 15.50 31.06
CA ILE B 101 18.07 16.11 29.77
C ILE B 101 19.08 17.23 29.54
N LYS B 102 19.30 17.56 28.27
CA LYS B 102 20.40 18.42 27.88
C LYS B 102 20.01 19.28 26.69
N GLY B 103 20.56 20.50 26.65
CA GLY B 103 20.38 21.38 25.53
C GLY B 103 21.58 21.34 24.60
N PRO B 104 21.59 22.17 23.57
CA PRO B 104 22.71 22.17 22.62
C PRO B 104 23.97 22.75 23.24
N LEU B 105 25.12 22.28 22.73
CA LEU B 105 26.42 22.71 23.21
C LEU B 105 27.32 23.00 22.02
N THR B 106 28.24 23.94 22.22
CA THR B 106 29.15 24.33 21.15
C THR B 106 30.12 23.20 20.85
N THR B 107 30.40 22.99 19.55
CA THR B 107 31.08 21.78 19.08
C THR B 107 32.44 22.00 18.41
N PRO B 108 32.64 23.04 17.56
CA PRO B 108 33.77 23.03 16.62
C PRO B 108 35.11 22.51 17.13
N VAL B 109 35.69 23.15 18.14
CA VAL B 109 37.08 22.96 18.54
C VAL B 109 37.56 21.54 18.30
N GLY B 110 38.77 21.40 17.75
CA GLY B 110 39.28 20.12 17.31
C GLY B 110 40.43 19.58 18.15
N GLY B 111 40.51 20.00 19.40
CA GLY B 111 41.40 19.40 20.37
C GLY B 111 41.25 17.90 20.45
N GLY B 112 42.02 17.26 21.34
CA GLY B 112 41.84 15.83 21.49
C GLY B 112 40.48 15.45 22.01
N ILE B 113 39.67 16.45 22.35
CA ILE B 113 38.21 16.30 22.48
C ILE B 113 37.60 17.26 21.46
N ARG B 114 36.89 16.69 20.48
CA ARG B 114 36.37 17.50 19.38
C ARG B 114 35.13 18.30 19.76
N SER B 115 34.66 18.21 21.00
CA SER B 115 33.44 18.87 21.41
C SER B 115 33.30 18.68 22.92
N LEU B 116 32.28 19.29 23.48
CA LEU B 116 31.89 19.01 24.86
C LEU B 116 30.95 17.81 24.94
N ASN B 117 30.16 17.58 23.88
CA ASN B 117 29.30 16.40 23.84
C ASN B 117 30.14 15.12 23.85
N VAL B 118 31.25 15.11 23.11
CA VAL B 118 32.13 13.95 23.12
C VAL B 118 32.72 13.77 24.51
N ALA B 119 33.04 14.87 25.20
CA ALA B 119 33.55 14.77 26.56
C ALA B 119 32.52 14.10 27.46
N LEU B 120 31.24 14.41 27.27
CA LEU B 120 30.18 13.74 28.02
C LEU B 120 30.09 12.27 27.64
N ARG B 121 29.99 11.99 26.33
CA ARG B 121 29.83 10.61 25.89
C ARG B 121 31.03 9.75 26.27
N GLN B 122 32.23 10.32 26.23
CA GLN B 122 33.43 9.56 26.55
C GLN B 122 33.61 9.38 28.04
N GLN B 123 33.33 10.43 28.83
CA GLN B 123 33.50 10.37 30.27
C GLN B 123 32.34 9.70 30.97
N LEU B 124 31.23 9.45 30.27
CA LEU B 124 30.06 8.79 30.84
C LEU B 124 29.79 7.42 30.22
N ASP B 125 30.63 6.96 29.31
CA ASP B 125 30.45 5.67 28.64
C ASP B 125 29.09 5.60 27.94
N LEU B 126 28.78 6.65 27.18
CA LEU B 126 27.56 6.67 26.37
C LEU B 126 27.86 5.97 25.04
N TYR B 127 27.30 4.78 24.86
CA TYR B 127 27.60 3.95 23.69
C TYR B 127 26.40 3.72 22.80
N VAL B 128 25.20 4.10 23.21
CA VAL B 128 24.01 4.05 22.37
C VAL B 128 23.65 5.47 21.96
N CYS B 129 23.23 5.64 20.71
CA CYS B 129 22.73 6.92 20.21
C CYS B 129 21.34 6.66 19.64
N GLN B 130 20.32 6.88 20.47
CA GLN B 130 18.94 6.69 20.05
C GLN B 130 18.45 7.91 19.27
N ARG B 131 17.77 7.65 18.17
CA ARG B 131 17.15 8.73 17.38
C ARG B 131 15.85 8.21 16.79
N PRO B 132 14.73 8.38 17.50
CA PRO B 132 13.44 8.09 16.88
C PRO B 132 13.15 9.06 15.76
N VAL B 133 12.44 8.59 14.75
CA VAL B 133 12.08 9.41 13.60
C VAL B 133 10.69 9.02 13.12
N ARG B 134 9.85 10.02 12.90
CA ARG B 134 8.50 9.82 12.39
C ARG B 134 8.05 11.10 11.72
N TRP B 135 6.89 11.02 11.08
CA TRP B 135 6.29 12.18 10.42
C TRP B 135 5.16 12.74 11.28
N PHE B 136 5.02 14.06 11.25
CA PHE B 136 3.95 14.75 11.93
C PHE B 136 3.05 15.44 10.90
N GLU B 137 1.74 15.32 11.09
CA GLU B 137 0.77 15.71 10.07
C GLU B 137 0.95 17.17 9.68
N GLY B 138 1.16 17.42 8.39
CA GLY B 138 1.28 18.77 7.87
C GLY B 138 2.69 19.22 7.56
N VAL B 139 3.70 18.48 8.01
CA VAL B 139 5.09 18.91 7.81
C VAL B 139 5.46 18.73 6.34
N PRO B 140 5.97 19.77 5.66
CA PRO B 140 6.42 19.58 4.28
C PRO B 140 7.52 18.54 4.17
N SER B 141 7.30 17.56 3.30
CA SER B 141 8.22 16.46 3.10
C SER B 141 8.53 16.31 1.62
N PRO B 142 9.75 15.85 1.28
CA PRO B 142 10.06 15.61 -0.14
C PRO B 142 9.57 14.29 -0.68
N VAL B 143 8.99 13.43 0.15
CA VAL B 143 8.49 12.14 -0.30
C VAL B 143 6.97 12.15 -0.29
N LYS B 144 6.39 11.22 -1.07
CA LYS B 144 4.94 11.22 -1.27
C LYS B 144 4.20 10.73 -0.04
N LYS B 145 4.72 9.71 0.65
CA LYS B 145 4.07 9.14 1.84
C LYS B 145 5.04 9.20 3.01
N PRO B 146 5.21 10.37 3.63
CA PRO B 146 6.07 10.45 4.81
C PRO B 146 5.51 9.73 6.02
N GLY B 147 4.19 9.52 6.08
CA GLY B 147 3.58 8.87 7.23
C GLY B 147 4.00 7.43 7.43
N ASP B 148 4.61 6.81 6.42
CA ASP B 148 5.06 5.43 6.54
C ASP B 148 6.33 5.28 7.38
N VAL B 149 6.99 6.38 7.73
CA VAL B 149 8.23 6.34 8.50
C VAL B 149 7.89 6.40 9.98
N ASP B 150 8.20 5.33 10.71
CA ASP B 150 8.01 5.27 12.16
C ASP B 150 9.07 4.32 12.71
N MET B 151 10.29 4.82 12.82
CA MET B 151 11.45 4.00 13.17
C MET B 151 12.18 4.59 14.36
N VAL B 152 12.92 3.72 15.04
CA VAL B 152 13.86 4.12 16.10
C VAL B 152 15.21 3.53 15.74
N ILE B 153 16.20 4.40 15.54
CA ILE B 153 17.54 3.99 15.13
C ILE B 153 18.43 3.94 16.36
N PHE B 154 18.99 2.77 16.63
CA PHE B 154 20.00 2.58 17.65
C PHE B 154 21.36 2.59 16.97
N ARG B 155 22.14 3.63 17.23
CA ARG B 155 23.42 3.83 16.57
C ARG B 155 24.52 3.73 17.62
N GLU B 156 25.47 2.81 17.39
CA GLU B 156 26.66 2.76 18.23
C GLU B 156 27.50 4.01 17.97
N ASN B 157 28.06 4.56 19.04
CA ASN B 157 28.81 5.81 18.91
C ASN B 157 30.13 5.80 19.67
N SER B 158 30.57 4.64 20.18
CA SER B 158 31.85 4.52 20.85
C SER B 158 32.92 3.84 20.00
N GLU B 159 32.53 3.11 18.95
CA GLU B 159 33.47 2.36 18.14
C GLU B 159 33.46 2.82 16.69
N ASP B 160 34.02 2.01 15.79
CA ASP B 160 34.03 2.28 14.36
C ASP B 160 35.05 3.35 14.00
N ILE B 161 35.11 3.73 12.72
CA ILE B 161 36.09 4.71 12.27
C ILE B 161 35.94 6.03 13.02
N TYR B 162 34.74 6.33 13.51
CA TYR B 162 34.52 7.59 14.21
C TYR B 162 35.35 7.69 15.49
N ALA B 163 36.01 6.61 15.90
CA ALA B 163 36.91 6.67 17.05
C ALA B 163 37.99 7.73 16.86
N GLY B 164 38.46 7.89 15.63
CA GLY B 164 39.51 8.84 15.32
C GLY B 164 40.90 8.27 15.16
N VAL B 165 41.03 6.94 15.07
CA VAL B 165 42.33 6.29 14.93
C VAL B 165 42.76 6.42 13.47
N GLU B 166 43.59 7.41 13.17
CA GLU B 166 43.98 7.71 11.80
C GLU B 166 45.35 8.37 11.79
N TRP B 167 46.06 8.22 10.68
CA TRP B 167 47.40 8.80 10.52
C TRP B 167 47.53 9.45 9.16
N LYS B 168 48.18 10.61 9.14
CA LYS B 168 48.27 11.42 7.92
C LYS B 168 49.11 10.73 6.85
N ALA B 169 48.78 11.02 5.59
CA ALA B 169 49.54 10.49 4.47
C ALA B 169 50.92 11.13 4.41
N GLY B 170 51.89 10.38 3.90
CA GLY B 170 53.25 10.88 3.84
C GLY B 170 53.89 11.11 5.18
N SER B 171 53.30 10.60 6.26
CA SER B 171 53.80 10.76 7.62
C SER B 171 54.59 9.53 8.04
N PRO B 172 55.68 9.70 8.82
CA PRO B 172 56.41 8.50 9.28
C PRO B 172 55.52 7.47 9.94
N GLU B 173 54.57 7.91 10.76
CA GLU B 173 53.61 7.00 11.37
C GLU B 173 52.87 6.18 10.32
N ALA B 174 52.46 6.83 9.23
CA ALA B 174 51.77 6.10 8.17
C ALA B 174 52.69 5.06 7.54
N GLU B 175 53.90 5.48 7.15
CA GLU B 175 54.86 4.53 6.60
C GLU B 175 55.17 3.42 7.60
N LYS B 176 55.15 3.75 8.90
CA LYS B 176 55.45 2.76 9.93
C LYS B 176 54.35 1.71 10.01
N VAL B 177 53.08 2.15 10.01
CA VAL B 177 51.98 1.20 10.01
C VAL B 177 51.93 0.45 8.68
N ILE B 178 52.17 1.16 7.58
CA ILE B 178 52.14 0.52 6.26
C ILE B 178 53.23 -0.54 6.16
N LYS B 179 54.50 -0.13 6.31
CA LYS B 179 55.60 -1.07 6.22
C LYS B 179 55.45 -2.20 7.24
N PHE B 180 54.70 -1.98 8.31
CA PHE B 180 54.33 -3.07 9.20
C PHE B 180 53.25 -3.95 8.60
N LEU B 181 52.24 -3.34 7.97
CA LEU B 181 51.16 -4.11 7.37
C LEU B 181 51.67 -4.90 6.16
N THR B 182 52.35 -4.23 5.23
CA THR B 182 52.71 -4.89 3.98
C THR B 182 53.78 -5.97 4.19
N GLU B 183 54.64 -5.81 5.19
CA GLU B 183 55.76 -6.73 5.39
C GLU B 183 55.40 -7.88 6.33
N GLU B 184 55.01 -7.55 7.56
CA GLU B 184 54.80 -8.59 8.56
C GLU B 184 53.44 -9.26 8.43
N MET B 185 52.42 -8.52 7.97
CA MET B 185 51.08 -9.08 7.83
C MET B 185 50.82 -9.65 6.45
N GLY B 186 51.74 -9.47 5.51
CA GLY B 186 51.54 -9.96 4.16
C GLY B 186 50.43 -9.27 3.39
N VAL B 187 50.10 -8.04 3.76
CA VAL B 187 49.01 -7.32 3.10
C VAL B 187 49.47 -6.94 1.69
N LYS B 188 48.77 -7.49 0.68
CA LYS B 188 49.00 -7.12 -0.71
C LYS B 188 47.82 -6.42 -1.37
N LYS B 189 46.67 -6.31 -0.71
CA LYS B 189 45.47 -5.78 -1.33
C LYS B 189 45.46 -4.25 -1.39
N ILE B 190 46.45 -3.58 -0.82
CA ILE B 190 46.58 -2.14 -0.95
C ILE B 190 47.13 -1.83 -2.33
N ARG B 191 46.55 -0.84 -3.00
CA ARG B 191 46.93 -0.52 -4.38
C ARG B 191 48.04 0.52 -4.46
N PHE B 192 48.04 1.52 -3.58
CA PHE B 192 49.04 2.58 -3.59
C PHE B 192 49.60 2.73 -2.19
N THR B 193 50.88 2.38 -2.02
CA THR B 193 51.51 2.35 -0.72
C THR B 193 52.12 3.68 -0.31
N GLU B 194 52.42 4.57 -1.26
CA GLU B 194 53.01 5.86 -0.95
C GLU B 194 51.94 6.94 -0.88
N ASN B 195 52.19 7.95 -0.04
CA ASN B 195 51.26 9.04 0.17
C ASN B 195 49.86 8.51 0.44
N CYS B 196 49.76 7.68 1.47
CA CYS B 196 48.55 6.93 1.77
C CYS B 196 48.15 7.16 3.22
N GLY B 197 46.98 7.75 3.41
CA GLY B 197 46.42 7.88 4.75
C GLY B 197 45.68 6.62 5.16
N ILE B 198 45.79 6.26 6.44
CA ILE B 198 45.27 5.00 6.95
C ILE B 198 44.32 5.29 8.10
N GLY B 199 43.24 4.50 8.17
CA GLY B 199 42.34 4.53 9.29
C GLY B 199 42.03 3.10 9.74
N ILE B 200 41.61 2.99 10.99
CA ILE B 200 41.34 1.70 11.62
C ILE B 200 39.85 1.64 11.94
N LYS B 201 39.23 0.51 11.61
CA LYS B 201 37.80 0.30 11.89
C LYS B 201 37.64 -0.79 12.93
N PRO B 202 37.50 -0.45 14.22
CA PRO B 202 37.28 -1.49 15.23
C PRO B 202 35.80 -1.73 15.54
N VAL B 203 35.39 -2.99 15.50
CA VAL B 203 34.04 -3.40 15.89
C VAL B 203 34.19 -4.63 16.76
N SER B 204 33.96 -4.47 18.06
CA SER B 204 34.19 -5.54 19.01
C SER B 204 32.89 -6.26 19.35
N GLN B 205 33.02 -7.36 20.09
CA GLN B 205 31.86 -8.16 20.48
C GLN B 205 31.09 -7.48 21.60
N GLU B 206 31.78 -7.02 22.65
CA GLU B 206 31.10 -6.37 23.76
C GLU B 206 30.41 -5.10 23.29
N GLY B 207 31.13 -4.25 22.55
CA GLY B 207 30.54 -3.03 22.04
C GLY B 207 29.36 -3.29 21.12
N THR B 208 29.41 -4.40 20.37
CA THR B 208 28.29 -4.75 19.48
C THR B 208 27.10 -5.25 20.28
N LYS B 209 27.32 -6.13 21.25
CA LYS B 209 26.21 -6.76 21.95
C LYS B 209 25.50 -5.79 22.89
N ARG B 210 26.24 -4.85 23.49
CA ARG B 210 25.61 -3.90 24.39
C ARG B 210 24.74 -2.89 23.65
N LEU B 211 24.99 -2.68 22.36
CA LEU B 211 24.06 -1.91 21.54
C LEU B 211 22.83 -2.74 21.20
N VAL B 212 23.05 -3.90 20.57
CA VAL B 212 21.93 -4.74 20.14
C VAL B 212 21.09 -5.15 21.34
N ARG B 213 21.74 -5.36 22.50
CA ARG B 213 20.99 -5.67 23.72
C ARG B 213 20.06 -4.53 24.09
N LYS B 214 20.60 -3.31 24.17
CA LYS B 214 19.76 -2.14 24.44
C LYS B 214 18.75 -1.91 23.33
N ALA B 215 19.06 -2.34 22.11
CA ALA B 215 18.11 -2.21 21.01
C ALA B 215 17.01 -3.26 21.11
N LEU B 216 17.36 -4.48 21.49
CA LEU B 216 16.36 -5.52 21.63
C LEU B 216 15.42 -5.24 22.80
N GLN B 217 15.97 -4.81 23.95
CA GLN B 217 15.12 -4.57 25.11
C GLN B 217 14.19 -3.39 24.87
N TYR B 218 14.61 -2.38 24.11
CA TYR B 218 13.69 -1.32 23.74
C TYR B 218 12.53 -1.86 22.92
N ALA B 219 12.79 -2.88 22.10
CA ALA B 219 11.71 -3.48 21.30
C ALA B 219 10.68 -4.17 22.19
N VAL B 220 11.11 -4.72 23.32
CA VAL B 220 10.17 -5.40 24.22
C VAL B 220 9.58 -4.43 25.23
N ASP B 221 10.37 -3.46 25.71
CA ASP B 221 9.83 -2.48 26.64
C ASP B 221 8.83 -1.54 25.99
N ASN B 222 8.83 -1.46 24.65
CA ASN B 222 7.88 -0.61 23.93
C ASN B 222 7.08 -1.39 22.89
N ASP B 223 7.29 -2.70 22.77
CA ASP B 223 6.49 -3.56 21.90
C ASP B 223 6.54 -3.07 20.45
N ARG B 224 7.73 -3.07 19.89
CA ARG B 224 7.92 -2.75 18.49
C ARG B 224 7.99 -4.03 17.67
N SER B 225 7.46 -3.96 16.45
CA SER B 225 7.16 -5.18 15.70
C SER B 225 8.42 -5.97 15.33
N SER B 226 9.53 -5.29 15.07
CA SER B 226 10.73 -5.98 14.62
C SER B 226 11.96 -5.15 14.93
N VAL B 227 13.10 -5.82 14.94
CA VAL B 227 14.41 -5.19 15.07
C VAL B 227 15.25 -5.61 13.87
N THR B 228 15.82 -4.63 13.18
CA THR B 228 16.60 -4.88 11.97
C THR B 228 18.06 -4.53 12.26
N LEU B 229 18.95 -5.47 11.98
CA LEU B 229 20.38 -5.24 12.08
C LEU B 229 20.88 -4.76 10.72
N VAL B 230 21.25 -3.48 10.63
CA VAL B 230 21.74 -2.91 9.40
C VAL B 230 23.27 -2.99 9.40
N HIS B 231 23.83 -3.57 8.35
CA HIS B 231 25.24 -3.90 8.31
C HIS B 231 25.70 -3.95 6.87
N LYS B 232 26.99 -3.71 6.66
CA LYS B 232 27.61 -3.87 5.35
C LYS B 232 28.48 -5.13 5.33
N GLY B 233 27.95 -6.22 5.87
CA GLY B 233 28.74 -7.41 6.15
C GLY B 233 29.12 -8.23 4.94
N ASN B 234 28.45 -8.05 3.81
CA ASN B 234 28.78 -8.84 2.62
C ASN B 234 30.18 -8.53 2.09
N ILE B 235 30.74 -7.36 2.41
CA ILE B 235 32.10 -7.05 2.04
C ILE B 235 33.05 -6.99 3.24
N MET B 236 32.55 -6.70 4.43
CA MET B 236 33.36 -6.65 5.65
C MET B 236 32.83 -7.73 6.58
N LYS B 237 33.34 -8.95 6.41
CA LYS B 237 32.84 -10.07 7.20
C LYS B 237 33.28 -10.01 8.65
N PHE B 238 34.46 -9.46 8.93
CA PHE B 238 35.02 -9.48 10.26
C PHE B 238 34.69 -8.23 11.09
N THR B 239 34.17 -7.17 10.46
CA THR B 239 33.73 -6.00 11.21
C THR B 239 32.22 -5.87 11.17
N GLU B 240 31.68 -5.39 10.05
CA GLU B 240 30.23 -5.26 9.90
C GLU B 240 29.57 -6.63 9.88
N GLY B 241 30.17 -7.59 9.17
CA GLY B 241 29.64 -8.95 9.19
C GLY B 241 29.63 -9.55 10.59
N ALA B 242 30.72 -9.33 11.34
CA ALA B 242 30.75 -9.80 12.72
C ALA B 242 29.72 -9.09 13.59
N PHE B 243 29.43 -7.83 13.29
CA PHE B 243 28.34 -7.13 13.99
C PHE B 243 27.02 -7.85 13.77
N LYS B 244 26.75 -8.25 12.53
CA LYS B 244 25.52 -8.97 12.22
C LYS B 244 25.41 -10.24 13.07
N ASP B 245 26.40 -11.14 12.95
CA ASP B 245 26.33 -12.41 13.65
C ASP B 245 26.21 -12.20 15.15
N TRP B 246 27.05 -11.32 15.71
CA TRP B 246 26.94 -11.01 17.14
C TRP B 246 25.55 -10.54 17.51
N GLY B 247 24.94 -9.70 16.67
CA GLY B 247 23.60 -9.24 16.96
C GLY B 247 22.59 -10.37 17.00
N TYR B 248 22.68 -11.30 16.06
CA TYR B 248 21.81 -12.46 16.07
C TYR B 248 22.06 -13.34 17.29
N GLU B 249 23.31 -13.40 17.75
CA GLU B 249 23.63 -14.18 18.95
C GLU B 249 22.83 -13.65 20.15
N VAL B 250 22.86 -12.33 20.36
CA VAL B 250 22.17 -11.74 21.50
C VAL B 250 20.72 -12.19 21.54
N ALA B 251 20.08 -12.26 20.36
CA ALA B 251 18.68 -12.66 20.30
C ALA B 251 18.48 -14.06 20.87
N ARG B 252 19.29 -15.02 20.43
CA ARG B 252 19.22 -16.35 21.02
C ARG B 252 19.54 -16.32 22.51
N ASP B 253 20.44 -15.44 22.93
CA ASP B 253 21.04 -15.58 24.26
C ASP B 253 20.16 -15.01 25.34
N GLU B 254 19.70 -13.77 25.19
CA GLU B 254 19.02 -13.05 26.25
C GLU B 254 17.59 -12.65 25.88
N PHE B 255 17.09 -13.14 24.74
CA PHE B 255 15.71 -12.85 24.36
C PHE B 255 14.97 -14.06 23.80
N GLY B 256 15.64 -15.21 23.62
CA GLY B 256 14.97 -16.42 23.21
C GLY B 256 14.46 -16.42 21.78
N ALA B 257 15.34 -16.12 20.83
CA ALA B 257 14.98 -16.06 19.42
C ALA B 257 15.35 -17.37 18.73
N GLU B 258 14.44 -17.86 17.90
CA GLU B 258 14.69 -19.03 17.08
C GLU B 258 14.33 -18.70 15.64
N LEU B 259 14.97 -19.42 14.71
CA LEU B 259 14.85 -19.13 13.29
C LEU B 259 13.39 -19.27 12.84
N LEU B 260 13.11 -18.67 11.67
CA LEU B 260 11.79 -18.74 11.05
C LEU B 260 11.93 -19.12 9.59
N ASP B 261 10.95 -19.87 9.09
CA ASP B 261 10.80 -20.17 7.67
C ASP B 261 12.16 -20.36 6.99
N GLY B 262 13.02 -21.12 7.64
CA GLY B 262 14.32 -21.44 7.09
C GLY B 262 15.37 -20.36 7.20
N GLY B 263 15.15 -19.33 8.02
CA GLY B 263 16.13 -18.27 8.19
C GLY B 263 16.26 -17.39 6.97
N PRO B 264 17.31 -16.55 6.92
CA PRO B 264 18.30 -16.35 7.98
C PRO B 264 17.77 -15.57 9.19
N TRP B 265 16.67 -14.85 9.01
CA TRP B 265 16.13 -14.00 10.07
C TRP B 265 15.68 -14.85 11.25
N MET B 266 15.13 -14.23 12.29
CA MET B 266 14.76 -14.94 13.51
C MET B 266 13.52 -14.30 14.12
N GLN B 267 12.95 -14.97 15.13
CA GLN B 267 11.78 -14.45 15.83
C GLN B 267 11.81 -14.92 17.28
N PHE B 268 11.36 -14.06 18.18
CA PHE B 268 11.13 -14.42 19.58
C PHE B 268 9.77 -13.82 19.95
N LYS B 269 9.52 -13.67 21.25
CA LYS B 269 8.27 -13.05 21.69
C LYS B 269 8.45 -12.38 23.04
N ASN B 270 8.13 -11.09 23.08
CA ASN B 270 8.14 -10.32 24.32
C ASN B 270 7.26 -11.01 25.36
N PRO B 271 7.68 -11.06 26.64
CA PRO B 271 6.76 -11.51 27.68
C PRO B 271 5.63 -10.54 27.97
N LYS B 272 5.63 -9.35 27.36
CA LYS B 272 4.63 -8.33 27.63
C LYS B 272 3.43 -8.39 26.70
N THR B 273 3.62 -8.90 25.48
CA THR B 273 2.55 -8.96 24.50
C THR B 273 2.30 -10.36 23.96
N GLY B 274 3.35 -11.14 23.78
CA GLY B 274 3.23 -12.41 23.09
C GLY B 274 3.12 -12.29 21.58
N LYS B 275 3.02 -11.08 21.05
CA LYS B 275 2.99 -10.90 19.60
C LYS B 275 4.38 -11.16 19.03
N ASN B 276 4.42 -11.72 17.83
CA ASN B 276 5.63 -12.32 17.27
C ASN B 276 6.58 -11.24 16.75
N VAL B 277 7.65 -10.97 17.50
CA VAL B 277 8.66 -10.03 17.06
C VAL B 277 9.54 -10.69 16.01
N VAL B 278 10.20 -9.87 15.21
CA VAL B 278 11.07 -10.34 14.13
C VAL B 278 12.43 -9.68 14.28
N VAL B 279 13.49 -10.48 14.13
CA VAL B 279 14.86 -10.00 14.20
C VAL B 279 15.48 -10.30 12.84
N LYS B 280 15.54 -9.30 11.98
CA LYS B 280 16.05 -9.44 10.63
C LYS B 280 17.27 -8.57 10.43
N ASP B 281 17.86 -8.68 9.24
CA ASP B 281 19.04 -7.90 8.89
C ASP B 281 18.92 -7.45 7.43
N VAL B 282 19.51 -6.29 7.15
CA VAL B 282 19.50 -5.71 5.81
C VAL B 282 20.88 -5.13 5.54
N ILE B 283 21.33 -5.24 4.29
CA ILE B 283 22.62 -4.68 3.93
C ILE B 283 22.51 -3.16 3.87
N ALA B 284 23.54 -2.48 4.36
CA ALA B 284 23.45 -1.03 4.60
C ALA B 284 22.98 -0.29 3.36
N ASP B 285 23.71 -0.43 2.24
CA ASP B 285 23.35 0.32 1.04
C ASP B 285 21.96 -0.05 0.53
N ALA B 286 21.55 -1.30 0.73
CA ALA B 286 20.18 -1.67 0.39
C ALA B 286 19.19 -1.00 1.33
N MET B 287 19.56 -0.85 2.60
CA MET B 287 18.67 -0.22 3.58
C MET B 287 18.32 1.21 3.16
N LEU B 288 19.30 1.94 2.63
CA LEU B 288 19.01 3.31 2.20
C LEU B 288 17.94 3.34 1.12
N GLN B 289 17.83 2.27 0.33
CA GLN B 289 16.74 2.15 -0.62
C GLN B 289 15.44 1.76 0.08
N GLN B 290 15.51 0.82 1.02
CA GLN B 290 14.31 0.30 1.65
C GLN B 290 13.53 1.39 2.37
N ILE B 291 14.23 2.31 3.06
CA ILE B 291 13.52 3.35 3.80
C ILE B 291 12.74 4.27 2.88
N LEU B 292 13.09 4.32 1.59
CA LEU B 292 12.33 5.10 0.63
C LEU B 292 11.20 4.29 -0.01
N LEU B 293 11.40 3.00 -0.21
CA LEU B 293 10.45 2.17 -0.93
C LEU B 293 9.51 1.40 0.00
N ARG B 294 10.02 0.82 1.10
CA ARG B 294 9.21 0.01 2.00
C ARG B 294 9.46 0.39 3.46
N PRO B 295 9.40 1.68 3.79
CA PRO B 295 9.69 2.08 5.18
C PRO B 295 8.72 1.51 6.20
N ALA B 296 7.49 1.16 5.79
CA ALA B 296 6.50 0.65 6.73
C ALA B 296 6.87 -0.68 7.34
N GLU B 297 7.85 -1.39 6.79
CA GLU B 297 8.23 -2.73 7.27
C GLU B 297 9.36 -2.71 8.29
N TYR B 298 9.79 -1.54 8.75
CA TYR B 298 10.89 -1.44 9.69
C TYR B 298 10.46 -0.60 10.89
N ASP B 299 10.91 -1.02 12.07
CA ASP B 299 10.54 -0.34 13.31
C ASP B 299 11.80 0.07 14.08
N VAL B 300 12.43 -0.87 14.76
CA VAL B 300 13.64 -0.60 15.52
C VAL B 300 14.84 -1.01 14.69
N ILE B 301 15.88 -0.17 14.69
CA ILE B 301 17.09 -0.41 13.91
C ILE B 301 18.28 -0.41 14.86
N ALA B 302 19.10 -1.44 14.78
CA ALA B 302 20.39 -1.49 15.46
C ALA B 302 21.48 -1.58 14.40
N THR B 303 22.46 -0.70 14.48
CA THR B 303 23.46 -0.59 13.42
C THR B 303 24.72 0.04 14.00
N LEU B 304 25.72 0.22 13.14
CA LEU B 304 27.00 0.74 13.59
C LEU B 304 27.01 2.27 13.53
N ASN B 305 28.16 2.85 13.91
CA ASN B 305 28.29 4.30 13.99
C ASN B 305 28.07 4.94 12.64
N LEU B 306 28.93 4.62 11.66
CA LEU B 306 28.85 5.26 10.36
C LEU B 306 27.49 5.03 9.71
N ASN B 307 27.06 3.76 9.65
CA ASN B 307 25.76 3.44 9.07
C ASN B 307 24.65 4.20 9.78
N GLY B 308 24.63 4.15 11.11
CA GLY B 308 23.61 4.86 11.86
C GLY B 308 23.60 6.35 11.52
N ASP B 309 24.79 6.95 11.39
CA ASP B 309 24.85 8.37 11.04
C ASP B 309 24.18 8.64 9.71
N TYR B 310 24.57 7.90 8.67
CA TYR B 310 23.96 8.09 7.36
C TYR B 310 22.47 7.78 7.39
N LEU B 311 22.08 6.73 8.13
CA LEU B 311 20.69 6.31 8.15
C LEU B 311 19.80 7.35 8.81
N SER B 312 20.22 7.90 9.94
CA SER B 312 19.41 8.88 10.65
C SER B 312 19.26 10.16 9.82
N ASP B 313 20.33 10.58 9.15
CA ASP B 313 20.25 11.79 8.32
C ASP B 313 19.28 11.60 7.16
N ALA B 314 19.28 10.40 6.55
CA ALA B 314 18.40 10.15 5.42
C ALA B 314 16.94 10.20 5.86
N LEU B 315 16.62 9.51 6.96
CA LEU B 315 15.24 9.50 7.45
C LEU B 315 14.78 10.90 7.85
N ALA B 316 15.65 11.67 8.50
CA ALA B 316 15.28 13.01 8.93
C ALA B 316 14.81 13.85 7.76
N ALA B 317 15.62 13.95 6.71
CA ALA B 317 15.21 14.68 5.51
C ALA B 317 13.97 14.06 4.89
N GLU B 318 13.80 12.76 5.04
CA GLU B 318 12.67 12.07 4.41
C GLU B 318 11.33 12.53 5.00
N VAL B 319 11.29 12.86 6.28
CA VAL B 319 10.07 13.30 6.95
C VAL B 319 10.08 14.80 7.23
N GLY B 320 10.99 15.55 6.60
CA GLY B 320 11.07 16.97 6.86
C GLY B 320 11.31 17.32 8.32
N GLY B 321 11.95 16.43 9.07
CA GLY B 321 12.16 16.62 10.49
C GLY B 321 13.61 16.85 10.88
N ILE B 322 14.40 17.44 9.98
CA ILE B 322 15.80 17.71 10.28
C ILE B 322 15.90 18.61 11.51
N GLY B 323 15.17 19.72 11.51
CA GLY B 323 15.25 20.71 12.56
C GLY B 323 14.56 20.35 13.87
N ILE B 324 13.88 19.21 13.95
CA ILE B 324 13.18 18.82 15.17
C ILE B 324 13.51 17.37 15.50
N ALA B 325 14.78 17.00 15.43
CA ALA B 325 15.18 15.60 15.60
C ALA B 325 15.47 15.31 17.06
N PRO B 326 14.70 14.44 17.72
CA PRO B 326 15.05 14.05 19.09
C PRO B 326 16.22 13.08 19.10
N GLY B 327 16.94 13.08 20.22
CA GLY B 327 18.11 12.24 20.34
C GLY B 327 18.46 11.99 21.78
N ALA B 328 19.12 10.85 22.03
CA ALA B 328 19.57 10.49 23.37
C ALA B 328 20.84 9.67 23.26
N ASN B 329 21.70 9.81 24.28
CA ASN B 329 22.91 9.02 24.39
C ASN B 329 22.85 8.24 25.71
N LEU B 330 22.95 6.92 25.61
CA LEU B 330 22.71 6.04 26.73
C LEU B 330 23.95 5.20 27.02
N SER B 331 24.03 4.74 28.28
CA SER B 331 25.03 3.76 28.68
C SER B 331 24.32 2.52 29.20
N ASP B 332 25.00 1.70 30.00
CA ASP B 332 24.32 0.58 30.63
C ASP B 332 23.14 1.06 31.45
N SER B 333 23.28 2.19 32.11
CA SER B 333 22.21 2.81 32.88
C SER B 333 22.10 4.30 32.64
N VAL B 334 23.22 5.01 32.53
CA VAL B 334 23.18 6.46 32.34
C VAL B 334 22.44 6.77 31.05
N ALA B 335 21.48 7.68 31.13
CA ALA B 335 20.68 8.09 29.98
C ALA B 335 20.62 9.61 29.93
N MET B 336 21.19 10.19 28.89
CA MET B 336 21.22 11.63 28.71
C MET B 336 20.50 11.98 27.41
N PHE B 337 19.38 12.69 27.54
CA PHE B 337 18.57 13.09 26.40
C PHE B 337 18.92 14.53 26.04
N GLU B 338 18.93 14.83 24.75
CA GLU B 338 19.51 16.07 24.28
C GLU B 338 18.78 16.57 23.05
N ALA B 339 18.95 17.87 22.79
CA ALA B 339 18.59 18.43 21.49
C ALA B 339 19.71 18.16 20.50
N THR B 340 19.33 17.79 19.27
CA THR B 340 20.29 17.33 18.27
C THR B 340 20.78 18.43 17.34
N HIS B 341 20.18 19.62 17.37
CA HIS B 341 20.63 20.70 16.51
C HIS B 341 21.77 21.46 17.19
N GLY B 342 22.30 22.46 16.51
CA GLY B 342 23.39 23.26 17.02
C GLY B 342 22.91 24.28 18.03
N THR B 343 23.81 25.22 18.35
CA THR B 343 23.52 26.25 19.34
C THR B 343 22.87 27.49 18.73
N ALA B 344 22.95 27.67 17.41
CA ALA B 344 22.34 28.81 16.73
C ALA B 344 22.68 30.11 17.46
N PRO B 345 23.94 30.53 17.44
CA PRO B 345 24.31 31.73 18.23
C PRO B 345 23.52 32.97 17.84
N LYS B 346 23.40 33.26 16.54
CA LYS B 346 22.72 34.47 16.09
C LYS B 346 21.31 34.55 16.66
N TYR B 347 20.69 33.42 16.98
CA TYR B 347 19.30 33.38 17.42
C TYR B 347 19.17 33.22 18.93
N ALA B 348 20.26 33.38 19.68
CA ALA B 348 20.26 33.10 21.10
C ALA B 348 19.43 34.11 21.88
N GLY B 349 18.55 33.61 22.75
CA GLY B 349 17.77 34.45 23.63
C GLY B 349 16.58 35.15 23.01
N GLN B 350 16.42 35.04 21.69
CA GLN B 350 15.41 35.81 20.97
C GLN B 350 14.06 35.10 20.88
N ASP B 351 13.94 33.91 21.44
CA ASP B 351 12.65 33.21 21.55
C ASP B 351 12.03 32.95 20.18
N LYS B 352 12.84 32.44 19.26
CA LYS B 352 12.42 32.14 17.89
C LYS B 352 12.51 30.66 17.52
N VAL B 353 13.60 29.98 17.90
CA VAL B 353 13.90 28.66 17.34
C VAL B 353 12.83 27.66 17.74
N ASN B 354 12.87 26.48 17.12
CA ASN B 354 11.85 25.46 17.32
C ASN B 354 12.24 24.62 18.51
N PRO B 355 11.37 24.52 19.56
CA PRO B 355 11.69 23.64 20.69
C PRO B 355 11.28 22.19 20.47
N GLY B 356 10.82 21.83 19.28
CA GLY B 356 10.35 20.48 19.04
C GLY B 356 11.42 19.44 19.32
N SER B 357 12.66 19.75 18.95
CA SER B 357 13.76 18.80 19.17
C SER B 357 13.88 18.45 20.65
N LEU B 358 14.11 19.45 21.50
CA LEU B 358 14.25 19.18 22.93
C LEU B 358 12.97 18.63 23.54
N ILE B 359 11.81 19.08 23.05
CA ILE B 359 10.54 18.58 23.57
C ILE B 359 10.38 17.09 23.25
N LEU B 360 10.69 16.71 22.01
CA LEU B 360 10.51 15.31 21.61
C LEU B 360 11.54 14.40 22.24
N SER B 361 12.76 14.89 22.44
CA SER B 361 13.74 14.11 23.19
C SER B 361 13.32 13.96 24.65
N ALA B 362 12.52 14.89 25.17
CA ALA B 362 11.92 14.71 26.49
C ALA B 362 10.85 13.63 26.47
N GLU B 363 10.16 13.48 25.34
CA GLU B 363 9.19 12.38 25.22
C GLU B 363 9.89 11.03 25.35
N MET B 364 11.09 10.90 24.77
CA MET B 364 11.89 9.70 24.99
C MET B 364 12.15 9.51 26.48
N MET B 365 12.60 10.56 27.16
CA MET B 365 12.88 10.47 28.59
C MET B 365 11.69 9.88 29.35
N LEU B 366 10.50 10.47 29.14
CA LEU B 366 9.30 9.93 29.78
C LEU B 366 9.07 8.49 29.36
N ARG B 367 9.19 8.21 28.06
CA ARG B 367 9.05 6.84 27.57
C ARG B 367 10.06 5.92 28.24
N HIS B 368 11.29 6.42 28.48
CA HIS B 368 12.33 5.60 29.07
C HIS B 368 12.09 5.33 30.54
N MET B 369 11.36 6.21 31.23
CA MET B 369 11.03 6.03 32.63
C MET B 369 9.77 5.22 32.85
N GLY B 370 9.20 4.63 31.79
CA GLY B 370 7.96 3.89 31.91
C GLY B 370 6.72 4.74 31.89
N TRP B 371 6.85 6.07 31.94
CA TRP B 371 5.71 6.97 31.91
C TRP B 371 5.20 7.13 30.47
N THR B 372 4.80 5.99 29.89
CA THR B 372 4.41 5.98 28.48
C THR B 372 3.22 6.89 28.21
N GLU B 373 2.38 7.14 29.22
CA GLU B 373 1.21 7.99 29.01
C GLU B 373 1.61 9.45 28.89
N ALA B 374 2.46 9.93 29.80
CA ALA B 374 2.97 11.30 29.68
C ALA B 374 3.73 11.49 28.37
N ALA B 375 4.49 10.48 27.97
CA ALA B 375 5.20 10.56 26.70
C ALA B 375 4.22 10.67 25.54
N ASP B 376 3.14 9.88 25.56
CA ASP B 376 2.15 9.94 24.50
C ASP B 376 1.48 11.31 24.43
N LEU B 377 1.27 11.96 25.59
CA LEU B 377 0.64 13.28 25.57
C LEU B 377 1.49 14.29 24.80
N ILE B 378 2.81 14.18 24.90
CA ILE B 378 3.67 15.08 24.14
C ILE B 378 3.53 14.81 22.65
N ILE B 379 3.40 13.54 22.26
CA ILE B 379 3.18 13.22 20.85
C ILE B 379 1.84 13.75 20.38
N LYS B 380 0.79 13.48 21.14
CA LYS B 380 -0.54 13.97 20.78
C LYS B 380 -0.54 15.49 20.63
N GLY B 381 0.10 16.19 21.57
CA GLY B 381 0.19 17.64 21.48
C GLY B 381 1.02 18.10 20.30
N THR B 382 2.00 17.30 19.89
CA THR B 382 2.84 17.68 18.75
C THR B 382 2.04 17.60 17.45
N ASN B 383 1.38 16.47 17.18
CA ASN B 383 0.56 16.37 15.98
C ASN B 383 -0.50 17.47 15.96
N GLY B 384 -1.11 17.75 17.11
CA GLY B 384 -2.14 18.77 17.19
C GLY B 384 -1.63 20.13 16.76
N ALA B 385 -0.58 20.62 17.43
CA ALA B 385 -0.06 21.94 17.11
C ALA B 385 0.37 22.03 15.66
N ILE B 386 1.05 21.00 15.16
CA ILE B 386 1.52 21.03 13.77
C ILE B 386 0.35 20.92 12.82
N ALA B 387 -0.56 19.99 13.08
CA ALA B 387 -1.79 19.89 12.27
C ALA B 387 -2.60 21.18 12.38
N ALA B 388 -2.63 21.78 13.58
CA ALA B 388 -3.31 23.04 13.80
C ALA B 388 -2.68 24.21 13.06
N LYS B 389 -1.49 24.01 12.47
CA LYS B 389 -0.78 25.04 11.72
C LYS B 389 -0.28 26.16 12.62
N THR B 390 -0.12 25.89 13.91
CA THR B 390 0.50 26.82 14.86
C THR B 390 1.94 26.36 15.05
N VAL B 391 2.88 27.02 14.37
CA VAL B 391 4.24 26.51 14.25
C VAL B 391 5.23 27.66 14.40
N THR B 392 6.50 27.29 14.58
CA THR B 392 7.59 28.24 14.67
C THR B 392 8.02 28.71 13.28
N TYR B 393 8.93 29.68 13.26
CA TYR B 393 9.30 30.33 12.00
C TYR B 393 9.81 29.32 10.99
N ASP B 394 10.62 28.36 11.43
CA ASP B 394 11.24 27.42 10.50
C ASP B 394 10.19 26.68 9.67
N PHE B 395 9.09 26.26 10.31
CA PHE B 395 8.02 25.58 9.59
C PHE B 395 7.11 26.59 8.88
N GLU B 396 6.88 27.75 9.50
CA GLU B 396 5.96 28.72 8.94
C GLU B 396 6.38 29.17 7.55
N ARG B 397 7.69 29.28 7.29
CA ARG B 397 8.15 29.77 6.01
C ARG B 397 8.01 28.76 4.88
N LEU B 398 7.84 27.47 5.21
CA LEU B 398 7.69 26.42 4.21
C LEU B 398 6.25 25.96 4.03
N MET B 399 5.32 26.51 4.80
CA MET B 399 3.92 26.14 4.72
C MET B 399 3.11 27.28 4.12
N ASP B 400 1.97 26.92 3.52
CA ASP B 400 0.98 27.90 3.06
C ASP B 400 -0.13 28.00 4.09
N GLY B 401 -0.62 29.22 4.32
CA GLY B 401 -1.63 29.45 5.32
C GLY B 401 -1.18 29.00 6.69
N ALA B 402 -0.01 29.47 7.11
CA ALA B 402 0.59 29.10 8.38
C ALA B 402 0.54 30.26 9.36
N THR B 403 0.52 29.94 10.65
CA THR B 403 0.45 30.92 11.72
C THR B 403 1.81 30.98 12.42
N LEU B 404 2.44 32.14 12.41
CA LEU B 404 3.74 32.30 13.05
C LEU B 404 3.59 32.34 14.57
N LEU B 405 4.28 31.43 15.25
CA LEU B 405 4.34 31.43 16.71
C LEU B 405 5.79 31.50 17.15
N SER B 406 6.01 32.08 18.33
CA SER B 406 7.33 32.07 18.93
C SER B 406 7.55 30.75 19.66
N CYS B 407 8.76 30.56 20.18
CA CYS B 407 9.10 29.31 20.85
C CYS B 407 8.21 29.07 22.06
N SER B 408 8.11 30.04 22.96
CA SER B 408 7.34 29.85 24.18
C SER B 408 5.85 29.62 23.91
N GLU B 409 5.27 30.40 23.00
CA GLU B 409 3.86 30.20 22.66
C GLU B 409 3.62 28.83 22.05
N PHE B 410 4.55 28.37 21.21
CA PHE B 410 4.40 27.05 20.60
C PHE B 410 4.33 25.96 21.66
N GLY B 411 5.11 26.10 22.73
CA GLY B 411 5.00 25.18 23.84
C GLY B 411 3.59 25.21 24.44
N ASP B 412 3.06 26.42 24.66
CA ASP B 412 1.70 26.55 25.17
C ASP B 412 0.69 25.96 24.18
N ALA B 413 0.95 26.11 22.88
CA ALA B 413 0.06 25.53 21.88
C ALA B 413 0.00 24.02 22.02
N MET B 414 1.11 23.38 22.40
CA MET B 414 1.10 21.94 22.64
C MET B 414 0.22 21.60 23.84
N ILE B 415 0.42 22.31 24.95
CA ILE B 415 -0.33 22.02 26.18
C ILE B 415 -1.82 22.19 25.96
N ALA B 416 -2.22 23.14 25.11
CA ALA B 416 -3.63 23.39 24.87
C ALA B 416 -4.27 22.31 24.03
N LYS B 417 -3.49 21.37 23.48
CA LYS B 417 -4.01 20.32 22.63
C LYS B 417 -3.51 18.94 23.05
N MET B 418 -3.23 18.77 24.34
CA MET B 418 -2.92 17.45 24.88
C MET B 418 -3.96 17.05 25.92
N MET C 1 -25.93 -34.26 -41.75
CA MET C 1 -25.97 -32.96 -41.01
C MET C 1 -25.12 -33.02 -39.75
N GLY C 2 -24.53 -31.89 -39.38
CA GLY C 2 -23.70 -31.79 -38.20
C GLY C 2 -22.21 -31.99 -38.42
N TYR C 3 -21.76 -32.02 -39.68
CA TYR C 3 -20.35 -32.25 -39.98
C TYR C 3 -19.86 -31.31 -41.08
N GLN C 4 -20.48 -30.14 -41.21
CA GLN C 4 -20.04 -29.15 -42.20
C GLN C 4 -18.54 -28.92 -42.10
N LYS C 5 -18.04 -28.63 -40.89
CA LYS C 5 -16.61 -28.49 -40.69
C LYS C 5 -16.16 -28.98 -39.32
N ILE C 6 -17.01 -29.66 -38.55
CA ILE C 6 -16.62 -30.23 -37.27
C ILE C 6 -16.09 -31.65 -37.51
N GLN C 7 -14.88 -31.91 -37.02
CA GLN C 7 -14.27 -33.23 -37.14
C GLN C 7 -14.58 -34.01 -35.87
N VAL C 8 -15.56 -34.90 -35.95
CA VAL C 8 -15.96 -35.71 -34.78
C VAL C 8 -14.89 -36.75 -34.50
N PRO C 9 -14.41 -36.88 -33.27
CA PRO C 9 -13.44 -37.93 -32.96
C PRO C 9 -13.94 -39.31 -33.39
N ALA C 10 -13.04 -40.10 -33.95
CA ALA C 10 -13.40 -41.44 -34.40
C ALA C 10 -13.62 -42.37 -33.22
N THR C 11 -12.76 -42.30 -32.22
CA THR C 11 -12.85 -43.10 -31.00
C THR C 11 -13.84 -42.53 -29.99
N GLY C 12 -14.80 -41.70 -30.41
CA GLY C 12 -15.63 -40.97 -29.47
C GLY C 12 -16.91 -41.66 -29.02
N ASP C 13 -17.42 -41.18 -27.88
CA ASP C 13 -18.69 -41.58 -27.30
C ASP C 13 -19.46 -40.32 -26.92
N LYS C 14 -20.77 -40.47 -26.71
CA LYS C 14 -21.64 -39.32 -26.51
C LYS C 14 -22.14 -39.20 -25.06
N ILE C 15 -22.97 -38.19 -24.85
CA ILE C 15 -23.54 -37.85 -23.55
C ILE C 15 -25.06 -37.90 -23.70
N THR C 16 -25.71 -38.75 -22.93
CA THR C 16 -27.15 -38.92 -22.98
C THR C 16 -27.79 -38.40 -21.70
N VAL C 17 -29.06 -38.00 -21.81
CA VAL C 17 -29.82 -37.44 -20.69
C VAL C 17 -30.86 -38.48 -20.29
N ASN C 18 -30.62 -39.16 -19.17
CA ASN C 18 -31.56 -40.15 -18.63
C ASN C 18 -31.90 -39.84 -17.18
N ALA C 19 -32.82 -40.64 -16.64
CA ALA C 19 -33.13 -40.69 -15.22
C ALA C 19 -33.39 -39.32 -14.61
N ASP C 20 -34.40 -38.63 -15.15
CA ASP C 20 -34.82 -37.32 -14.63
C ASP C 20 -33.72 -36.27 -14.82
N MET C 21 -33.23 -36.14 -16.05
CA MET C 21 -32.20 -35.18 -16.45
C MET C 21 -30.82 -35.59 -15.96
N SER C 22 -30.65 -36.78 -15.42
CA SER C 22 -29.33 -37.26 -15.05
C SER C 22 -28.49 -37.50 -16.29
N LEU C 23 -27.18 -37.62 -16.09
CA LEU C 23 -26.22 -37.77 -17.18
C LEU C 23 -25.55 -39.13 -17.10
N SER C 24 -25.67 -39.92 -18.16
CA SER C 24 -24.89 -41.13 -18.33
C SER C 24 -23.61 -40.75 -19.05
N VAL C 25 -22.48 -40.92 -18.39
CA VAL C 25 -21.20 -40.46 -18.93
C VAL C 25 -20.38 -41.68 -19.31
N PRO C 26 -20.11 -41.90 -20.59
CA PRO C 26 -19.21 -42.99 -20.98
C PRO C 26 -17.78 -42.63 -20.63
N LYS C 27 -16.94 -43.66 -20.57
CA LYS C 27 -15.53 -43.47 -20.22
C LYS C 27 -14.67 -43.22 -21.44
N ASN C 28 -15.24 -42.53 -22.42
CA ASN C 28 -14.63 -42.18 -23.70
C ASN C 28 -15.36 -40.96 -24.25
N PRO C 29 -15.71 -39.98 -23.40
CA PRO C 29 -16.68 -38.96 -23.82
C PRO C 29 -16.07 -37.95 -24.79
N ILE C 30 -16.95 -37.37 -25.60
CA ILE C 30 -16.61 -36.25 -26.48
C ILE C 30 -16.99 -34.96 -25.77
N ILE C 31 -16.01 -34.07 -25.61
CA ILE C 31 -16.26 -32.78 -24.99
C ILE C 31 -15.98 -31.71 -26.03
N PRO C 32 -16.99 -31.01 -26.55
CA PRO C 32 -16.72 -29.87 -27.42
C PRO C 32 -15.96 -28.80 -26.65
N PHE C 33 -15.25 -27.95 -27.40
CA PHE C 33 -14.58 -26.82 -26.78
C PHE C 33 -14.41 -25.73 -27.82
N ILE C 34 -14.96 -24.55 -27.52
CA ILE C 34 -14.59 -23.33 -28.24
C ILE C 34 -13.32 -22.80 -27.61
N GLU C 35 -12.28 -22.65 -28.41
CA GLU C 35 -10.99 -22.23 -27.87
C GLU C 35 -11.07 -20.80 -27.34
N GLY C 36 -11.97 -19.99 -27.90
CA GLY C 36 -12.16 -18.62 -27.48
C GLY C 36 -11.22 -17.67 -28.20
N ASP C 37 -11.64 -16.42 -28.26
CA ASP C 37 -10.89 -15.38 -28.96
C ASP C 37 -9.76 -14.87 -28.09
N GLY C 38 -8.99 -13.93 -28.64
CA GLY C 38 -7.90 -13.31 -27.91
C GLY C 38 -6.97 -14.32 -27.27
N ILE C 39 -6.90 -14.28 -25.95
CA ILE C 39 -6.02 -15.16 -25.19
C ILE C 39 -6.62 -16.56 -25.06
N GLY C 40 -7.75 -16.79 -25.73
CA GLY C 40 -8.27 -18.14 -25.78
C GLY C 40 -7.29 -19.12 -26.39
N VAL C 41 -6.48 -18.65 -27.34
CA VAL C 41 -5.49 -19.53 -27.96
C VAL C 41 -4.47 -19.99 -26.93
N ASP C 42 -4.23 -19.20 -25.88
CA ASP C 42 -3.19 -19.51 -24.91
C ASP C 42 -3.69 -20.42 -23.79
N ILE C 43 -4.84 -20.11 -23.22
CA ILE C 43 -5.27 -20.80 -22.00
C ILE C 43 -5.93 -22.14 -22.32
N SER C 44 -6.60 -22.24 -23.47
CA SER C 44 -7.34 -23.47 -23.78
C SER C 44 -6.40 -24.66 -23.98
N PRO C 45 -5.32 -24.56 -24.75
CA PRO C 45 -4.41 -25.72 -24.82
C PRO C 45 -3.85 -26.10 -23.46
N VAL C 46 -3.47 -25.12 -22.65
CA VAL C 46 -3.00 -25.40 -21.30
C VAL C 46 -4.10 -26.10 -20.51
N MET C 47 -5.34 -25.61 -20.64
CA MET C 47 -6.45 -26.29 -20.00
C MET C 47 -6.51 -27.73 -20.48
N ILE C 48 -6.56 -27.92 -21.80
CA ILE C 48 -6.61 -29.26 -22.39
C ILE C 48 -5.47 -30.13 -21.85
N LYS C 49 -4.28 -29.55 -21.68
CA LYS C 49 -3.15 -30.32 -21.19
C LYS C 49 -3.33 -30.65 -19.71
N VAL C 50 -3.79 -29.69 -18.90
CA VAL C 50 -3.98 -29.97 -17.47
C VAL C 50 -5.09 -30.98 -17.27
N VAL C 51 -6.20 -30.86 -18.01
CA VAL C 51 -7.27 -31.84 -17.92
C VAL C 51 -6.74 -33.21 -18.35
N ASP C 52 -5.98 -33.28 -19.44
CA ASP C 52 -5.39 -34.55 -19.85
C ASP C 52 -4.53 -35.14 -18.76
N ALA C 53 -3.77 -34.30 -18.05
CA ALA C 53 -2.94 -34.79 -16.95
C ALA C 53 -3.79 -35.30 -15.79
N ALA C 54 -4.84 -34.56 -15.42
CA ALA C 54 -5.66 -34.96 -14.30
C ALA C 54 -6.46 -36.22 -14.60
N VAL C 55 -6.98 -36.36 -15.84
CA VAL C 55 -7.74 -37.55 -16.21
C VAL C 55 -6.87 -38.80 -16.15
N GLU C 56 -5.59 -38.69 -16.49
CA GLU C 56 -4.75 -39.87 -16.65
C GLU C 56 -4.24 -40.39 -15.31
N LYS C 57 -3.75 -39.50 -14.43
CA LYS C 57 -3.13 -39.96 -13.20
C LYS C 57 -4.14 -40.64 -12.28
N ALA C 58 -5.31 -40.03 -12.10
CA ALA C 58 -6.32 -40.62 -11.24
C ALA C 58 -6.89 -41.90 -11.84
N TYR C 59 -7.21 -41.85 -13.14
CA TYR C 59 -7.79 -42.99 -13.86
C TYR C 59 -6.79 -43.40 -14.94
N LYS C 60 -5.92 -44.35 -14.61
CA LYS C 60 -4.77 -44.67 -15.45
C LYS C 60 -5.21 -45.49 -16.66
N GLY C 61 -5.47 -44.79 -17.76
CA GLY C 61 -5.80 -45.40 -19.04
C GLY C 61 -7.24 -45.86 -19.15
N GLU C 62 -7.89 -46.13 -18.01
CA GLU C 62 -9.29 -46.52 -18.03
C GLU C 62 -10.15 -45.44 -18.69
N ARG C 63 -9.82 -44.18 -18.44
CA ARG C 63 -10.60 -43.04 -18.94
C ARG C 63 -9.76 -42.07 -19.76
N LYS C 64 -10.44 -41.41 -20.70
CA LYS C 64 -9.84 -40.42 -21.60
C LYS C 64 -10.93 -39.58 -22.26
N ILE C 65 -10.64 -38.29 -22.45
CA ILE C 65 -11.58 -37.33 -23.07
C ILE C 65 -11.26 -37.20 -24.55
N ALA C 66 -12.31 -37.21 -25.39
CA ALA C 66 -12.19 -37.03 -26.84
C ALA C 66 -12.51 -35.57 -27.19
N TRP C 67 -11.48 -34.75 -27.33
CA TRP C 67 -11.66 -33.33 -27.59
C TRP C 67 -12.10 -33.08 -29.03
N MET C 68 -13.24 -32.40 -29.19
CA MET C 68 -13.74 -31.97 -30.49
C MET C 68 -13.82 -30.44 -30.46
N GLU C 69 -13.29 -29.79 -31.50
CA GLU C 69 -13.22 -28.33 -31.54
C GLU C 69 -14.38 -27.78 -32.37
N VAL C 70 -15.29 -27.07 -31.71
CA VAL C 70 -16.31 -26.30 -32.38
C VAL C 70 -15.88 -24.83 -32.37
N TYR C 71 -16.55 -24.01 -33.17
CA TYR C 71 -16.06 -22.67 -33.45
C TYR C 71 -17.07 -21.62 -33.03
N ALA C 72 -16.56 -20.54 -32.44
CA ALA C 72 -17.35 -19.37 -32.08
C ALA C 72 -16.40 -18.18 -31.96
N GLY C 73 -16.95 -16.98 -32.13
CA GLY C 73 -16.14 -15.78 -32.00
C GLY C 73 -15.37 -15.47 -33.27
N GLU C 74 -14.17 -14.93 -33.08
CA GLU C 74 -13.34 -14.55 -34.22
C GLU C 74 -12.75 -15.75 -34.94
N LYS C 75 -12.84 -16.96 -34.36
CA LYS C 75 -12.61 -18.16 -35.14
C LYS C 75 -13.89 -18.70 -35.75
N ALA C 76 -15.05 -18.19 -35.32
CA ALA C 76 -16.24 -18.25 -36.14
C ALA C 76 -16.23 -17.20 -37.24
N THR C 77 -15.19 -16.38 -37.31
CA THR C 77 -14.90 -15.56 -38.49
C THR C 77 -13.54 -15.92 -39.07
N GLN C 78 -13.15 -17.19 -38.90
CA GLN C 78 -11.99 -17.75 -39.57
C GLN C 78 -12.27 -19.04 -40.34
N VAL C 79 -13.42 -19.69 -40.13
CA VAL C 79 -13.64 -21.01 -40.69
C VAL C 79 -14.92 -21.06 -41.53
N TYR C 80 -15.94 -20.31 -41.12
CA TYR C 80 -17.21 -20.30 -41.85
C TYR C 80 -17.35 -19.00 -42.63
N ASP C 81 -18.59 -18.70 -43.04
CA ASP C 81 -18.89 -17.44 -43.69
C ASP C 81 -18.80 -16.28 -42.69
N GLN C 82 -18.75 -15.06 -43.24
CA GLN C 82 -18.69 -13.86 -42.42
C GLN C 82 -19.77 -13.85 -41.35
N ASP C 83 -21.02 -13.72 -41.79
CA ASP C 83 -22.16 -13.57 -40.89
C ASP C 83 -22.25 -14.66 -39.85
N THR C 84 -21.48 -15.74 -39.99
CA THR C 84 -21.62 -16.87 -39.09
C THR C 84 -20.65 -16.74 -37.92
N TRP C 85 -20.87 -15.69 -37.12
CA TRP C 85 -20.15 -15.55 -35.86
C TRP C 85 -20.52 -16.68 -34.91
N LEU C 86 -21.69 -17.28 -35.11
CA LEU C 86 -22.15 -18.40 -34.28
C LEU C 86 -22.95 -19.32 -35.17
N PRO C 87 -22.30 -20.28 -35.83
CA PRO C 87 -23.04 -21.15 -36.75
C PRO C 87 -24.08 -21.96 -36.01
N GLN C 88 -25.27 -22.08 -36.61
CA GLN C 88 -26.30 -22.95 -36.07
C GLN C 88 -25.75 -24.35 -35.82
N GLU C 89 -24.84 -24.79 -36.70
CA GLU C 89 -24.20 -26.09 -36.53
C GLU C 89 -23.49 -26.16 -35.18
N THR C 90 -22.86 -25.07 -34.75
CA THR C 90 -22.13 -25.07 -33.48
C THR C 90 -23.08 -25.37 -32.33
N LEU C 91 -24.24 -24.71 -32.30
CA LEU C 91 -25.18 -24.98 -31.21
C LEU C 91 -25.72 -26.40 -31.30
N ASP C 92 -25.95 -26.90 -32.52
CA ASP C 92 -26.32 -28.29 -32.66
C ASP C 92 -25.22 -29.17 -32.07
N ALA C 93 -23.96 -28.82 -32.33
CA ALA C 93 -22.85 -29.58 -31.77
C ALA C 93 -22.79 -29.43 -30.25
N VAL C 94 -23.12 -28.24 -29.74
CA VAL C 94 -23.10 -28.02 -28.29
C VAL C 94 -24.40 -28.51 -27.64
N ARG C 95 -25.51 -28.48 -28.36
CA ARG C 95 -26.78 -28.93 -27.77
C ARG C 95 -26.83 -30.44 -27.68
N ASP C 96 -26.60 -31.13 -28.80
CA ASP C 96 -26.54 -32.58 -28.78
C ASP C 96 -25.48 -33.09 -27.80
N TYR C 97 -24.42 -32.31 -27.58
CA TYR C 97 -23.36 -32.65 -26.64
C TYR C 97 -23.52 -31.77 -25.41
N VAL C 98 -24.25 -32.31 -24.43
CA VAL C 98 -24.59 -31.60 -23.20
C VAL C 98 -23.39 -30.85 -22.66
N VAL C 99 -22.40 -31.58 -22.16
CA VAL C 99 -21.26 -30.96 -21.49
C VAL C 99 -20.32 -30.38 -22.54
N SER C 100 -19.70 -29.25 -22.19
CA SER C 100 -18.71 -28.61 -23.04
C SER C 100 -18.06 -27.50 -22.22
N ILE C 101 -16.86 -27.11 -22.65
CA ILE C 101 -16.13 -26.04 -22.00
C ILE C 101 -15.83 -24.97 -23.05
N LYS C 102 -15.66 -23.73 -22.60
CA LYS C 102 -15.60 -22.61 -23.53
C LYS C 102 -14.66 -21.55 -22.99
N GLY C 103 -13.97 -20.89 -23.91
CA GLY C 103 -13.04 -19.83 -23.58
C GLY C 103 -13.69 -18.46 -23.73
N PRO C 104 -12.91 -17.40 -23.60
CA PRO C 104 -13.48 -16.06 -23.73
C PRO C 104 -13.93 -15.79 -25.16
N LEU C 105 -14.95 -14.96 -25.29
CA LEU C 105 -15.54 -14.63 -26.57
C LEU C 105 -15.76 -13.14 -26.68
N THR C 106 -15.35 -12.56 -27.82
CA THR C 106 -15.49 -11.14 -28.05
C THR C 106 -16.94 -10.79 -28.39
N THR C 107 -17.32 -9.57 -28.04
CA THR C 107 -18.64 -9.05 -28.41
C THR C 107 -18.59 -8.69 -29.89
N PRO C 108 -19.28 -9.41 -30.77
CA PRO C 108 -19.09 -9.22 -32.22
C PRO C 108 -19.32 -7.78 -32.64
N VAL C 109 -18.93 -7.50 -33.88
CA VAL C 109 -18.98 -6.16 -34.46
C VAL C 109 -20.37 -5.92 -35.03
N GLY C 110 -21.01 -4.84 -34.58
CA GLY C 110 -22.31 -4.46 -35.09
C GLY C 110 -23.34 -5.57 -34.92
N GLY C 111 -24.40 -5.46 -35.71
CA GLY C 111 -25.48 -6.42 -35.68
C GLY C 111 -26.57 -6.05 -34.71
N GLY C 112 -27.62 -6.88 -34.70
CA GLY C 112 -28.71 -6.68 -33.77
C GLY C 112 -28.35 -6.94 -32.32
N ILE C 113 -27.29 -7.72 -32.08
CA ILE C 113 -26.77 -7.96 -30.75
C ILE C 113 -25.29 -7.63 -30.76
N ARG C 114 -24.80 -7.07 -29.65
CA ARG C 114 -23.39 -6.69 -29.55
C ARG C 114 -22.52 -7.81 -29.00
N SER C 115 -23.06 -8.64 -28.11
CA SER C 115 -22.31 -9.74 -27.51
C SER C 115 -22.76 -11.07 -28.11
N LEU C 116 -21.89 -12.08 -27.99
CA LEU C 116 -22.20 -13.43 -28.46
C LEU C 116 -22.54 -14.39 -27.34
N ASN C 117 -21.95 -14.23 -26.15
CA ASN C 117 -22.32 -15.08 -25.03
C ASN C 117 -23.80 -14.90 -24.70
N VAL C 118 -24.32 -13.67 -24.86
CA VAL C 118 -25.73 -13.42 -24.65
C VAL C 118 -26.56 -14.25 -25.64
N ALA C 119 -26.07 -14.39 -26.87
CA ALA C 119 -26.74 -15.24 -27.85
C ALA C 119 -26.80 -16.68 -27.37
N LEU C 120 -25.73 -17.16 -26.73
CA LEU C 120 -25.71 -18.52 -26.21
C LEU C 120 -26.72 -18.70 -25.07
N ARG C 121 -27.00 -17.64 -24.30
CA ARG C 121 -27.99 -17.73 -23.24
C ARG C 121 -29.36 -18.12 -23.80
N GLN C 122 -29.80 -17.41 -24.83
CA GLN C 122 -31.17 -17.57 -25.32
C GLN C 122 -31.33 -18.87 -26.10
N GLN C 123 -30.52 -19.06 -27.15
CA GLN C 123 -30.69 -20.19 -28.05
C GLN C 123 -30.63 -21.53 -27.32
N LEU C 124 -30.06 -21.57 -26.11
CA LEU C 124 -30.00 -22.80 -25.33
C LEU C 124 -30.78 -22.72 -24.01
N ASP C 125 -31.44 -21.61 -23.73
CA ASP C 125 -32.20 -21.46 -22.49
C ASP C 125 -31.31 -21.71 -21.27
N LEU C 126 -30.17 -21.01 -21.23
CA LEU C 126 -29.26 -21.09 -20.10
C LEU C 126 -29.78 -20.21 -18.98
N TYR C 127 -30.31 -20.82 -17.92
CA TYR C 127 -30.98 -20.08 -16.86
C TYR C 127 -30.32 -20.18 -15.49
N VAL C 128 -29.34 -21.06 -15.30
CA VAL C 128 -28.55 -21.11 -14.09
C VAL C 128 -27.15 -20.60 -14.38
N CYS C 129 -26.57 -19.87 -13.45
CA CYS C 129 -25.18 -19.39 -13.55
C CYS C 129 -24.43 -19.86 -12.31
N GLN C 130 -23.71 -20.96 -12.44
CA GLN C 130 -22.90 -21.48 -11.35
C GLN C 130 -21.60 -20.72 -11.25
N ARG C 131 -21.23 -20.36 -10.01
CA ARG C 131 -19.94 -19.73 -9.74
C ARG C 131 -19.45 -20.18 -8.38
N PRO C 132 -18.67 -21.27 -8.33
CA PRO C 132 -18.03 -21.62 -7.07
C PRO C 132 -17.01 -20.57 -6.69
N VAL C 133 -16.83 -20.39 -5.38
CA VAL C 133 -15.86 -19.43 -4.88
C VAL C 133 -15.21 -20.02 -3.64
N ARG C 134 -13.88 -20.00 -3.62
CA ARG C 134 -13.12 -20.52 -2.49
C ARG C 134 -11.76 -19.85 -2.50
N TRP C 135 -11.00 -20.06 -1.44
CA TRP C 135 -9.66 -19.53 -1.32
C TRP C 135 -8.64 -20.62 -1.61
N PHE C 136 -7.55 -20.24 -2.26
CA PHE C 136 -6.44 -21.13 -2.53
C PHE C 136 -5.21 -20.63 -1.78
N GLU C 137 -4.54 -21.53 -1.08
CA GLU C 137 -3.42 -21.16 -0.23
C GLU C 137 -2.40 -20.33 -1.01
N GLY C 138 -2.08 -19.15 -0.48
CA GLY C 138 -1.07 -18.28 -1.06
C GLY C 138 -1.63 -17.08 -1.78
N VAL C 139 -2.92 -17.05 -2.09
CA VAL C 139 -3.50 -15.94 -2.85
C VAL C 139 -3.58 -14.70 -1.96
N PRO C 140 -3.00 -13.58 -2.37
CA PRO C 140 -3.19 -12.34 -1.61
C PRO C 140 -4.65 -11.96 -1.53
N SER C 141 -5.14 -11.74 -0.32
CA SER C 141 -6.54 -11.42 -0.07
C SER C 141 -6.64 -10.17 0.78
N PRO C 142 -7.72 -9.38 0.61
CA PRO C 142 -7.88 -8.19 1.45
C PRO C 142 -8.50 -8.47 2.81
N VAL C 143 -8.91 -9.70 3.09
CA VAL C 143 -9.50 -10.06 4.37
C VAL C 143 -8.53 -10.95 5.15
N LYS C 144 -8.72 -10.97 6.47
CA LYS C 144 -7.78 -11.68 7.35
C LYS C 144 -7.95 -13.19 7.27
N LYS C 145 -9.16 -13.67 7.01
CA LYS C 145 -9.44 -15.11 6.99
C LYS C 145 -10.16 -15.46 5.68
N PRO C 146 -9.43 -15.51 4.57
CA PRO C 146 -10.07 -15.87 3.30
C PRO C 146 -10.44 -17.33 3.22
N GLY C 147 -9.77 -18.21 3.96
CA GLY C 147 -10.02 -19.63 3.89
C GLY C 147 -11.41 -20.03 4.36
N ASP C 148 -12.14 -19.15 5.03
CA ASP C 148 -13.48 -19.47 5.49
C ASP C 148 -14.51 -19.44 4.37
N VAL C 149 -14.14 -18.97 3.19
CA VAL C 149 -15.06 -18.90 2.06
C VAL C 149 -14.94 -20.18 1.25
N ASP C 150 -16.03 -20.95 1.21
CA ASP C 150 -16.10 -22.17 0.39
C ASP C 150 -17.56 -22.34 0.00
N MET C 151 -17.97 -21.55 -0.99
CA MET C 151 -19.38 -21.45 -1.37
C MET C 151 -19.53 -21.70 -2.86
N VAL C 152 -20.75 -22.10 -3.22
CA VAL C 152 -21.18 -22.22 -4.62
C VAL C 152 -22.46 -21.41 -4.75
N ILE C 153 -22.43 -20.37 -5.59
CA ILE C 153 -23.56 -19.46 -5.75
C ILE C 153 -24.37 -19.91 -6.96
N PHE C 154 -25.64 -20.24 -6.72
CA PHE C 154 -26.59 -20.53 -7.79
C PHE C 154 -27.47 -19.30 -8.00
N ARG C 155 -27.25 -18.60 -9.11
CA ARG C 155 -28.02 -17.40 -9.41
C ARG C 155 -28.79 -17.59 -10.71
N GLU C 156 -30.09 -17.38 -10.66
CA GLU C 156 -30.90 -17.37 -11.86
C GLU C 156 -30.50 -16.20 -12.75
N ASN C 157 -30.48 -16.42 -14.07
CA ASN C 157 -30.05 -15.39 -15.00
C ASN C 157 -30.98 -15.24 -16.21
N SER C 158 -32.16 -15.86 -16.17
CA SER C 158 -33.15 -15.68 -17.24
C SER C 158 -34.26 -14.70 -16.87
N GLU C 159 -34.44 -14.41 -15.58
CA GLU C 159 -35.51 -13.53 -15.14
C GLU C 159 -34.92 -12.30 -14.43
N ASP C 160 -35.75 -11.57 -13.70
CA ASP C 160 -35.30 -10.41 -12.94
C ASP C 160 -35.07 -9.23 -13.88
N ILE C 161 -34.67 -8.08 -13.34
CA ILE C 161 -34.56 -6.87 -14.15
C ILE C 161 -33.53 -7.05 -15.25
N TYR C 162 -32.56 -7.94 -15.07
CA TYR C 162 -31.59 -8.21 -16.13
C TYR C 162 -32.27 -8.76 -17.39
N ALA C 163 -33.56 -9.06 -17.33
CA ALA C 163 -34.29 -9.50 -18.52
C ALA C 163 -34.17 -8.48 -19.65
N GLY C 164 -34.13 -7.19 -19.30
CA GLY C 164 -34.06 -6.14 -20.29
C GLY C 164 -35.36 -5.44 -20.60
N VAL C 165 -36.42 -5.66 -19.81
CA VAL C 165 -37.71 -5.03 -20.04
C VAL C 165 -37.62 -3.61 -19.50
N GLU C 166 -37.35 -2.66 -20.40
CA GLU C 166 -37.12 -1.28 -19.97
C GLU C 166 -37.52 -0.33 -21.08
N TRP C 167 -37.89 0.89 -20.69
CA TRP C 167 -38.31 1.93 -21.63
C TRP C 167 -37.70 3.26 -21.22
N LYS C 168 -37.24 4.02 -22.20
CA LYS C 168 -36.53 5.26 -21.93
C LYS C 168 -37.45 6.31 -21.29
N ALA C 169 -36.84 7.17 -20.49
CA ALA C 169 -37.56 8.24 -19.81
C ALA C 169 -38.03 9.30 -20.81
N GLY C 170 -39.15 9.93 -20.47
CA GLY C 170 -39.75 10.96 -21.29
C GLY C 170 -40.24 10.50 -22.65
N SER C 171 -40.29 9.19 -22.91
CA SER C 171 -40.76 8.65 -24.17
C SER C 171 -42.19 8.13 -24.03
N PRO C 172 -43.12 8.51 -24.91
CA PRO C 172 -44.46 7.92 -24.86
C PRO C 172 -44.51 6.41 -24.67
N GLU C 173 -43.56 5.63 -25.21
CA GLU C 173 -43.52 4.23 -24.82
C GLU C 173 -43.48 4.11 -23.30
N ALA C 174 -42.64 4.91 -22.66
CA ALA C 174 -42.63 4.96 -21.21
C ALA C 174 -43.93 5.59 -20.69
N GLU C 175 -44.34 6.72 -21.26
CA GLU C 175 -45.59 7.34 -20.84
C GLU C 175 -46.76 6.40 -21.05
N LYS C 176 -46.65 5.46 -21.98
CA LYS C 176 -47.70 4.49 -22.22
C LYS C 176 -47.75 3.41 -21.14
N VAL C 177 -46.67 3.22 -20.38
CA VAL C 177 -46.70 2.29 -19.26
C VAL C 177 -46.98 3.01 -17.95
N ILE C 178 -46.43 4.21 -17.74
CA ILE C 178 -46.58 4.89 -16.46
C ILE C 178 -48.00 5.42 -16.29
N LYS C 179 -48.50 6.15 -17.30
CA LYS C 179 -49.86 6.67 -17.19
C LYS C 179 -50.88 5.56 -17.33
N PHE C 180 -50.51 4.42 -17.90
CA PHE C 180 -51.32 3.22 -17.77
C PHE C 180 -51.36 2.74 -16.33
N LEU C 181 -50.22 2.79 -15.63
CA LEU C 181 -50.18 2.35 -14.25
C LEU C 181 -50.98 3.28 -13.36
N THR C 182 -50.69 4.58 -13.42
CA THR C 182 -51.35 5.53 -12.53
C THR C 182 -52.85 5.57 -12.79
N GLU C 183 -53.27 5.43 -14.04
CA GLU C 183 -54.68 5.55 -14.41
C GLU C 183 -55.41 4.22 -14.25
N GLU C 184 -54.95 3.18 -14.93
CA GLU C 184 -55.69 1.92 -14.93
C GLU C 184 -55.42 1.09 -13.69
N MET C 185 -54.19 1.12 -13.17
CA MET C 185 -53.83 0.34 -11.99
C MET C 185 -53.90 1.14 -10.69
N GLY C 186 -54.10 2.45 -10.76
CA GLY C 186 -54.14 3.25 -9.55
C GLY C 186 -52.82 3.36 -8.81
N VAL C 187 -51.71 3.17 -9.50
CA VAL C 187 -50.40 3.24 -8.85
C VAL C 187 -50.12 4.70 -8.48
N LYS C 188 -49.99 4.97 -7.18
CA LYS C 188 -49.64 6.31 -6.73
C LYS C 188 -48.29 6.39 -6.04
N LYS C 189 -47.49 5.33 -6.08
CA LYS C 189 -46.22 5.31 -5.36
C LYS C 189 -45.07 5.91 -6.16
N ILE C 190 -45.25 6.14 -7.46
CA ILE C 190 -44.23 6.82 -8.24
C ILE C 190 -44.10 8.24 -7.72
N ARG C 191 -42.86 8.70 -7.54
CA ARG C 191 -42.64 10.03 -6.97
C ARG C 191 -42.57 11.11 -8.03
N PHE C 192 -41.95 10.82 -9.17
CA PHE C 192 -41.83 11.77 -10.27
C PHE C 192 -42.21 11.04 -11.54
N THR C 193 -43.35 11.43 -12.12
CA THR C 193 -43.90 10.72 -13.28
C THR C 193 -43.35 11.25 -14.59
N GLU C 194 -42.80 12.45 -14.61
CA GLU C 194 -42.25 13.02 -15.83
C GLU C 194 -40.75 12.74 -15.89
N ASN C 195 -40.25 12.57 -17.12
CA ASN C 195 -38.85 12.22 -17.34
C ASN C 195 -38.43 11.04 -16.46
N CYS C 196 -39.17 9.94 -16.60
CA CYS C 196 -39.00 8.79 -15.73
C CYS C 196 -38.82 7.52 -16.56
N GLY C 197 -37.66 6.88 -16.40
CA GLY C 197 -37.41 5.58 -17.00
C GLY C 197 -37.92 4.46 -16.12
N ILE C 198 -38.48 3.43 -16.75
CA ILE C 198 -39.15 2.35 -16.06
C ILE C 198 -38.53 1.01 -16.45
N GLY C 199 -38.43 0.13 -15.46
CA GLY C 199 -38.01 -1.24 -15.71
C GLY C 199 -38.95 -2.20 -15.00
N ILE C 200 -38.97 -3.43 -15.49
CA ILE C 200 -39.88 -4.46 -14.99
C ILE C 200 -39.05 -5.57 -14.36
N LYS C 201 -39.47 -6.02 -13.18
CA LYS C 201 -38.81 -7.11 -12.47
C LYS C 201 -39.72 -8.33 -12.42
N PRO C 202 -39.59 -9.28 -13.34
CA PRO C 202 -40.41 -10.49 -13.26
C PRO C 202 -39.70 -11.61 -12.52
N VAL C 203 -40.38 -12.21 -11.54
CA VAL C 203 -39.85 -13.36 -10.81
C VAL C 203 -40.99 -14.36 -10.72
N SER C 204 -40.92 -15.42 -11.53
CA SER C 204 -41.97 -16.41 -11.61
C SER C 204 -41.61 -17.64 -10.78
N GLN C 205 -42.59 -18.53 -10.64
CA GLN C 205 -42.38 -19.76 -9.89
C GLN C 205 -41.59 -20.77 -10.71
N GLU C 206 -41.99 -21.00 -11.97
CA GLU C 206 -41.28 -21.97 -12.79
C GLU C 206 -39.83 -21.55 -13.04
N GLY C 207 -39.57 -20.24 -13.15
CA GLY C 207 -38.19 -19.79 -13.25
C GLY C 207 -37.46 -19.85 -11.93
N THR C 208 -38.18 -19.64 -10.82
CA THR C 208 -37.58 -19.76 -9.49
C THR C 208 -37.33 -21.22 -9.13
N LYS C 209 -38.30 -22.09 -9.43
CA LYS C 209 -38.21 -23.48 -9.00
C LYS C 209 -37.12 -24.24 -9.76
N ARG C 210 -36.92 -23.92 -11.04
CA ARG C 210 -35.89 -24.62 -11.80
C ARG C 210 -34.47 -24.20 -11.40
N LEU C 211 -34.32 -23.04 -10.76
CA LEU C 211 -33.03 -22.68 -10.16
C LEU C 211 -32.80 -23.46 -8.88
N VAL C 212 -33.71 -23.32 -7.91
CA VAL C 212 -33.54 -23.95 -6.60
C VAL C 212 -33.48 -25.47 -6.74
N ARG C 213 -34.15 -26.03 -7.75
CA ARG C 213 -34.10 -27.47 -7.96
C ARG C 213 -32.68 -27.94 -8.18
N LYS C 214 -31.95 -27.30 -9.10
CA LYS C 214 -30.57 -27.69 -9.34
C LYS C 214 -29.69 -27.39 -8.13
N ALA C 215 -29.86 -26.21 -7.52
CA ALA C 215 -29.07 -25.87 -6.34
C ALA C 215 -29.23 -26.92 -5.25
N LEU C 216 -30.46 -27.41 -5.05
CA LEU C 216 -30.68 -28.44 -4.06
C LEU C 216 -30.05 -29.76 -4.48
N GLN C 217 -30.21 -30.13 -5.76
CA GLN C 217 -29.64 -31.38 -6.25
C GLN C 217 -28.12 -31.32 -6.26
N TYR C 218 -27.55 -30.15 -6.53
CA TYR C 218 -26.10 -30.00 -6.42
C TYR C 218 -25.64 -30.23 -4.99
N ALA C 219 -26.45 -29.86 -4.00
CA ALA C 219 -26.06 -30.06 -2.61
C ALA C 219 -25.90 -31.53 -2.29
N VAL C 220 -26.71 -32.39 -2.91
CA VAL C 220 -26.59 -33.83 -2.70
C VAL C 220 -25.65 -34.46 -3.72
N ASP C 221 -25.66 -33.97 -4.96
CA ASP C 221 -24.75 -34.49 -5.98
C ASP C 221 -23.30 -34.14 -5.71
N ASN C 222 -23.05 -33.13 -4.87
CA ASN C 222 -21.69 -32.74 -4.49
C ASN C 222 -21.49 -32.75 -2.99
N ASP C 223 -22.49 -33.21 -2.23
CA ASP C 223 -22.36 -33.44 -0.79
C ASP C 223 -21.94 -32.15 -0.07
N ARG C 224 -22.87 -31.20 -0.06
CA ARG C 224 -22.67 -29.92 0.60
C ARG C 224 -23.59 -29.82 1.81
N SER C 225 -23.28 -28.87 2.69
CA SER C 225 -23.87 -28.84 4.02
C SER C 225 -25.18 -28.05 4.11
N SER C 226 -25.34 -26.98 3.33
CA SER C 226 -26.54 -26.17 3.46
C SER C 226 -26.78 -25.39 2.17
N VAL C 227 -28.04 -24.99 1.99
CA VAL C 227 -28.45 -24.13 0.88
C VAL C 227 -29.17 -22.93 1.46
N THR C 228 -28.74 -21.73 1.06
CA THR C 228 -29.30 -20.48 1.57
C THR C 228 -29.98 -19.74 0.43
N LEU C 229 -31.23 -19.33 0.66
CA LEU C 229 -31.99 -18.50 -0.26
C LEU C 229 -31.75 -17.03 0.07
N VAL C 230 -31.02 -16.33 -0.79
CA VAL C 230 -30.72 -14.92 -0.58
C VAL C 230 -31.78 -14.08 -1.28
N HIS C 231 -32.39 -13.18 -0.53
CA HIS C 231 -33.54 -12.42 -1.01
C HIS C 231 -33.63 -11.11 -0.25
N LYS C 232 -34.19 -10.09 -0.89
CA LYS C 232 -34.47 -8.84 -0.23
C LYS C 232 -35.98 -8.73 -0.02
N GLY C 233 -36.60 -9.81 0.43
CA GLY C 233 -38.05 -9.93 0.44
C GLY C 233 -38.73 -9.07 1.48
N ASN C 234 -38.00 -8.59 2.48
CA ASN C 234 -38.59 -7.73 3.49
C ASN C 234 -39.06 -6.40 2.89
N ILE C 235 -38.55 -6.04 1.71
CA ILE C 235 -39.00 -4.85 1.01
C ILE C 235 -39.81 -5.19 -0.23
N MET C 236 -39.58 -6.35 -0.84
CA MET C 236 -40.36 -6.81 -2.00
C MET C 236 -41.05 -8.11 -1.62
N LYS C 237 -42.31 -8.02 -1.20
CA LYS C 237 -43.01 -9.18 -0.65
C LYS C 237 -43.36 -10.19 -1.73
N PHE C 238 -43.57 -9.73 -2.97
CA PHE C 238 -44.13 -10.57 -4.02
C PHE C 238 -43.12 -10.98 -5.10
N THR C 239 -41.91 -10.43 -5.09
CA THR C 239 -40.89 -10.86 -6.03
C THR C 239 -39.80 -11.64 -5.31
N GLU C 240 -38.90 -10.94 -4.62
CA GLU C 240 -37.86 -11.61 -3.85
C GLU C 240 -38.47 -12.38 -2.68
N GLY C 241 -39.46 -11.79 -2.00
CA GLY C 241 -40.16 -12.52 -0.96
C GLY C 241 -40.84 -13.77 -1.49
N ALA C 242 -41.47 -13.67 -2.67
CA ALA C 242 -42.05 -14.84 -3.29
C ALA C 242 -40.98 -15.86 -3.67
N PHE C 243 -39.83 -15.37 -4.17
CA PHE C 243 -38.71 -16.26 -4.44
C PHE C 243 -38.35 -17.08 -3.21
N LYS C 244 -38.22 -16.42 -2.07
CA LYS C 244 -37.93 -17.10 -0.81
C LYS C 244 -38.92 -18.24 -0.58
N ASP C 245 -40.21 -17.92 -0.49
CA ASP C 245 -41.22 -18.94 -0.21
C ASP C 245 -41.22 -20.01 -1.29
N TRP C 246 -41.20 -19.62 -2.56
CA TRP C 246 -41.14 -20.59 -3.64
C TRP C 246 -39.94 -21.51 -3.47
N GLY C 247 -38.79 -20.94 -3.08
CA GLY C 247 -37.61 -21.76 -2.86
C GLY C 247 -37.82 -22.78 -1.75
N TYR C 248 -38.50 -22.38 -0.68
CA TYR C 248 -38.79 -23.32 0.40
C TYR C 248 -39.71 -24.44 -0.08
N GLU C 249 -40.62 -24.14 -1.01
CA GLU C 249 -41.50 -25.16 -1.57
C GLU C 249 -40.70 -26.25 -2.29
N VAL C 250 -39.75 -25.85 -3.14
CA VAL C 250 -39.00 -26.81 -3.95
C VAL C 250 -38.41 -27.90 -3.06
N ALA C 251 -37.87 -27.51 -1.89
CA ALA C 251 -37.32 -28.50 -0.99
C ALA C 251 -38.38 -29.49 -0.52
N ARG C 252 -39.63 -29.04 -0.38
CA ARG C 252 -40.72 -29.94 0.01
C ARG C 252 -41.12 -30.84 -1.15
N ASP C 253 -41.50 -30.23 -2.27
CA ASP C 253 -42.24 -30.94 -3.31
C ASP C 253 -41.38 -32.01 -3.97
N GLU C 254 -40.14 -31.69 -4.32
CA GLU C 254 -39.33 -32.54 -5.18
C GLU C 254 -38.13 -33.14 -4.48
N PHE C 255 -38.02 -32.99 -3.16
CA PHE C 255 -36.96 -33.64 -2.41
C PHE C 255 -37.41 -34.24 -1.09
N GLY C 256 -38.68 -34.08 -0.71
CA GLY C 256 -39.17 -34.71 0.49
C GLY C 256 -38.63 -34.08 1.75
N ALA C 257 -38.81 -32.77 1.89
CA ALA C 257 -38.29 -32.04 3.03
C ALA C 257 -39.35 -31.88 4.12
N GLU C 258 -38.90 -31.37 5.26
CA GLU C 258 -39.77 -31.16 6.41
C GLU C 258 -39.30 -29.92 7.16
N LEU C 259 -40.25 -29.28 7.84
CA LEU C 259 -39.95 -28.11 8.65
C LEU C 259 -38.82 -28.41 9.64
N LEU C 260 -38.11 -27.36 10.03
CA LEU C 260 -37.06 -27.44 11.04
C LEU C 260 -37.35 -26.44 12.14
N ASP C 261 -37.24 -26.89 13.39
CA ASP C 261 -37.29 -26.00 14.55
C ASP C 261 -38.42 -24.99 14.42
N GLY C 262 -39.63 -25.51 14.28
CA GLY C 262 -40.80 -24.66 14.11
C GLY C 262 -40.69 -23.68 12.96
N GLY C 263 -39.76 -23.91 12.04
CA GLY C 263 -39.53 -22.99 10.94
C GLY C 263 -38.87 -21.74 11.48
N PRO C 264 -38.74 -20.70 10.64
CA PRO C 264 -39.10 -20.62 9.23
C PRO C 264 -38.18 -21.49 8.38
N TRP C 265 -37.06 -21.87 9.00
CA TRP C 265 -36.07 -22.73 8.37
C TRP C 265 -36.52 -24.19 8.36
N MET C 266 -36.10 -24.91 7.33
CA MET C 266 -36.39 -26.33 7.19
C MET C 266 -35.13 -27.09 6.81
N GLN C 267 -35.22 -28.42 6.88
CA GLN C 267 -34.10 -29.30 6.57
C GLN C 267 -34.59 -30.64 6.04
N PHE C 268 -33.83 -31.21 5.11
CA PHE C 268 -34.03 -32.58 4.67
C PHE C 268 -32.68 -33.30 4.67
N LYS C 269 -32.72 -34.63 4.67
CA LYS C 269 -31.52 -35.44 4.80
C LYS C 269 -31.10 -35.97 3.44
N ASN C 270 -29.97 -35.46 2.94
CA ASN C 270 -29.24 -36.00 1.80
C ASN C 270 -29.22 -37.52 1.88
N PRO C 271 -29.46 -38.24 0.78
CA PRO C 271 -29.34 -39.71 0.84
C PRO C 271 -28.08 -40.20 1.56
N LYS C 272 -26.91 -39.73 1.16
CA LYS C 272 -25.67 -40.13 1.82
C LYS C 272 -25.79 -39.97 3.33
N THR C 273 -26.53 -38.95 3.78
CA THR C 273 -26.85 -38.75 5.19
C THR C 273 -27.42 -37.35 5.39
N GLY C 274 -26.77 -36.35 4.79
CA GLY C 274 -27.05 -34.97 5.13
C GLY C 274 -26.74 -34.63 6.56
N LYS C 275 -25.97 -35.48 7.25
CA LYS C 275 -25.66 -35.31 8.68
C LYS C 275 -26.81 -34.64 9.39
N ASN C 276 -26.94 -33.34 9.12
CA ASN C 276 -28.05 -32.50 9.56
C ASN C 276 -27.97 -31.31 8.62
N VAL C 277 -28.65 -31.41 7.47
CA VAL C 277 -28.64 -30.34 6.48
C VAL C 277 -29.58 -29.22 6.89
N VAL C 278 -29.33 -28.03 6.37
CA VAL C 278 -30.16 -26.87 6.66
C VAL C 278 -30.45 -26.12 5.37
N VAL C 279 -31.71 -25.72 5.20
CA VAL C 279 -32.15 -24.88 4.10
C VAL C 279 -32.73 -23.62 4.74
N LYS C 280 -32.17 -22.46 4.39
CA LYS C 280 -32.54 -21.25 5.10
C LYS C 280 -32.52 -20.06 4.15
N ASP C 281 -32.66 -18.87 4.72
CA ASP C 281 -32.79 -17.64 3.95
C ASP C 281 -32.12 -16.51 4.72
N VAL C 282 -31.59 -15.55 3.96
CA VAL C 282 -30.94 -14.38 4.53
C VAL C 282 -31.32 -13.17 3.67
N ILE C 283 -31.46 -12.02 4.33
CA ILE C 283 -31.77 -10.80 3.60
C ILE C 283 -30.51 -10.36 2.85
N ALA C 284 -30.70 -9.91 1.60
CA ALA C 284 -29.58 -9.69 0.69
C ALA C 284 -28.53 -8.77 1.30
N ASP C 285 -28.92 -7.55 1.68
CA ASP C 285 -27.95 -6.60 2.19
C ASP C 285 -27.29 -7.10 3.46
N ALA C 286 -28.01 -7.88 4.27
CA ALA C 286 -27.40 -8.52 5.43
C ALA C 286 -26.38 -9.57 4.99
N MET C 287 -26.67 -10.29 3.91
CA MET C 287 -25.75 -11.32 3.43
C MET C 287 -24.40 -10.73 3.09
N LEU C 288 -24.38 -9.55 2.47
CA LEU C 288 -23.11 -8.91 2.13
C LEU C 288 -22.28 -8.64 3.37
N GLN C 289 -22.92 -8.44 4.52
CA GLN C 289 -22.18 -8.32 5.76
C GLN C 289 -21.73 -9.68 6.28
N GLN C 290 -22.61 -10.68 6.22
CA GLN C 290 -22.30 -11.98 6.79
C GLN C 290 -21.10 -12.63 6.11
N ILE C 291 -20.98 -12.49 4.79
CA ILE C 291 -19.87 -13.12 4.08
C ILE C 291 -18.54 -12.57 4.55
N LEU C 292 -18.53 -11.39 5.16
CA LEU C 292 -17.31 -10.84 5.73
C LEU C 292 -17.09 -11.30 7.17
N LEU C 293 -18.16 -11.52 7.92
CA LEU C 293 -18.08 -11.81 9.34
C LEU C 293 -18.11 -13.30 9.66
N ARG C 294 -19.06 -14.03 9.05
CA ARG C 294 -19.27 -15.45 9.37
C ARG C 294 -19.49 -16.22 8.08
N PRO C 295 -18.53 -16.18 7.15
CA PRO C 295 -18.72 -16.90 5.87
C PRO C 295 -18.67 -18.41 6.01
N ALA C 296 -18.03 -18.94 7.05
CA ALA C 296 -17.92 -20.38 7.21
C ALA C 296 -19.26 -21.06 7.45
N GLU C 297 -20.31 -20.30 7.75
CA GLU C 297 -21.61 -20.86 8.07
C GLU C 297 -22.51 -21.00 6.85
N TYR C 298 -22.00 -20.72 5.66
CA TYR C 298 -22.78 -20.79 4.43
C TYR C 298 -22.05 -21.67 3.44
N ASP C 299 -22.81 -22.44 2.67
CA ASP C 299 -22.22 -23.37 1.71
C ASP C 299 -22.75 -23.10 0.30
N VAL C 300 -23.96 -23.58 0.02
CA VAL C 300 -24.58 -23.39 -1.29
C VAL C 300 -25.56 -22.23 -1.20
N ILE C 301 -25.58 -21.39 -2.23
CA ILE C 301 -26.43 -20.22 -2.28
C ILE C 301 -27.30 -20.31 -3.52
N ALA C 302 -28.61 -20.14 -3.34
CA ALA C 302 -29.55 -19.99 -4.44
C ALA C 302 -30.17 -18.61 -4.34
N THR C 303 -30.12 -17.86 -5.44
CA THR C 303 -30.55 -16.46 -5.39
C THR C 303 -30.89 -16.00 -6.81
N LEU C 304 -31.28 -14.73 -6.91
CA LEU C 304 -31.75 -14.12 -8.15
C LEU C 304 -30.59 -13.52 -8.92
N ASN C 305 -30.90 -12.88 -10.05
CA ASN C 305 -29.89 -12.35 -10.96
C ASN C 305 -28.99 -11.33 -10.28
N LEU C 306 -29.59 -10.20 -9.90
CA LEU C 306 -28.81 -9.08 -9.37
C LEU C 306 -28.08 -9.50 -8.09
N ASN C 307 -28.81 -10.12 -7.16
CA ASN C 307 -28.20 -10.54 -5.90
C ASN C 307 -27.00 -11.44 -6.15
N GLY C 308 -27.18 -12.50 -6.95
CA GLY C 308 -26.06 -13.36 -7.25
C GLY C 308 -24.91 -12.62 -7.88
N ASP C 309 -25.21 -11.71 -8.80
CA ASP C 309 -24.16 -10.92 -9.45
C ASP C 309 -23.38 -10.12 -8.43
N TYR C 310 -24.07 -9.36 -7.59
CA TYR C 310 -23.39 -8.58 -6.56
C TYR C 310 -22.69 -9.49 -5.56
N LEU C 311 -23.33 -10.60 -5.20
CA LEU C 311 -22.76 -11.49 -4.19
C LEU C 311 -21.51 -12.19 -4.72
N SER C 312 -21.56 -12.68 -5.96
CA SER C 312 -20.42 -13.38 -6.53
C SER C 312 -19.22 -12.47 -6.70
N ASP C 313 -19.45 -11.22 -7.11
CA ASP C 313 -18.34 -10.29 -7.26
C ASP C 313 -17.69 -9.98 -5.91
N ALA C 314 -18.50 -9.86 -4.85
CA ALA C 314 -17.95 -9.57 -3.53
C ALA C 314 -17.09 -10.72 -3.02
N LEU C 315 -17.61 -11.95 -3.13
CA LEU C 315 -16.85 -13.11 -2.67
C LEU C 315 -15.54 -13.25 -3.45
N ALA C 316 -15.59 -13.02 -4.76
CA ALA C 316 -14.37 -13.10 -5.57
C ALA C 316 -13.30 -12.15 -5.05
N ALA C 317 -13.66 -10.86 -4.89
CA ALA C 317 -12.71 -9.90 -4.34
C ALA C 317 -12.30 -10.27 -2.92
N GLU C 318 -13.19 -10.93 -2.18
CA GLU C 318 -12.89 -11.26 -0.79
C GLU C 318 -11.76 -12.28 -0.69
N VAL C 319 -11.65 -13.19 -1.65
CA VAL C 319 -10.62 -14.22 -1.65
C VAL C 319 -9.53 -13.93 -2.68
N GLY C 320 -9.49 -12.71 -3.22
CA GLY C 320 -8.51 -12.38 -4.24
C GLY C 320 -8.57 -13.27 -5.46
N GLY C 321 -9.73 -13.84 -5.76
CA GLY C 321 -9.87 -14.77 -6.86
C GLY C 321 -10.70 -14.25 -8.02
N ILE C 322 -10.70 -12.94 -8.22
CA ILE C 322 -11.44 -12.36 -9.34
C ILE C 322 -10.93 -12.92 -10.66
N GLY C 323 -9.61 -12.89 -10.85
CA GLY C 323 -9.01 -13.33 -12.10
C GLY C 323 -8.98 -14.83 -12.31
N ILE C 324 -9.43 -15.62 -11.34
CA ILE C 324 -9.44 -17.08 -11.46
C ILE C 324 -10.81 -17.60 -11.05
N ALA C 325 -11.86 -16.95 -11.55
CA ALA C 325 -13.22 -17.27 -11.11
C ALA C 325 -13.78 -18.38 -11.97
N PRO C 326 -14.06 -19.57 -11.43
CA PRO C 326 -14.74 -20.60 -12.22
C PRO C 326 -16.22 -20.27 -12.38
N GLY C 327 -16.80 -20.74 -13.48
CA GLY C 327 -18.19 -20.42 -13.78
C GLY C 327 -18.79 -21.39 -14.77
N ALA C 328 -20.10 -21.54 -14.71
CA ALA C 328 -20.83 -22.40 -15.64
C ALA C 328 -22.22 -21.82 -15.89
N ASN C 329 -22.74 -22.05 -17.10
CA ASN C 329 -24.10 -21.66 -17.47
C ASN C 329 -24.84 -22.94 -17.87
N LEU C 330 -25.97 -23.20 -17.22
CA LEU C 330 -26.67 -24.47 -17.34
C LEU C 330 -28.09 -24.30 -17.86
N SER C 331 -28.59 -25.38 -18.45
CA SER C 331 -30.01 -25.51 -18.81
C SER C 331 -30.57 -26.70 -18.04
N ASP C 332 -31.68 -27.27 -18.50
CA ASP C 332 -32.21 -28.48 -17.86
C ASP C 332 -31.16 -29.57 -17.81
N SER C 333 -30.36 -29.69 -18.85
CA SER C 333 -29.25 -30.66 -18.92
C SER C 333 -27.97 -30.04 -19.46
N VAL C 334 -28.07 -29.17 -20.47
CA VAL C 334 -26.88 -28.59 -21.08
C VAL C 334 -26.06 -27.86 -20.02
N ALA C 335 -24.76 -28.15 -19.99
CA ALA C 335 -23.84 -27.55 -19.03
C ALA C 335 -22.63 -27.03 -19.80
N MET C 336 -22.46 -25.71 -19.79
CA MET C 336 -21.38 -25.06 -20.55
C MET C 336 -20.50 -24.31 -19.56
N PHE C 337 -19.25 -24.76 -19.41
CA PHE C 337 -18.29 -24.21 -18.47
C PHE C 337 -17.32 -23.26 -19.17
N GLU C 338 -16.92 -22.19 -18.48
CA GLU C 338 -16.16 -21.13 -19.14
C GLU C 338 -15.18 -20.47 -18.17
N ALA C 339 -14.20 -19.79 -18.76
CA ALA C 339 -13.43 -18.79 -18.05
C ALA C 339 -14.23 -17.50 -18.00
N THR C 340 -14.19 -16.83 -16.87
CA THR C 340 -15.07 -15.68 -16.64
C THR C 340 -14.44 -14.35 -17.02
N HIS C 341 -13.15 -14.35 -17.37
CA HIS C 341 -12.46 -13.12 -17.74
C HIS C 341 -12.69 -12.79 -19.21
N GLY C 342 -12.14 -11.66 -19.65
CA GLY C 342 -12.28 -11.22 -21.02
C GLY C 342 -11.33 -11.91 -21.96
N THR C 343 -11.23 -11.36 -23.17
CA THR C 343 -10.40 -11.93 -24.22
C THR C 343 -8.96 -11.42 -24.19
N ALA C 344 -8.71 -10.28 -23.53
CA ALA C 344 -7.38 -9.69 -23.46
C ALA C 344 -6.72 -9.72 -24.82
N PRO C 345 -7.23 -8.94 -25.79
CA PRO C 345 -6.68 -9.00 -27.14
C PRO C 345 -5.20 -8.68 -27.22
N LYS C 346 -4.70 -7.85 -26.32
CA LYS C 346 -3.31 -7.41 -26.37
C LYS C 346 -2.32 -8.47 -25.94
N TYR C 347 -2.78 -9.52 -25.23
CA TYR C 347 -1.92 -10.61 -24.80
C TYR C 347 -2.14 -11.90 -25.57
N ALA C 348 -2.85 -11.84 -26.69
CA ALA C 348 -3.22 -13.06 -27.41
C ALA C 348 -1.98 -13.71 -28.02
N GLY C 349 -1.84 -15.01 -27.78
CA GLY C 349 -0.74 -15.78 -28.35
C GLY C 349 0.59 -15.62 -27.66
N GLN C 350 0.71 -14.69 -26.72
CA GLN C 350 1.99 -14.37 -26.09
C GLN C 350 2.27 -15.20 -24.83
N ASP C 351 1.35 -16.10 -24.44
CA ASP C 351 1.62 -17.04 -23.36
C ASP C 351 1.90 -16.30 -22.05
N LYS C 352 1.05 -15.36 -21.70
CA LYS C 352 1.24 -14.54 -20.51
C LYS C 352 0.11 -14.68 -19.48
N VAL C 353 -1.15 -14.66 -19.91
CA VAL C 353 -2.27 -14.50 -18.99
C VAL C 353 -2.43 -15.73 -18.09
N ASN C 354 -3.31 -15.61 -17.10
CA ASN C 354 -3.52 -16.65 -16.10
C ASN C 354 -4.53 -17.66 -16.61
N PRO C 355 -4.19 -18.94 -16.74
CA PRO C 355 -5.18 -19.95 -17.14
C PRO C 355 -6.02 -20.52 -16.00
N GLY C 356 -5.89 -19.98 -14.79
CA GLY C 356 -6.61 -20.56 -13.66
C GLY C 356 -8.11 -20.59 -13.85
N SER C 357 -8.67 -19.53 -14.45
CA SER C 357 -10.10 -19.44 -14.64
C SER C 357 -10.60 -20.63 -15.46
N LEU C 358 -10.09 -20.79 -16.68
CA LEU C 358 -10.55 -21.88 -17.53
C LEU C 358 -10.24 -23.23 -16.90
N ILE C 359 -9.12 -23.35 -16.20
CA ILE C 359 -8.77 -24.61 -15.53
C ILE C 359 -9.76 -24.92 -14.42
N LEU C 360 -10.10 -23.94 -13.59
CA LEU C 360 -10.98 -24.20 -12.46
C LEU C 360 -12.42 -24.41 -12.90
N SER C 361 -12.87 -23.72 -13.95
CA SER C 361 -14.17 -24.04 -14.52
C SER C 361 -14.15 -25.41 -15.18
N ALA C 362 -12.96 -25.86 -15.63
CA ALA C 362 -12.81 -27.23 -16.09
C ALA C 362 -12.86 -28.21 -14.93
N GLU C 363 -12.38 -27.80 -13.76
CA GLU C 363 -12.53 -28.64 -12.57
C GLU C 363 -14.00 -28.87 -12.26
N MET C 364 -14.82 -27.83 -12.42
CA MET C 364 -16.27 -28.00 -12.32
C MET C 364 -16.75 -29.06 -13.30
N MET C 365 -16.32 -28.95 -14.57
CA MET C 365 -16.73 -29.89 -15.59
C MET C 365 -16.51 -31.33 -15.14
N LEU C 366 -15.30 -31.64 -14.67
CA LEU C 366 -15.04 -32.97 -14.13
C LEU C 366 -15.98 -33.27 -12.97
N ARG C 367 -16.12 -32.32 -12.05
CA ARG C 367 -17.04 -32.48 -10.92
C ARG C 367 -18.46 -32.75 -11.42
N HIS C 368 -18.86 -32.08 -12.51
CA HIS C 368 -20.21 -32.24 -13.03
C HIS C 368 -20.39 -33.59 -13.70
N MET C 369 -19.31 -34.19 -14.21
CA MET C 369 -19.36 -35.50 -14.85
C MET C 369 -19.24 -36.64 -13.85
N GLY C 370 -19.25 -36.34 -12.54
CA GLY C 370 -19.13 -37.36 -11.52
C GLY C 370 -17.71 -37.77 -11.18
N TRP C 371 -16.71 -37.19 -11.83
CA TRP C 371 -15.30 -37.54 -11.57
C TRP C 371 -14.74 -36.49 -10.63
N THR C 372 -14.88 -36.76 -9.34
CA THR C 372 -14.52 -35.82 -8.29
C THR C 372 -13.07 -35.98 -7.85
N GLU C 373 -12.50 -37.17 -8.01
CA GLU C 373 -11.11 -37.40 -7.62
C GLU C 373 -10.13 -36.81 -8.63
N ALA C 374 -10.44 -36.95 -9.93
CA ALA C 374 -9.67 -36.23 -10.93
C ALA C 374 -9.83 -34.73 -10.76
N ALA C 375 -11.04 -34.29 -10.42
CA ALA C 375 -11.26 -32.87 -10.14
C ALA C 375 -10.41 -32.41 -8.96
N ASP C 376 -10.33 -33.23 -7.91
CA ASP C 376 -9.51 -32.88 -6.75
C ASP C 376 -8.07 -32.64 -7.13
N LEU C 377 -7.57 -33.39 -8.12
CA LEU C 377 -6.19 -33.20 -8.56
C LEU C 377 -5.98 -31.78 -9.10
N ILE C 378 -6.98 -31.23 -9.77
CA ILE C 378 -6.88 -29.85 -10.23
C ILE C 378 -6.89 -28.90 -9.04
N ILE C 379 -7.71 -29.17 -8.03
CA ILE C 379 -7.71 -28.35 -6.82
C ILE C 379 -6.39 -28.51 -6.08
N LYS C 380 -5.89 -29.74 -5.98
CA LYS C 380 -4.60 -29.97 -5.33
C LYS C 380 -3.47 -29.30 -6.10
N GLY C 381 -3.48 -29.43 -7.43
CA GLY C 381 -2.46 -28.78 -8.24
C GLY C 381 -2.55 -27.27 -8.19
N THR C 382 -3.76 -26.73 -8.03
CA THR C 382 -3.92 -25.29 -7.88
C THR C 382 -3.37 -24.82 -6.55
N ASN C 383 -3.80 -25.47 -5.46
CA ASN C 383 -3.27 -25.14 -4.14
C ASN C 383 -1.76 -25.30 -4.10
N GLY C 384 -1.24 -26.35 -4.73
CA GLY C 384 0.18 -26.62 -4.76
C GLY C 384 1.01 -25.53 -5.43
N ALA C 385 0.72 -25.25 -6.69
CA ALA C 385 1.50 -24.27 -7.45
C ALA C 385 1.43 -22.89 -6.81
N ILE C 386 0.25 -22.48 -6.36
CA ILE C 386 0.10 -21.13 -5.80
C ILE C 386 0.83 -21.02 -4.48
N ALA C 387 0.71 -22.04 -3.61
CA ALA C 387 1.42 -22.01 -2.34
C ALA C 387 2.93 -21.89 -2.55
N ALA C 388 3.46 -22.57 -3.56
CA ALA C 388 4.87 -22.45 -3.91
C ALA C 388 5.23 -21.08 -4.46
N LYS C 389 4.24 -20.23 -4.75
CA LYS C 389 4.46 -18.90 -5.30
C LYS C 389 5.04 -18.94 -6.71
N THR C 390 4.79 -20.03 -7.44
CA THR C 390 5.13 -20.10 -8.86
C THR C 390 3.84 -19.82 -9.62
N VAL C 391 3.67 -18.56 -10.04
CA VAL C 391 2.39 -18.07 -10.52
C VAL C 391 2.61 -17.16 -11.73
N THR C 392 1.51 -16.85 -12.41
CA THR C 392 1.55 -15.91 -13.52
C THR C 392 1.60 -14.48 -13.00
N TYR C 393 1.82 -13.54 -13.93
CA TYR C 393 2.11 -12.16 -13.54
C TYR C 393 1.00 -11.59 -12.67
N ASP C 394 -0.26 -11.88 -12.97
CA ASP C 394 -1.38 -11.28 -12.25
C ASP C 394 -1.26 -11.49 -10.75
N PHE C 395 -0.89 -12.70 -10.34
CA PHE C 395 -0.67 -12.97 -8.92
C PHE C 395 0.71 -12.49 -8.48
N GLU C 396 1.71 -12.61 -9.35
CA GLU C 396 3.07 -12.24 -8.97
C GLU C 396 3.15 -10.77 -8.55
N ARG C 397 2.30 -9.90 -9.11
CA ARG C 397 2.33 -8.49 -8.73
C ARG C 397 1.99 -8.31 -7.26
N LEU C 398 1.14 -9.18 -6.71
CA LEU C 398 0.60 -9.01 -5.37
C LEU C 398 1.35 -9.82 -4.33
N MET C 399 2.36 -10.57 -4.73
CA MET C 399 3.13 -11.41 -3.82
C MET C 399 4.54 -10.87 -3.67
N ASP C 400 5.14 -11.19 -2.53
CA ASP C 400 6.56 -10.97 -2.30
C ASP C 400 7.30 -12.29 -2.44
N GLY C 401 8.48 -12.25 -3.04
CA GLY C 401 9.27 -13.45 -3.27
C GLY C 401 8.55 -14.51 -4.07
N ALA C 402 7.99 -14.11 -5.21
CA ALA C 402 7.25 -15.01 -6.09
C ALA C 402 8.04 -15.22 -7.37
N THR C 403 7.81 -16.36 -8.00
CA THR C 403 8.50 -16.73 -9.24
C THR C 403 7.54 -16.57 -10.40
N LEU C 404 7.91 -15.71 -11.35
CA LEU C 404 7.04 -15.45 -12.50
C LEU C 404 7.04 -16.65 -13.42
N LEU C 405 5.84 -17.15 -13.73
CA LEU C 405 5.65 -18.23 -14.67
C LEU C 405 4.78 -17.76 -15.82
N SER C 406 4.98 -18.35 -16.99
CA SER C 406 4.12 -18.07 -18.13
C SER C 406 2.85 -18.92 -18.03
N CYS C 407 1.92 -18.71 -18.96
CA CYS C 407 0.66 -19.43 -18.91
C CYS C 407 0.89 -20.94 -19.00
N SER C 408 1.62 -21.38 -20.03
CA SER C 408 1.89 -22.81 -20.18
C SER C 408 2.73 -23.34 -19.04
N GLU C 409 3.73 -22.57 -18.60
CA GLU C 409 4.56 -23.01 -17.48
C GLU C 409 3.74 -23.23 -16.22
N PHE C 410 2.80 -22.32 -15.94
CA PHE C 410 1.97 -22.48 -14.75
C PHE C 410 1.13 -23.75 -14.85
N GLY C 411 0.63 -24.06 -16.05
CA GLY C 411 -0.07 -25.32 -16.24
C GLY C 411 0.81 -26.51 -15.93
N ASP C 412 2.04 -26.51 -16.45
CA ASP C 412 2.97 -27.59 -16.15
C ASP C 412 3.30 -27.62 -14.67
N ALA C 413 3.38 -26.45 -14.03
CA ALA C 413 3.62 -26.41 -12.59
C ALA C 413 2.49 -27.08 -11.82
N MET C 414 1.26 -26.97 -12.31
CA MET C 414 0.14 -27.66 -11.68
C MET C 414 0.30 -29.17 -11.74
N ILE C 415 0.62 -29.68 -12.94
CA ILE C 415 0.71 -31.13 -13.13
C ILE C 415 1.73 -31.74 -12.16
N ALA C 416 2.80 -31.01 -11.85
CA ALA C 416 3.82 -31.52 -10.94
C ALA C 416 3.35 -31.50 -9.49
N LYS C 417 2.23 -30.85 -9.19
CA LYS C 417 1.70 -30.75 -7.84
C LYS C 417 0.50 -31.65 -7.60
N MET C 418 -0.07 -32.24 -8.63
CA MET C 418 -1.25 -33.07 -8.48
C MET C 418 -0.88 -34.55 -8.43
N MET D 1 -47.86 25.17 13.32
CA MET D 1 -48.07 25.51 14.76
C MET D 1 -47.77 24.28 15.63
N GLY D 2 -48.75 23.83 16.40
CA GLY D 2 -48.59 22.68 17.27
C GLY D 2 -47.92 22.95 18.60
N TYR D 3 -47.42 24.17 18.83
CA TYR D 3 -46.58 24.46 19.98
C TYR D 3 -47.12 23.91 21.30
N GLN D 4 -48.41 23.56 21.35
CA GLN D 4 -48.98 22.92 22.53
C GLN D 4 -48.40 21.53 22.73
N LYS D 5 -47.84 21.29 23.92
CA LYS D 5 -47.19 20.05 24.35
C LYS D 5 -45.70 20.02 24.01
N ILE D 6 -45.20 20.98 23.23
CA ILE D 6 -43.78 20.99 22.88
C ILE D 6 -43.12 22.17 23.58
N GLN D 7 -42.79 21.98 24.86
CA GLN D 7 -42.13 23.02 25.65
C GLN D 7 -40.98 23.62 24.85
N VAL D 8 -41.23 24.75 24.21
CA VAL D 8 -40.18 25.40 23.42
C VAL D 8 -39.24 26.12 24.38
N PRO D 9 -37.92 25.89 24.29
CA PRO D 9 -37.00 26.64 25.14
C PRO D 9 -37.21 28.14 24.99
N ALA D 10 -37.20 28.85 26.12
CA ALA D 10 -37.34 30.29 26.08
C ALA D 10 -36.09 30.94 25.51
N THR D 11 -34.92 30.47 25.94
CA THR D 11 -33.65 30.96 25.40
C THR D 11 -33.30 30.30 24.08
N GLY D 12 -34.26 29.63 23.43
CA GLY D 12 -34.01 28.95 22.19
C GLY D 12 -34.33 29.84 20.99
N ASP D 13 -33.79 29.46 19.84
CA ASP D 13 -34.12 30.16 18.61
C ASP D 13 -34.49 29.14 17.53
N LYS D 14 -35.27 29.61 16.56
CA LYS D 14 -35.78 28.75 15.49
C LYS D 14 -35.06 29.14 14.21
N ILE D 15 -34.15 28.29 13.78
CA ILE D 15 -33.29 28.59 12.65
C ILE D 15 -33.92 28.02 11.39
N THR D 16 -33.36 28.35 10.23
CA THR D 16 -34.00 27.92 8.99
C THR D 16 -33.20 28.14 7.72
N VAL D 17 -33.90 28.16 6.59
CA VAL D 17 -33.31 28.13 5.26
C VAL D 17 -33.24 29.55 4.70
N ASN D 18 -32.12 29.87 4.06
CA ASN D 18 -31.97 31.13 3.34
C ASN D 18 -31.75 30.81 1.87
N ALA D 19 -31.74 31.84 1.03
CA ALA D 19 -31.39 31.65 -0.37
C ALA D 19 -30.05 30.95 -0.44
N ASP D 20 -29.72 30.35 -1.58
CA ASP D 20 -28.51 29.55 -1.77
C ASP D 20 -28.60 28.22 -1.03
N MET D 21 -29.72 27.93 -0.38
CA MET D 21 -29.95 26.69 0.37
C MET D 21 -28.97 26.49 1.52
N SER D 22 -28.13 27.48 1.81
CA SER D 22 -27.33 27.45 3.01
C SER D 22 -28.22 27.57 4.24
N LEU D 23 -27.65 27.26 5.41
CA LEU D 23 -28.38 27.23 6.66
C LEU D 23 -27.83 28.31 7.59
N SER D 24 -28.74 29.11 8.15
CA SER D 24 -28.39 30.17 9.09
C SER D 24 -28.23 29.60 10.49
N VAL D 25 -27.04 29.75 11.05
CA VAL D 25 -26.65 29.14 12.32
C VAL D 25 -26.50 30.25 13.36
N PRO D 26 -27.34 30.27 14.40
CA PRO D 26 -27.18 31.27 15.47
C PRO D 26 -26.00 30.94 16.39
N LYS D 27 -26.09 31.37 17.66
CA LYS D 27 -25.20 30.87 18.69
C LYS D 27 -25.85 29.83 19.59
N ASN D 28 -27.19 29.76 19.62
CA ASN D 28 -27.90 28.74 20.37
C ASN D 28 -29.09 28.22 19.57
N PRO D 29 -29.01 27.00 19.03
CA PRO D 29 -30.10 26.48 18.20
C PRO D 29 -31.07 25.59 18.96
N ILE D 30 -32.29 25.47 18.44
CA ILE D 30 -33.28 24.52 18.97
C ILE D 30 -33.20 23.26 18.12
N ILE D 31 -32.95 22.12 18.78
CA ILE D 31 -32.86 20.83 18.09
C ILE D 31 -33.97 19.92 18.59
N PRO D 32 -35.00 19.67 17.79
CA PRO D 32 -35.97 18.62 18.16
C PRO D 32 -35.30 17.26 18.21
N PHE D 33 -35.74 16.41 19.13
CA PHE D 33 -35.21 15.06 19.21
C PHE D 33 -36.27 14.12 19.75
N ILE D 34 -36.36 12.94 19.12
CA ILE D 34 -37.27 11.88 19.52
C ILE D 34 -36.46 10.83 20.28
N GLU D 35 -36.91 10.51 21.50
CA GLU D 35 -36.16 9.59 22.36
C GLU D 35 -36.08 8.19 21.76
N GLY D 36 -37.12 7.74 21.06
CA GLY D 36 -37.10 6.41 20.48
C GLY D 36 -37.48 5.34 21.48
N ASP D 37 -37.99 4.22 21.00
CA ASP D 37 -38.43 3.13 21.86
C ASP D 37 -37.24 2.25 22.28
N GLY D 38 -37.54 1.22 23.06
CA GLY D 38 -36.55 0.25 23.51
C GLY D 38 -35.32 0.87 24.15
N ILE D 39 -34.15 0.65 23.55
CA ILE D 39 -32.89 1.13 24.11
C ILE D 39 -32.72 2.62 23.82
N GLY D 40 -33.74 3.25 23.25
CA GLY D 40 -33.72 4.69 23.09
C GLY D 40 -33.63 5.41 24.42
N VAL D 41 -34.21 4.84 25.47
CA VAL D 41 -34.14 5.46 26.79
C VAL D 41 -32.71 5.58 27.27
N ASP D 42 -31.83 4.69 26.81
CA ASP D 42 -30.44 4.66 27.26
C ASP D 42 -29.55 5.58 26.46
N ILE D 43 -29.62 5.52 25.13
CA ILE D 43 -28.63 6.18 24.29
C ILE D 43 -28.94 7.67 24.11
N SER D 44 -30.22 8.05 24.13
CA SER D 44 -30.56 9.44 23.83
C SER D 44 -30.00 10.40 24.88
N PRO D 45 -30.16 10.16 26.18
CA PRO D 45 -29.49 11.03 27.15
C PRO D 45 -27.98 11.03 27.00
N VAL D 46 -27.38 9.87 26.78
CA VAL D 46 -25.93 9.79 26.59
C VAL D 46 -25.52 10.63 25.38
N MET D 47 -26.30 10.55 24.29
CA MET D 47 -26.02 11.38 23.14
C MET D 47 -26.06 12.86 23.51
N ILE D 48 -27.18 13.30 24.09
CA ILE D 48 -27.33 14.70 24.48
C ILE D 48 -26.15 15.14 25.33
N LYS D 49 -25.69 14.28 26.23
CA LYS D 49 -24.60 14.64 27.13
C LYS D 49 -23.29 14.80 26.38
N VAL D 50 -22.98 13.89 25.45
CA VAL D 50 -21.72 13.98 24.72
C VAL D 50 -21.71 15.19 23.79
N VAL D 51 -22.81 15.42 23.06
CA VAL D 51 -22.87 16.55 22.14
C VAL D 51 -22.75 17.87 22.92
N ASP D 52 -23.49 17.99 24.02
CA ASP D 52 -23.37 19.19 24.84
C ASP D 52 -21.93 19.38 25.33
N ALA D 53 -21.27 18.28 25.69
CA ALA D 53 -19.87 18.37 26.11
C ALA D 53 -18.97 18.82 24.98
N ALA D 54 -19.17 18.25 23.78
CA ALA D 54 -18.35 18.64 22.63
C ALA D 54 -18.65 20.08 22.23
N VAL D 55 -19.92 20.50 22.32
CA VAL D 55 -20.27 21.88 22.02
C VAL D 55 -19.59 22.82 22.99
N GLU D 56 -19.43 22.39 24.25
CA GLU D 56 -18.89 23.26 25.27
C GLU D 56 -17.36 23.32 25.23
N LYS D 57 -16.71 22.25 24.76
CA LYS D 57 -15.25 22.23 24.71
C LYS D 57 -14.69 22.91 23.48
N ALA D 58 -15.50 23.08 22.43
CA ALA D 58 -15.04 23.67 21.17
C ALA D 58 -15.26 25.18 21.11
N TYR D 59 -16.42 25.65 21.56
CA TYR D 59 -16.79 27.06 21.51
C TYR D 59 -16.85 27.66 22.91
N LYS D 60 -16.05 27.11 23.82
CA LYS D 60 -15.83 27.62 25.17
C LYS D 60 -16.98 28.47 25.69
N GLY D 61 -18.21 28.01 25.53
CA GLY D 61 -19.38 28.67 26.07
C GLY D 61 -20.09 29.60 25.10
N GLU D 62 -19.42 30.01 24.03
CA GLU D 62 -20.05 30.92 23.06
C GLU D 62 -21.40 30.37 22.60
N ARG D 63 -21.46 29.05 22.40
CA ARG D 63 -22.62 28.40 21.84
C ARG D 63 -23.09 27.28 22.75
N LYS D 64 -24.39 27.01 22.71
CA LYS D 64 -24.94 25.90 23.48
C LYS D 64 -26.29 25.57 22.87
N ILE D 65 -26.63 24.29 22.87
CA ILE D 65 -27.81 23.80 22.16
C ILE D 65 -29.02 23.82 23.08
N ALA D 66 -30.14 24.30 22.55
CA ALA D 66 -31.42 24.34 23.26
C ALA D 66 -32.20 23.10 22.84
N TRP D 67 -32.06 22.04 23.65
CA TRP D 67 -32.70 20.78 23.33
C TRP D 67 -34.20 20.85 23.59
N MET D 68 -34.98 20.57 22.56
CA MET D 68 -36.43 20.48 22.67
C MET D 68 -36.82 19.05 22.34
N GLU D 69 -37.62 18.44 23.21
CA GLU D 69 -37.96 17.03 23.09
C GLU D 69 -39.34 16.89 22.47
N VAL D 70 -39.39 16.38 21.24
CA VAL D 70 -40.64 16.00 20.60
C VAL D 70 -40.77 14.48 20.65
N TYR D 71 -41.97 13.99 20.39
CA TYR D 71 -42.32 12.60 20.60
C TYR D 71 -42.85 11.95 19.33
N ALA D 72 -42.49 10.69 19.14
CA ALA D 72 -43.00 9.86 18.05
C ALA D 72 -42.89 8.41 18.49
N GLY D 73 -43.69 7.56 17.86
CA GLY D 73 -43.71 6.15 18.18
C GLY D 73 -44.62 5.79 19.34
N GLU D 74 -44.20 4.83 20.16
CA GLU D 74 -45.02 4.34 21.26
C GLU D 74 -45.16 5.42 22.33
N LYS D 75 -44.05 5.73 23.00
CA LYS D 75 -44.06 6.69 24.09
C LYS D 75 -44.68 8.01 23.70
N ALA D 76 -44.76 8.31 22.40
CA ALA D 76 -45.52 9.48 21.96
C ALA D 76 -46.99 9.37 22.32
N THR D 77 -47.50 8.15 22.47
CA THR D 77 -48.89 7.97 22.88
C THR D 77 -49.05 7.96 24.40
N GLN D 78 -47.96 7.69 25.14
CA GLN D 78 -47.98 7.94 26.58
C GLN D 78 -48.32 9.39 26.87
N VAL D 79 -47.93 10.30 25.98
CA VAL D 79 -48.10 11.73 26.18
C VAL D 79 -49.30 12.21 25.37
N TYR D 80 -49.56 11.57 24.23
CA TYR D 80 -50.71 11.91 23.40
C TYR D 80 -51.80 10.85 23.56
N ASP D 81 -52.77 10.85 22.66
CA ASP D 81 -53.77 9.80 22.61
C ASP D 81 -53.14 8.50 22.13
N GLN D 82 -53.82 7.39 22.43
CA GLN D 82 -53.30 6.06 22.09
C GLN D 82 -53.42 5.75 20.60
N ASP D 83 -53.94 6.66 19.78
CA ASP D 83 -54.07 6.43 18.35
C ASP D 83 -53.04 7.18 17.52
N THR D 84 -52.34 8.15 18.10
CA THR D 84 -51.41 9.01 17.37
C THR D 84 -50.00 8.47 17.56
N TRP D 85 -49.69 7.38 16.85
CA TRP D 85 -48.31 6.90 16.85
C TRP D 85 -47.35 7.96 16.34
N LEU D 86 -47.84 8.90 15.52
CA LEU D 86 -47.02 10.00 15.02
C LEU D 86 -47.93 11.20 14.86
N PRO D 87 -48.06 12.03 15.89
CA PRO D 87 -48.99 13.16 15.83
C PRO D 87 -48.60 14.16 14.74
N GLN D 88 -49.63 14.67 14.04
CA GLN D 88 -49.42 15.75 13.08
C GLN D 88 -48.66 16.88 13.73
N GLU D 89 -48.92 17.12 15.02
CA GLU D 89 -48.19 18.12 15.77
C GLU D 89 -46.68 17.84 15.74
N THR D 90 -46.30 16.56 15.84
CA THR D 90 -44.89 16.19 15.76
C THR D 90 -44.31 16.52 14.39
N LEU D 91 -45.08 16.28 13.31
CA LEU D 91 -44.56 16.51 11.97
C LEU D 91 -44.25 17.99 11.75
N ASP D 92 -45.09 18.88 12.26
CA ASP D 92 -44.81 20.31 12.16
C ASP D 92 -43.50 20.65 12.84
N ALA D 93 -43.22 20.02 13.99
CA ALA D 93 -41.98 20.28 14.69
C ALA D 93 -40.77 19.89 13.86
N VAL D 94 -40.92 18.86 13.02
CA VAL D 94 -39.80 18.42 12.19
C VAL D 94 -39.65 19.33 10.97
N ARG D 95 -40.74 19.95 10.51
CA ARG D 95 -40.68 20.91 9.42
C ARG D 95 -40.40 22.32 9.92
N ASP D 96 -40.88 22.69 11.11
CA ASP D 96 -40.61 24.02 11.64
C ASP D 96 -39.12 24.20 11.90
N TYR D 97 -38.45 23.15 12.34
CA TYR D 97 -37.01 23.14 12.55
C TYR D 97 -36.37 22.21 11.53
N VAL D 98 -35.33 22.70 10.86
CA VAL D 98 -34.75 21.94 9.75
C VAL D 98 -33.88 20.80 10.27
N VAL D 99 -33.01 21.07 11.24
CA VAL D 99 -32.14 20.05 11.81
C VAL D 99 -32.85 19.37 12.97
N SER D 100 -32.59 18.07 13.13
CA SER D 100 -33.14 17.30 14.24
C SER D 100 -32.45 15.95 14.28
N ILE D 101 -32.51 15.32 15.45
CA ILE D 101 -31.93 14.00 15.66
C ILE D 101 -33.02 13.06 16.12
N LYS D 102 -32.81 11.77 15.89
CA LYS D 102 -33.88 10.79 16.08
C LYS D 102 -33.27 9.49 16.58
N GLY D 103 -33.99 8.80 17.46
CA GLY D 103 -33.57 7.53 17.98
C GLY D 103 -34.24 6.36 17.27
N PRO D 104 -34.00 5.15 17.77
CA PRO D 104 -34.63 3.97 17.15
C PRO D 104 -36.12 3.96 17.42
N LEU D 105 -36.87 3.37 16.49
CA LEU D 105 -38.32 3.33 16.57
C LEU D 105 -38.82 1.92 16.28
N THR D 106 -39.42 1.29 17.30
CA THR D 106 -40.11 0.03 17.07
C THR D 106 -41.12 0.20 15.95
N THR D 107 -41.02 -0.65 14.93
CA THR D 107 -42.07 -0.66 13.92
C THR D 107 -43.39 -1.01 14.61
N PRO D 108 -44.37 -0.10 14.64
CA PRO D 108 -45.63 -0.45 15.32
C PRO D 108 -46.27 -1.68 14.73
N VAL D 109 -47.51 -1.94 15.10
CA VAL D 109 -48.16 -3.21 14.82
C VAL D 109 -49.42 -2.95 13.99
N GLY D 110 -49.64 -3.83 13.01
CA GLY D 110 -50.87 -3.78 12.24
C GLY D 110 -50.94 -2.53 11.37
N GLY D 111 -52.14 -1.96 11.29
CA GLY D 111 -52.38 -0.82 10.43
C GLY D 111 -52.14 -1.13 8.97
N GLY D 112 -52.41 -0.16 8.09
CA GLY D 112 -52.15 -0.37 6.68
C GLY D 112 -50.67 -0.40 6.35
N ILE D 113 -49.86 0.32 7.12
CA ILE D 113 -48.41 0.34 6.94
C ILE D 113 -47.78 0.09 8.31
N ARG D 114 -46.98 -0.98 8.40
CA ARG D 114 -46.35 -1.32 9.67
C ARG D 114 -45.19 -0.39 10.00
N SER D 115 -44.43 0.01 8.98
CA SER D 115 -43.25 0.85 9.21
C SER D 115 -43.66 2.23 9.70
N LEU D 116 -42.84 2.82 10.57
CA LEU D 116 -43.06 4.18 11.07
C LEU D 116 -42.13 5.19 10.43
N ASN D 117 -40.88 4.79 10.15
CA ASN D 117 -39.95 5.67 9.47
C ASN D 117 -40.42 6.02 8.07
N VAL D 118 -41.08 5.09 7.39
CA VAL D 118 -41.60 5.37 6.05
C VAL D 118 -42.59 6.53 6.10
N ALA D 119 -43.40 6.59 7.15
CA ALA D 119 -44.31 7.73 7.30
C ALA D 119 -43.53 9.03 7.43
N LEU D 120 -42.41 9.00 8.17
CA LEU D 120 -41.55 10.17 8.26
C LEU D 120 -40.87 10.43 6.92
N ARG D 121 -40.57 9.38 6.17
CA ARG D 121 -39.92 9.53 4.86
C ARG D 121 -40.90 9.97 3.79
N GLN D 122 -42.16 9.53 3.88
CA GLN D 122 -43.15 9.87 2.86
C GLN D 122 -43.65 11.30 3.03
N GLN D 123 -44.08 11.66 4.23
CA GLN D 123 -44.75 12.93 4.45
C GLN D 123 -43.80 14.12 4.48
N LEU D 124 -42.49 13.88 4.63
CA LEU D 124 -41.51 14.94 4.55
C LEU D 124 -40.71 14.91 3.26
N ASP D 125 -41.02 13.99 2.35
CA ASP D 125 -40.30 13.87 1.08
C ASP D 125 -38.80 13.68 1.34
N LEU D 126 -38.48 12.72 2.20
CA LEU D 126 -37.08 12.40 2.48
C LEU D 126 -36.59 11.46 1.38
N TYR D 127 -35.73 11.98 0.51
CA TYR D 127 -35.27 11.24 -0.67
C TYR D 127 -33.78 10.96 -0.66
N VAL D 128 -33.02 11.56 0.26
CA VAL D 128 -31.61 11.25 0.44
C VAL D 128 -31.47 10.43 1.71
N CYS D 129 -30.58 9.44 1.66
CA CYS D 129 -30.22 8.64 2.82
C CYS D 129 -28.71 8.73 2.94
N GLN D 130 -28.25 9.66 3.76
CA GLN D 130 -26.82 9.83 4.01
C GLN D 130 -26.36 8.79 5.01
N ARG D 131 -25.23 8.14 4.72
CA ARG D 131 -24.63 7.20 5.66
C ARG D 131 -23.12 7.28 5.49
N PRO D 132 -22.46 8.15 6.24
CA PRO D 132 -20.99 8.13 6.25
C PRO D 132 -20.49 6.85 6.89
N VAL D 133 -19.33 6.39 6.43
CA VAL D 133 -18.71 5.19 6.97
C VAL D 133 -17.20 5.39 6.97
N ARG D 134 -16.57 5.11 8.10
CA ARG D 134 -15.13 5.21 8.24
C ARG D 134 -14.69 4.27 9.37
N TRP D 135 -13.39 4.12 9.49
CA TRP D 135 -12.79 3.27 10.53
C TRP D 135 -12.25 4.13 11.66
N PHE D 136 -12.37 3.62 12.87
CA PHE D 136 -11.82 4.25 14.06
C PHE D 136 -10.74 3.32 14.61
N GLU D 137 -9.53 3.85 14.80
CA GLU D 137 -8.39 3.03 15.17
C GLU D 137 -8.71 2.19 16.40
N GLY D 138 -8.46 0.88 16.29
CA GLY D 138 -8.74 -0.07 17.34
C GLY D 138 -9.98 -0.90 17.14
N VAL D 139 -10.85 -0.51 16.19
CA VAL D 139 -12.10 -1.25 15.98
C VAL D 139 -11.78 -2.58 15.31
N PRO D 140 -12.20 -3.71 15.86
CA PRO D 140 -11.99 -4.99 15.17
C PRO D 140 -12.66 -4.98 13.80
N SER D 141 -11.88 -5.28 12.78
CA SER D 141 -12.33 -5.28 11.40
C SER D 141 -11.97 -6.59 10.72
N PRO D 142 -12.77 -7.04 9.76
CA PRO D 142 -12.43 -8.27 9.03
C PRO D 142 -11.45 -8.07 7.88
N VAL D 143 -11.06 -6.83 7.56
CA VAL D 143 -10.14 -6.58 6.46
C VAL D 143 -8.80 -6.13 7.02
N LYS D 144 -7.76 -6.28 6.19
CA LYS D 144 -6.39 -6.01 6.62
C LYS D 144 -6.12 -4.51 6.74
N LYS D 145 -6.78 -3.69 5.93
CA LYS D 145 -6.48 -2.26 5.84
C LYS D 145 -7.77 -1.46 5.89
N PRO D 146 -8.44 -1.45 7.05
CA PRO D 146 -9.71 -0.71 7.14
C PRO D 146 -9.55 0.80 7.07
N GLY D 147 -8.38 1.33 7.43
CA GLY D 147 -8.17 2.77 7.47
C GLY D 147 -8.32 3.45 6.12
N ASP D 148 -8.31 2.71 5.01
CA ASP D 148 -8.48 3.30 3.70
C ASP D 148 -9.92 3.67 3.39
N VAL D 149 -10.88 3.26 4.23
CA VAL D 149 -12.29 3.54 4.01
C VAL D 149 -12.64 4.87 4.68
N ASP D 150 -13.02 5.86 3.85
CA ASP D 150 -13.47 7.17 4.36
C ASP D 150 -14.45 7.74 3.32
N MET D 151 -15.68 7.24 3.35
CA MET D 151 -16.66 7.53 2.32
C MET D 151 -17.95 8.07 2.92
N VAL D 152 -18.69 8.80 2.09
CA VAL D 152 -20.04 9.25 2.39
C VAL D 152 -20.94 8.82 1.25
N ILE D 153 -21.94 7.99 1.56
CA ILE D 153 -22.83 7.42 0.55
C ILE D 153 -24.11 8.24 0.51
N PHE D 154 -24.42 8.81 -0.65
CA PHE D 154 -25.69 9.48 -0.91
C PHE D 154 -26.60 8.50 -1.64
N ARG D 155 -27.66 8.08 -0.96
CA ARG D 155 -28.58 7.06 -1.47
C ARG D 155 -29.96 7.67 -1.71
N GLU D 156 -30.45 7.55 -2.94
CA GLU D 156 -31.82 7.94 -3.23
C GLU D 156 -32.78 6.99 -2.51
N ASN D 157 -33.86 7.56 -1.97
CA ASN D 157 -34.80 6.75 -1.19
C ASN D 157 -36.26 7.03 -1.51
N SER D 158 -36.56 7.80 -2.55
CA SER D 158 -37.94 8.05 -2.94
C SER D 158 -38.37 7.26 -4.17
N GLU D 159 -37.43 6.76 -4.97
CA GLU D 159 -37.73 6.06 -6.20
C GLU D 159 -37.15 4.65 -6.16
N ASP D 160 -37.02 4.02 -7.34
CA ASP D 160 -36.44 2.68 -7.44
C ASP D 160 -37.47 1.65 -7.01
N ILE D 161 -37.09 0.38 -6.93
CA ILE D 161 -38.08 -0.67 -6.68
C ILE D 161 -38.64 -0.55 -5.28
N TYR D 162 -37.90 0.08 -4.35
CA TYR D 162 -38.37 0.20 -2.98
C TYR D 162 -39.67 0.99 -2.86
N ALA D 163 -40.16 1.56 -3.96
CA ALA D 163 -41.45 2.25 -3.91
C ALA D 163 -42.54 1.34 -3.35
N GLY D 164 -42.47 0.05 -3.65
CA GLY D 164 -43.45 -0.90 -3.20
C GLY D 164 -44.49 -1.28 -4.23
N VAL D 165 -44.30 -0.88 -5.49
CA VAL D 165 -45.25 -1.16 -6.56
C VAL D 165 -44.99 -2.59 -7.04
N GLU D 166 -45.78 -3.54 -6.54
CA GLU D 166 -45.60 -4.95 -6.84
C GLU D 166 -46.94 -5.64 -6.75
N TRP D 167 -47.07 -6.76 -7.45
CA TRP D 167 -48.31 -7.52 -7.47
C TRP D 167 -48.02 -9.00 -7.32
N LYS D 168 -48.83 -9.68 -6.51
CA LYS D 168 -48.61 -11.09 -6.23
C LYS D 168 -48.84 -11.92 -7.50
N ALA D 169 -48.18 -13.07 -7.56
CA ALA D 169 -48.34 -13.96 -8.69
C ALA D 169 -49.74 -14.54 -8.71
N GLY D 170 -50.23 -14.83 -9.92
CA GLY D 170 -51.56 -15.36 -10.08
C GLY D 170 -52.69 -14.42 -9.68
N SER D 171 -52.40 -13.11 -9.50
CA SER D 171 -53.45 -12.17 -9.12
C SER D 171 -53.98 -11.44 -10.34
N PRO D 172 -55.28 -11.15 -10.40
CA PRO D 172 -55.79 -10.37 -11.54
C PRO D 172 -55.02 -9.09 -11.78
N GLU D 173 -54.67 -8.38 -10.72
CA GLU D 173 -53.88 -7.16 -10.87
C GLU D 173 -52.56 -7.45 -11.57
N ALA D 174 -51.86 -8.50 -11.13
CA ALA D 174 -50.61 -8.89 -11.78
C ALA D 174 -50.85 -9.39 -13.19
N GLU D 175 -51.80 -10.32 -13.35
CA GLU D 175 -52.07 -10.87 -14.68
C GLU D 175 -52.49 -9.78 -15.66
N LYS D 176 -53.23 -8.78 -15.19
CA LYS D 176 -53.62 -7.69 -16.08
C LYS D 176 -52.40 -6.92 -16.56
N VAL D 177 -51.40 -6.75 -15.69
CA VAL D 177 -50.19 -6.05 -16.08
C VAL D 177 -49.41 -6.85 -17.10
N ILE D 178 -49.31 -8.17 -16.92
CA ILE D 178 -48.58 -8.99 -17.89
C ILE D 178 -49.35 -9.07 -19.20
N LYS D 179 -50.67 -9.29 -19.13
CA LYS D 179 -51.51 -9.24 -20.33
C LYS D 179 -51.26 -7.95 -21.10
N PHE D 180 -51.25 -6.83 -20.38
CA PHE D 180 -51.02 -5.53 -21.00
C PHE D 180 -49.60 -5.42 -21.53
N LEU D 181 -48.61 -5.92 -20.78
CA LEU D 181 -47.23 -5.83 -21.21
C LEU D 181 -46.98 -6.68 -22.45
N THR D 182 -47.36 -7.95 -22.43
CA THR D 182 -46.96 -8.87 -23.50
C THR D 182 -47.54 -8.45 -24.85
N GLU D 183 -48.80 -8.00 -24.87
CA GLU D 183 -49.48 -7.70 -26.13
C GLU D 183 -49.29 -6.25 -26.56
N GLU D 184 -49.65 -5.30 -25.70
CA GLU D 184 -49.68 -3.90 -26.12
C GLU D 184 -48.29 -3.28 -26.17
N MET D 185 -47.37 -3.72 -25.32
CA MET D 185 -46.03 -3.18 -25.29
C MET D 185 -45.06 -3.98 -26.15
N GLY D 186 -45.50 -5.10 -26.72
CA GLY D 186 -44.61 -5.92 -27.53
C GLY D 186 -43.51 -6.58 -26.73
N VAL D 187 -43.72 -6.80 -25.43
CA VAL D 187 -42.70 -7.40 -24.59
C VAL D 187 -42.53 -8.85 -24.99
N LYS D 188 -41.33 -9.21 -25.43
CA LYS D 188 -40.98 -10.59 -25.73
C LYS D 188 -39.95 -11.14 -24.76
N LYS D 189 -39.41 -10.30 -23.87
CA LYS D 189 -38.30 -10.67 -23.01
C LYS D 189 -38.74 -11.58 -21.87
N ILE D 190 -39.93 -11.35 -21.30
CA ILE D 190 -40.38 -12.17 -20.18
C ILE D 190 -40.36 -13.62 -20.61
N ARG D 191 -39.82 -14.48 -19.74
CA ARG D 191 -39.63 -15.88 -20.04
C ARG D 191 -40.81 -16.72 -19.57
N PHE D 192 -41.38 -16.40 -18.41
CA PHE D 192 -42.49 -17.15 -17.84
C PHE D 192 -43.57 -16.16 -17.42
N THR D 193 -44.71 -16.20 -18.12
CA THR D 193 -45.75 -15.20 -17.90
C THR D 193 -46.76 -15.58 -16.81
N GLU D 194 -46.92 -16.86 -16.52
CA GLU D 194 -47.87 -17.31 -15.51
C GLU D 194 -47.19 -17.54 -14.16
N ASN D 195 -47.97 -17.35 -13.09
CA ASN D 195 -47.47 -17.47 -11.73
C ASN D 195 -46.21 -16.63 -11.56
N CYS D 196 -46.33 -15.35 -11.88
CA CYS D 196 -45.20 -14.43 -11.95
C CYS D 196 -45.51 -13.18 -11.15
N GLY D 197 -44.70 -12.90 -10.14
CA GLY D 197 -44.80 -11.64 -9.43
C GLY D 197 -44.01 -10.57 -10.16
N ILE D 198 -44.55 -9.36 -10.17
CA ILE D 198 -44.02 -8.27 -10.97
C ILE D 198 -43.68 -7.09 -10.06
N GLY D 199 -42.57 -6.41 -10.38
CA GLY D 199 -42.23 -5.16 -9.73
C GLY D 199 -41.82 -4.13 -10.76
N ILE D 200 -41.95 -2.87 -10.37
CA ILE D 200 -41.68 -1.74 -11.24
C ILE D 200 -40.51 -0.96 -10.65
N LYS D 201 -39.55 -0.59 -11.52
CA LYS D 201 -38.38 0.18 -11.12
C LYS D 201 -38.43 1.57 -11.75
N PRO D 202 -38.92 2.59 -11.05
CA PRO D 202 -38.92 3.94 -11.62
C PRO D 202 -37.69 4.75 -11.25
N VAL D 203 -37.03 5.35 -12.23
CA VAL D 203 -35.89 6.23 -12.00
C VAL D 203 -36.08 7.47 -12.87
N SER D 204 -36.43 8.58 -12.25
CA SER D 204 -36.72 9.82 -12.97
C SER D 204 -35.53 10.77 -12.90
N GLN D 205 -35.65 11.86 -13.68
CA GLN D 205 -34.61 12.89 -13.70
C GLN D 205 -34.67 13.74 -12.45
N GLU D 206 -35.86 14.23 -12.09
CA GLU D 206 -36.01 15.07 -10.90
C GLU D 206 -35.45 14.37 -9.67
N GLY D 207 -35.93 13.16 -9.38
CA GLY D 207 -35.44 12.43 -8.23
C GLY D 207 -33.95 12.13 -8.30
N THR D 208 -33.43 11.93 -9.51
CA THR D 208 -32.00 11.68 -9.67
C THR D 208 -31.20 12.96 -9.47
N LYS D 209 -31.64 14.07 -10.06
CA LYS D 209 -30.85 15.29 -10.03
C LYS D 209 -30.84 15.93 -8.65
N ARG D 210 -31.95 15.83 -7.90
CA ARG D 210 -31.97 16.39 -6.55
C ARG D 210 -31.11 15.55 -5.60
N LEU D 211 -30.83 14.30 -5.95
CA LEU D 211 -29.85 13.51 -5.21
C LEU D 211 -28.43 13.95 -5.55
N VAL D 212 -28.07 13.89 -6.83
CA VAL D 212 -26.70 14.21 -7.25
C VAL D 212 -26.36 15.66 -6.92
N ARG D 213 -27.36 16.55 -6.97
CA ARG D 213 -27.10 17.95 -6.62
C ARG D 213 -26.62 18.08 -5.19
N LYS D 214 -27.20 17.31 -4.27
CA LYS D 214 -26.82 17.39 -2.86
C LYS D 214 -25.68 16.46 -2.50
N ALA D 215 -25.30 15.55 -3.40
CA ALA D 215 -24.05 14.82 -3.22
C ALA D 215 -22.87 15.68 -3.65
N LEU D 216 -23.03 16.45 -4.73
CA LEU D 216 -21.97 17.33 -5.19
C LEU D 216 -21.75 18.49 -4.23
N GLN D 217 -22.84 19.10 -3.73
CA GLN D 217 -22.70 20.23 -2.83
C GLN D 217 -22.05 19.82 -1.51
N TYR D 218 -22.32 18.60 -1.05
CA TYR D 218 -21.62 18.09 0.12
C TYR D 218 -20.13 17.96 -0.14
N ALA D 219 -19.75 17.62 -1.38
CA ALA D 219 -18.34 17.49 -1.71
C ALA D 219 -17.60 18.81 -1.62
N VAL D 220 -18.26 19.91 -1.97
CA VAL D 220 -17.63 21.23 -1.89
C VAL D 220 -17.86 21.87 -0.52
N ASP D 221 -19.04 21.63 0.07
CA ASP D 221 -19.32 22.16 1.40
C ASP D 221 -18.45 21.50 2.47
N ASN D 222 -17.86 20.34 2.18
CA ASN D 222 -16.99 19.65 3.12
C ASN D 222 -15.61 19.39 2.56
N ASP D 223 -15.30 19.91 1.37
CA ASP D 223 -13.95 19.79 0.79
C ASP D 223 -13.56 18.31 0.62
N ARG D 224 -14.22 17.69 -0.34
CA ARG D 224 -13.95 16.32 -0.71
C ARG D 224 -13.33 16.26 -2.10
N SER D 225 -12.70 15.13 -2.39
CA SER D 225 -11.85 15.01 -3.57
C SER D 225 -12.61 14.52 -4.80
N SER D 226 -13.63 13.69 -4.63
CA SER D 226 -14.32 13.14 -5.80
C SER D 226 -15.72 12.71 -5.44
N VAL D 227 -16.57 12.62 -6.46
CA VAL D 227 -17.93 12.11 -6.35
C VAL D 227 -18.08 11.01 -7.39
N THR D 228 -18.55 9.84 -6.97
CA THR D 228 -18.69 8.68 -7.84
C THR D 228 -20.15 8.33 -8.03
N LEU D 229 -20.57 8.21 -9.28
CA LEU D 229 -21.92 7.75 -9.62
C LEU D 229 -21.87 6.24 -9.78
N VAL D 230 -22.44 5.51 -8.82
CA VAL D 230 -22.47 4.06 -8.84
C VAL D 230 -23.79 3.61 -9.45
N HIS D 231 -23.71 2.77 -10.49
CA HIS D 231 -24.87 2.43 -11.29
C HIS D 231 -24.64 1.07 -11.93
N LYS D 232 -25.73 0.37 -12.21
CA LYS D 232 -25.70 -0.87 -12.98
C LYS D 232 -26.22 -0.61 -14.39
N GLY D 233 -25.76 0.49 -14.99
CA GLY D 233 -26.34 0.99 -16.22
C GLY D 233 -26.00 0.19 -17.45
N ASN D 234 -24.95 -0.63 -17.40
CA ASN D 234 -24.59 -1.43 -18.56
C ASN D 234 -25.65 -2.46 -18.90
N ILE D 235 -26.53 -2.80 -17.95
CA ILE D 235 -27.65 -3.68 -18.22
C ILE D 235 -28.99 -2.95 -18.17
N MET D 236 -29.10 -1.86 -17.41
CA MET D 236 -30.32 -1.06 -17.31
C MET D 236 -29.99 0.34 -17.78
N LYS D 237 -30.06 0.56 -19.10
CA LYS D 237 -29.60 1.81 -19.68
C LYS D 237 -30.58 2.96 -19.47
N PHE D 238 -31.86 2.68 -19.26
CA PHE D 238 -32.87 3.74 -19.12
C PHE D 238 -33.21 4.04 -17.66
N THR D 239 -32.78 3.22 -16.71
CA THR D 239 -32.98 3.51 -15.30
C THR D 239 -31.64 3.84 -14.65
N GLU D 240 -30.84 2.80 -14.36
CA GLU D 240 -29.52 3.02 -13.78
C GLU D 240 -28.61 3.74 -14.77
N GLY D 241 -28.67 3.36 -16.04
CA GLY D 241 -27.92 4.08 -17.05
C GLY D 241 -28.37 5.52 -17.18
N ALA D 242 -29.68 5.76 -17.16
CA ALA D 242 -30.19 7.12 -17.16
C ALA D 242 -29.81 7.85 -15.88
N PHE D 243 -29.74 7.12 -14.77
CA PHE D 243 -29.27 7.73 -13.52
C PHE D 243 -27.86 8.28 -13.66
N LYS D 244 -26.99 7.55 -14.37
CA LYS D 244 -25.63 8.02 -14.59
C LYS D 244 -25.63 9.31 -15.41
N ASP D 245 -26.21 9.26 -16.61
CA ASP D 245 -26.17 10.43 -17.49
C ASP D 245 -26.78 11.65 -16.81
N TRP D 246 -27.96 11.48 -16.20
CA TRP D 246 -28.55 12.58 -15.45
C TRP D 246 -27.58 13.10 -14.38
N GLY D 247 -26.88 12.19 -13.69
CA GLY D 247 -25.92 12.60 -12.69
C GLY D 247 -24.77 13.41 -13.28
N TYR D 248 -24.24 12.95 -14.42
CA TYR D 248 -23.16 13.70 -15.07
C TYR D 248 -23.63 15.07 -15.53
N GLU D 249 -24.90 15.20 -15.93
CA GLU D 249 -25.40 16.51 -16.30
C GLU D 249 -25.32 17.47 -15.11
N VAL D 250 -25.88 17.06 -13.96
CA VAL D 250 -25.89 17.94 -12.79
C VAL D 250 -24.47 18.39 -12.44
N ALA D 251 -23.51 17.47 -12.51
CA ALA D 251 -22.13 17.82 -12.23
C ALA D 251 -21.64 18.89 -13.20
N ARG D 252 -21.92 18.70 -14.48
CA ARG D 252 -21.61 19.72 -15.48
C ARG D 252 -22.55 20.92 -15.37
N ASP D 253 -23.79 20.70 -14.92
CA ASP D 253 -24.80 21.75 -15.05
C ASP D 253 -24.75 22.77 -13.91
N GLU D 254 -24.67 22.30 -12.67
CA GLU D 254 -24.89 23.16 -11.51
C GLU D 254 -23.65 23.33 -10.65
N PHE D 255 -22.49 22.85 -11.11
CA PHE D 255 -21.23 23.06 -10.41
C PHE D 255 -20.10 23.43 -11.34
N GLY D 256 -20.34 23.49 -12.65
CA GLY D 256 -19.35 23.91 -13.63
C GLY D 256 -18.25 22.91 -13.89
N ALA D 257 -18.63 21.68 -14.21
CA ALA D 257 -17.69 20.62 -14.51
C ALA D 257 -17.54 20.47 -16.02
N GLU D 258 -16.32 20.15 -16.46
CA GLU D 258 -16.05 19.91 -17.87
C GLU D 258 -15.36 18.56 -18.01
N LEU D 259 -15.51 17.97 -19.20
CA LEU D 259 -15.02 16.63 -19.48
C LEU D 259 -13.53 16.51 -19.20
N LEU D 260 -13.08 15.27 -19.00
CA LEU D 260 -11.68 14.96 -18.71
C LEU D 260 -11.19 13.87 -19.67
N ASP D 261 -9.97 14.05 -20.18
CA ASP D 261 -9.26 13.05 -20.96
C ASP D 261 -10.15 12.27 -21.90
N GLY D 262 -11.09 12.94 -22.56
CA GLY D 262 -12.04 12.25 -23.41
C GLY D 262 -13.16 11.58 -22.65
N GLY D 263 -13.35 11.92 -21.39
CA GLY D 263 -14.39 11.32 -20.57
C GLY D 263 -14.06 9.88 -20.21
N PRO D 264 -15.04 9.15 -19.65
CA PRO D 264 -16.37 9.66 -19.28
C PRO D 264 -16.37 10.58 -18.06
N TRP D 265 -15.23 10.70 -17.39
CA TRP D 265 -15.16 11.38 -16.10
C TRP D 265 -14.97 12.88 -16.29
N MET D 266 -15.24 13.63 -15.22
CA MET D 266 -15.29 15.09 -15.27
C MET D 266 -14.63 15.67 -14.03
N GLN D 267 -14.42 16.99 -14.08
CA GLN D 267 -13.80 17.75 -13.00
C GLN D 267 -14.35 19.17 -12.99
N PHE D 268 -14.54 19.72 -11.80
CA PHE D 268 -14.80 21.15 -11.64
C PHE D 268 -13.95 21.68 -10.49
N LYS D 269 -13.56 22.95 -10.60
CA LYS D 269 -12.85 23.61 -9.50
C LYS D 269 -13.88 24.16 -8.52
N ASN D 270 -13.90 23.59 -7.32
CA ASN D 270 -14.80 24.04 -6.26
C ASN D 270 -14.63 25.54 -6.04
N PRO D 271 -15.67 26.25 -5.60
CA PRO D 271 -15.57 27.70 -5.39
C PRO D 271 -15.03 28.12 -4.04
N LYS D 272 -14.67 27.19 -3.14
CA LYS D 272 -14.39 27.52 -1.76
C LYS D 272 -13.00 27.13 -1.28
N THR D 273 -12.24 26.34 -2.04
CA THR D 273 -10.93 25.91 -1.58
C THR D 273 -9.88 25.78 -2.68
N GLY D 274 -10.27 25.69 -3.95
CA GLY D 274 -9.31 25.59 -5.04
C GLY D 274 -8.92 24.17 -5.40
N LYS D 275 -9.25 23.19 -4.57
CA LYS D 275 -8.91 21.80 -4.87
C LYS D 275 -9.69 21.30 -6.08
N ASN D 276 -9.08 20.36 -6.81
CA ASN D 276 -9.64 19.84 -8.05
C ASN D 276 -10.51 18.62 -7.75
N VAL D 277 -11.83 18.83 -7.74
CA VAL D 277 -12.75 17.72 -7.54
C VAL D 277 -12.89 16.91 -8.82
N VAL D 278 -13.27 15.64 -8.68
CA VAL D 278 -13.41 14.72 -9.80
C VAL D 278 -14.76 14.03 -9.72
N VAL D 279 -15.42 13.89 -10.86
CA VAL D 279 -16.70 13.18 -10.97
C VAL D 279 -16.50 11.99 -11.88
N LYS D 280 -16.74 10.79 -11.34
CA LYS D 280 -16.53 9.55 -12.07
C LYS D 280 -17.72 8.63 -11.83
N ASP D 281 -17.67 7.45 -12.46
CA ASP D 281 -18.73 6.46 -12.30
C ASP D 281 -18.12 5.06 -12.30
N VAL D 282 -18.75 4.16 -11.58
CA VAL D 282 -18.31 2.77 -11.47
C VAL D 282 -19.54 1.89 -11.49
N ILE D 283 -19.41 0.71 -12.12
CA ILE D 283 -20.53 -0.22 -12.17
C ILE D 283 -20.71 -0.86 -10.80
N ALA D 284 -21.97 -1.03 -10.40
CA ALA D 284 -22.29 -1.41 -9.03
C ALA D 284 -21.52 -2.66 -8.60
N ASP D 285 -21.67 -3.76 -9.35
CA ASP D 285 -21.03 -5.01 -8.93
C ASP D 285 -19.52 -4.86 -8.89
N ALA D 286 -18.94 -4.04 -9.77
CA ALA D 286 -17.52 -3.73 -9.65
C ALA D 286 -17.26 -2.90 -8.40
N MET D 287 -18.16 -1.98 -8.07
CA MET D 287 -17.96 -1.13 -6.91
C MET D 287 -17.81 -1.97 -5.64
N LEU D 288 -18.62 -3.01 -5.49
CA LEU D 288 -18.51 -3.86 -4.32
C LEU D 288 -17.13 -4.49 -4.22
N GLN D 289 -16.46 -4.71 -5.35
CA GLN D 289 -15.09 -5.18 -5.32
C GLN D 289 -14.13 -4.04 -4.97
N GLN D 290 -14.34 -2.87 -5.57
CA GLN D 290 -13.41 -1.75 -5.39
C GLN D 290 -13.29 -1.34 -3.93
N ILE D 291 -14.41 -1.35 -3.20
CA ILE D 291 -14.38 -0.91 -1.81
C ILE D 291 -13.49 -1.80 -0.96
N LEU D 292 -13.22 -3.04 -1.40
CA LEU D 292 -12.29 -3.90 -0.70
C LEU D 292 -10.86 -3.74 -1.19
N LEU D 293 -10.66 -3.47 -2.48
CA LEU D 293 -9.33 -3.44 -3.07
C LEU D 293 -8.74 -2.04 -3.20
N ARG D 294 -9.56 -1.04 -3.52
CA ARG D 294 -9.07 0.32 -3.73
C ARG D 294 -9.98 1.35 -3.08
N PRO D 295 -10.42 1.14 -1.83
CA PRO D 295 -11.34 2.10 -1.22
C PRO D 295 -10.76 3.50 -1.08
N ALA D 296 -9.44 3.65 -1.04
CA ALA D 296 -8.83 4.96 -0.88
C ALA D 296 -9.10 5.89 -2.07
N GLU D 297 -9.59 5.36 -3.18
CA GLU D 297 -9.80 6.17 -4.38
C GLU D 297 -11.22 6.73 -4.48
N TYR D 298 -12.05 6.53 -3.45
CA TYR D 298 -13.44 6.98 -3.48
C TYR D 298 -13.75 7.81 -2.24
N ASP D 299 -14.57 8.83 -2.42
CA ASP D 299 -14.92 9.74 -1.33
C ASP D 299 -16.43 9.81 -1.17
N VAL D 300 -17.11 10.57 -2.03
CA VAL D 300 -18.56 10.70 -1.99
C VAL D 300 -19.17 9.79 -3.04
N ILE D 301 -20.27 9.14 -2.68
CA ILE D 301 -20.95 8.19 -3.55
C ILE D 301 -22.38 8.66 -3.76
N ALA D 302 -22.80 8.75 -5.01
CA ALA D 302 -24.18 9.00 -5.37
C ALA D 302 -24.70 7.80 -6.15
N THR D 303 -25.81 7.24 -5.70
CA THR D 303 -26.30 5.99 -6.28
C THR D 303 -27.79 5.84 -6.01
N LEU D 304 -28.34 4.73 -6.45
CA LEU D 304 -29.77 4.46 -6.35
C LEU D 304 -30.09 3.79 -5.02
N ASN D 305 -31.37 3.50 -4.81
CA ASN D 305 -31.83 2.97 -3.54
C ASN D 305 -31.18 1.62 -3.24
N LEU D 306 -31.42 0.63 -4.10
CA LEU D 306 -30.90 -0.71 -3.84
C LEU D 306 -29.39 -0.70 -3.69
N ASN D 307 -28.68 -0.09 -4.66
CA ASN D 307 -27.23 -0.04 -4.60
C ASN D 307 -26.75 0.56 -3.29
N GLY D 308 -27.28 1.72 -2.93
CA GLY D 308 -26.90 2.36 -1.69
C GLY D 308 -27.11 1.46 -0.47
N ASP D 309 -28.23 0.74 -0.45
CA ASP D 309 -28.50 -0.16 0.66
C ASP D 309 -27.42 -1.23 0.76
N TYR D 310 -27.14 -1.92 -0.34
CA TYR D 310 -26.11 -2.96 -0.34
C TYR D 310 -24.73 -2.35 -0.05
N LEU D 311 -24.44 -1.20 -0.65
CA LEU D 311 -23.10 -0.62 -0.52
C LEU D 311 -22.84 -0.15 0.90
N SER D 312 -23.81 0.55 1.51
CA SER D 312 -23.61 1.06 2.87
C SER D 312 -23.49 -0.08 3.88
N ASP D 313 -24.29 -1.13 3.71
CA ASP D 313 -24.20 -2.28 4.61
C ASP D 313 -22.86 -2.98 4.47
N ALA D 314 -22.36 -3.09 3.23
CA ALA D 314 -21.07 -3.75 3.01
C ALA D 314 -19.94 -2.97 3.67
N LEU D 315 -19.89 -1.66 3.45
CA LEU D 315 -18.85 -0.85 4.05
C LEU D 315 -18.89 -0.91 5.57
N ALA D 316 -20.09 -0.88 6.15
CA ALA D 316 -20.21 -0.95 7.60
C ALA D 316 -19.51 -2.18 8.16
N ALA D 317 -19.82 -3.35 7.61
CA ALA D 317 -19.15 -4.57 8.04
C ALA D 317 -17.66 -4.50 7.76
N GLU D 318 -17.25 -3.79 6.70
CA GLU D 318 -15.85 -3.74 6.34
C GLU D 318 -15.03 -3.00 7.39
N VAL D 319 -15.61 -2.02 8.06
CA VAL D 319 -14.94 -1.25 9.09
C VAL D 319 -15.41 -1.66 10.48
N GLY D 320 -16.09 -2.79 10.61
CA GLY D 320 -16.60 -3.22 11.90
C GLY D 320 -17.54 -2.24 12.55
N GLY D 321 -18.22 -1.42 11.74
CA GLY D 321 -19.08 -0.37 12.27
C GLY D 321 -20.56 -0.61 12.02
N ILE D 322 -20.98 -1.88 11.97
CA ILE D 322 -22.40 -2.17 11.76
C ILE D 322 -23.23 -1.56 12.88
N GLY D 323 -22.86 -1.84 14.12
CA GLY D 323 -23.61 -1.37 15.26
C GLY D 323 -23.44 0.09 15.63
N ILE D 324 -22.57 0.81 14.93
CA ILE D 324 -22.35 2.23 15.22
C ILE D 324 -22.38 3.01 13.91
N ALA D 325 -23.36 2.73 13.06
CA ALA D 325 -23.42 3.33 11.74
C ALA D 325 -24.21 4.63 11.82
N PRO D 326 -23.59 5.79 11.59
CA PRO D 326 -24.36 7.03 11.55
C PRO D 326 -25.16 7.15 10.26
N GLY D 327 -26.25 7.89 10.34
CA GLY D 327 -27.15 8.03 9.20
C GLY D 327 -28.02 9.26 9.32
N ALA D 328 -28.45 9.78 8.16
CA ALA D 328 -29.33 10.93 8.10
C ALA D 328 -30.23 10.79 6.88
N ASN D 329 -31.44 11.33 7.00
CA ASN D 329 -32.39 11.39 5.89
C ASN D 329 -32.71 12.85 5.63
N LEU D 330 -32.49 13.29 4.40
CA LEU D 330 -32.55 14.71 4.05
C LEU D 330 -33.60 14.96 2.98
N SER D 331 -34.10 16.20 2.95
CA SER D 331 -34.94 16.68 1.86
C SER D 331 -34.29 17.91 1.24
N ASP D 332 -35.07 18.74 0.54
CA ASP D 332 -34.54 20.00 0.02
C ASP D 332 -33.95 20.84 1.15
N SER D 333 -34.59 20.82 2.31
CA SER D 333 -34.12 21.53 3.49
C SER D 333 -34.18 20.68 4.75
N VAL D 334 -35.25 19.89 4.92
CA VAL D 334 -35.39 19.09 6.13
C VAL D 334 -34.22 18.14 6.26
N ALA D 335 -33.62 18.10 7.44
CA ALA D 335 -32.49 17.21 7.73
C ALA D 335 -32.80 16.49 9.04
N MET D 336 -32.99 15.18 8.96
CA MET D 336 -33.33 14.36 10.11
C MET D 336 -32.25 13.32 10.32
N PHE D 337 -31.55 13.40 11.45
CA PHE D 337 -30.47 12.48 11.78
C PHE D 337 -31.02 11.38 12.68
N GLU D 338 -30.49 10.17 12.51
CA GLU D 338 -31.15 9.00 13.07
C GLU D 338 -30.11 7.98 13.51
N ALA D 339 -30.52 7.13 14.45
CA ALA D 339 -29.81 5.91 14.77
C ALA D 339 -30.19 4.80 13.80
N THR D 340 -29.19 4.04 13.35
CA THR D 340 -29.42 3.06 12.30
C THR D 340 -29.69 1.66 12.83
N HIS D 341 -29.50 1.41 14.13
CA HIS D 341 -29.74 0.08 14.68
C HIS D 341 -31.20 -0.04 15.09
N GLY D 342 -31.56 -1.24 15.57
CA GLY D 342 -32.92 -1.50 16.03
C GLY D 342 -33.12 -0.98 17.44
N THR D 343 -34.25 -1.40 18.01
CA THR D 343 -34.60 -0.97 19.37
C THR D 343 -34.09 -1.92 20.45
N ALA D 344 -33.71 -3.14 20.09
CA ALA D 344 -33.19 -4.12 21.05
C ALA D 344 -34.06 -4.16 22.30
N PRO D 345 -35.29 -4.67 22.20
CA PRO D 345 -36.19 -4.62 23.36
C PRO D 345 -35.63 -5.29 24.60
N LYS D 346 -34.88 -6.40 24.44
CA LYS D 346 -34.34 -7.10 25.60
C LYS D 346 -33.36 -6.24 26.38
N TYR D 347 -32.65 -5.35 25.71
CA TYR D 347 -31.65 -4.49 26.34
C TYR D 347 -32.25 -3.18 26.84
N ALA D 348 -33.57 -3.07 26.88
CA ALA D 348 -34.21 -1.79 27.19
C ALA D 348 -33.98 -1.40 28.64
N GLY D 349 -33.53 -0.16 28.84
CA GLY D 349 -33.37 0.41 30.16
C GLY D 349 -32.14 -0.03 30.92
N GLN D 350 -31.40 -1.04 30.44
CA GLN D 350 -30.28 -1.59 31.19
C GLN D 350 -28.96 -0.90 30.88
N ASP D 351 -28.94 0.07 29.97
CA ASP D 351 -27.77 0.94 29.79
C ASP D 351 -26.51 0.13 29.43
N LYS D 352 -26.66 -0.75 28.44
CA LYS D 352 -25.55 -1.58 27.99
C LYS D 352 -25.14 -1.30 26.55
N VAL D 353 -26.09 -1.08 25.66
CA VAL D 353 -25.81 -1.07 24.22
C VAL D 353 -24.89 0.09 23.88
N ASN D 354 -24.38 0.09 22.65
CA ASN D 354 -23.41 1.08 22.21
C ASN D 354 -24.12 2.36 21.73
N PRO D 355 -23.87 3.50 22.31
CA PRO D 355 -24.46 4.75 21.81
C PRO D 355 -23.71 5.37 20.65
N GLY D 356 -22.69 4.70 20.11
CA GLY D 356 -21.89 5.29 19.06
C GLY D 356 -22.70 5.68 17.85
N SER D 357 -23.69 4.87 17.48
CA SER D 357 -24.51 5.17 16.32
C SER D 357 -25.19 6.52 16.47
N LEU D 358 -26.00 6.68 17.52
CA LEU D 358 -26.71 7.94 17.72
C LEU D 358 -25.73 9.10 17.94
N ILE D 359 -24.61 8.83 18.60
CA ILE D 359 -23.61 9.86 18.81
C ILE D 359 -22.99 10.28 17.48
N LEU D 360 -22.64 9.31 16.64
CA LEU D 360 -21.99 9.63 15.38
C LEU D 360 -22.96 10.28 14.39
N SER D 361 -24.23 9.86 14.41
CA SER D 361 -25.22 10.57 13.62
C SER D 361 -25.45 11.97 14.19
N ALA D 362 -25.21 12.17 15.48
CA ALA D 362 -25.22 13.51 16.04
C ALA D 362 -23.99 14.30 15.61
N GLU D 363 -22.85 13.63 15.41
CA GLU D 363 -21.69 14.30 14.86
C GLU D 363 -21.98 14.83 13.46
N MET D 364 -22.71 14.06 12.65
CA MET D 364 -23.20 14.57 11.38
C MET D 364 -24.02 15.84 11.60
N MET D 365 -24.95 15.79 12.55
CA MET D 365 -25.80 16.95 12.84
C MET D 365 -24.98 18.21 13.02
N LEU D 366 -23.96 18.16 13.89
CA LEU D 366 -23.08 19.30 14.07
C LEU D 366 -22.39 19.67 12.76
N ARG D 367 -21.85 18.68 12.06
CA ARG D 367 -21.20 18.93 10.77
C ARG D 367 -22.15 19.60 9.79
N HIS D 368 -23.43 19.20 9.80
CA HIS D 368 -24.37 19.77 8.85
C HIS D 368 -24.70 21.21 9.21
N MET D 369 -24.56 21.59 10.47
CA MET D 369 -24.81 22.94 10.93
C MET D 369 -23.59 23.84 10.79
N GLY D 370 -22.52 23.36 10.13
CA GLY D 370 -21.32 24.14 9.98
C GLY D 370 -20.37 24.09 11.16
N TRP D 371 -20.75 23.42 12.25
CA TRP D 371 -19.92 23.34 13.44
C TRP D 371 -18.98 22.15 13.29
N THR D 372 -17.92 22.37 12.52
CA THR D 372 -16.94 21.32 12.26
C THR D 372 -16.00 21.07 13.42
N GLU D 373 -15.81 22.06 14.29
CA GLU D 373 -14.90 21.88 15.43
C GLU D 373 -15.54 21.06 16.53
N ALA D 374 -16.82 21.28 16.81
CA ALA D 374 -17.52 20.42 17.76
C ALA D 374 -17.63 19.00 17.22
N ALA D 375 -17.88 18.87 15.93
CA ALA D 375 -17.94 17.54 15.32
C ALA D 375 -16.59 16.84 15.42
N ASP D 376 -15.50 17.57 15.15
CA ASP D 376 -14.17 16.96 15.23
C ASP D 376 -13.87 16.46 16.64
N LEU D 377 -14.34 17.18 17.67
CA LEU D 377 -14.12 16.72 19.03
C LEU D 377 -14.83 15.40 19.29
N ILE D 378 -15.99 15.19 18.67
CA ILE D 378 -16.66 13.90 18.81
C ILE D 378 -15.84 12.80 18.17
N ILE D 379 -15.22 13.09 17.02
CA ILE D 379 -14.33 12.12 16.38
C ILE D 379 -13.10 11.88 17.24
N LYS D 380 -12.48 12.98 17.71
CA LYS D 380 -11.35 12.86 18.61
C LYS D 380 -11.73 12.09 19.87
N GLY D 381 -12.91 12.36 20.42
CA GLY D 381 -13.37 11.62 21.58
C GLY D 381 -13.69 10.19 21.27
N THR D 382 -14.14 9.90 20.04
CA THR D 382 -14.42 8.52 19.65
C THR D 382 -13.12 7.73 19.55
N ASN D 383 -12.14 8.25 18.81
CA ASN D 383 -10.84 7.60 18.74
C ASN D 383 -10.22 7.45 20.13
N GLY D 384 -10.40 8.45 20.98
CA GLY D 384 -9.85 8.41 22.32
C GLY D 384 -10.36 7.21 23.11
N ALA D 385 -11.68 7.11 23.26
CA ALA D 385 -12.25 6.02 24.03
C ALA D 385 -11.87 4.67 23.43
N ILE D 386 -11.92 4.57 22.09
CA ILE D 386 -11.61 3.31 21.44
C ILE D 386 -10.12 3.01 21.55
N ALA D 387 -9.27 4.01 21.33
CA ALA D 387 -7.83 3.81 21.51
C ALA D 387 -7.52 3.36 22.92
N ALA D 388 -8.19 3.95 23.92
CA ALA D 388 -8.04 3.49 25.29
C ALA D 388 -8.63 2.10 25.51
N LYS D 389 -9.40 1.58 24.55
CA LYS D 389 -10.00 0.27 24.64
C LYS D 389 -11.03 0.17 25.76
N THR D 390 -11.62 1.32 26.12
CA THR D 390 -12.71 1.38 27.07
C THR D 390 -14.00 1.49 26.27
N VAL D 391 -14.69 0.36 26.08
CA VAL D 391 -15.78 0.24 25.12
C VAL D 391 -16.91 -0.60 25.73
N THR D 392 -18.04 -0.59 25.04
CA THR D 392 -19.20 -1.38 25.44
C THR D 392 -19.02 -2.85 25.06
N TYR D 393 -19.98 -3.67 25.51
CA TYR D 393 -19.85 -5.12 25.39
C TYR D 393 -19.62 -5.55 23.95
N ASP D 394 -20.33 -4.93 23.00
CA ASP D 394 -20.23 -5.35 21.61
C ASP D 394 -18.78 -5.27 21.11
N PHE D 395 -18.06 -4.20 21.46
CA PHE D 395 -16.68 -4.06 21.05
C PHE D 395 -15.73 -4.83 21.96
N GLU D 396 -16.01 -4.84 23.26
CA GLU D 396 -15.10 -5.49 24.20
C GLU D 396 -14.97 -6.98 23.91
N ARG D 397 -16.00 -7.59 23.31
CA ARG D 397 -15.98 -9.02 23.07
C ARG D 397 -14.99 -9.40 21.97
N LEU D 398 -14.71 -8.49 21.04
CA LEU D 398 -13.87 -8.78 19.90
C LEU D 398 -12.45 -8.23 20.02
N MET D 399 -12.12 -7.59 21.14
CA MET D 399 -10.79 -7.02 21.36
C MET D 399 -10.05 -7.84 22.39
N ASP D 400 -8.72 -7.80 22.32
CA ASP D 400 -7.86 -8.38 23.32
C ASP D 400 -7.38 -7.29 24.27
N GLY D 401 -7.34 -7.62 25.56
CA GLY D 401 -6.95 -6.66 26.58
C GLY D 401 -7.86 -5.44 26.56
N ALA D 402 -9.16 -5.67 26.58
CA ALA D 402 -10.15 -4.61 26.49
C ALA D 402 -10.87 -4.42 27.82
N THR D 403 -11.33 -3.21 28.06
CA THR D 403 -12.04 -2.83 29.27
C THR D 403 -13.51 -2.60 28.94
N LEU D 404 -14.39 -3.38 29.57
CA LEU D 404 -15.82 -3.25 29.35
C LEU D 404 -16.38 -2.01 30.05
N LEU D 405 -17.07 -1.16 29.30
CA LEU D 405 -17.77 -0.01 29.84
C LEU D 405 -19.26 -0.11 29.53
N SER D 406 -20.08 0.51 30.38
CA SER D 406 -21.51 0.58 30.13
C SER D 406 -21.81 1.73 29.17
N CYS D 407 -23.08 1.85 28.78
CA CYS D 407 -23.47 2.88 27.82
C CYS D 407 -23.16 4.28 28.36
N SER D 408 -23.68 4.60 29.55
CA SER D 408 -23.42 5.92 30.12
C SER D 408 -21.95 6.08 30.46
N GLU D 409 -21.33 5.02 31.00
CA GLU D 409 -19.90 5.07 31.30
C GLU D 409 -19.08 5.30 30.04
N PHE D 410 -19.45 4.62 28.95
CA PHE D 410 -18.74 4.81 27.68
C PHE D 410 -18.91 6.23 27.16
N GLY D 411 -20.10 6.80 27.33
CA GLY D 411 -20.29 8.20 26.96
C GLY D 411 -19.35 9.13 27.70
N ASP D 412 -19.23 8.93 29.01
CA ASP D 412 -18.29 9.75 29.79
C ASP D 412 -16.86 9.51 29.34
N ALA D 413 -16.54 8.28 28.94
CA ALA D 413 -15.20 7.98 28.45
C ALA D 413 -14.86 8.79 27.21
N MET D 414 -15.85 9.05 26.36
CA MET D 414 -15.62 9.91 25.19
C MET D 414 -15.27 11.34 25.61
N ILE D 415 -16.08 11.90 26.52
CA ILE D 415 -15.88 13.28 26.94
C ILE D 415 -14.50 13.46 27.58
N ALA D 416 -14.00 12.43 28.27
CA ALA D 416 -12.73 12.53 28.96
C ALA D 416 -11.52 12.52 28.02
N LYS D 417 -11.72 12.27 26.72
CA LYS D 417 -10.62 12.25 25.77
C LYS D 417 -10.83 13.24 24.63
N MET D 418 -11.63 14.28 24.84
CA MET D 418 -11.80 15.35 23.86
C MET D 418 -11.34 16.68 24.44
#